data_3OLB
#
_entry.id   3OLB
#
_cell.length_a   60.528
_cell.length_b   60.539
_cell.length_c   192.936
_cell.angle_alpha   83.82
_cell.angle_beta   83.84
_cell.angle_gamma   77.35
#
_symmetry.space_group_name_H-M   'P 1'
#
loop_
_entity.id
_entity.type
_entity.pdbx_description
1 polymer Polymerase
2 polymer "RNA (5'-R(*AP*AP*GP*UP*CP*U*CP*CP*AP*GP*GP*UP*CP*UP*CP*UP*CP*GP*UP*CP*CP*GP*GP*AP*AP*A)-3')"
3 polymer "RNA (5'-R(*GP*CP*CP*CP*GP*GP*AP*CP*GP*AP*GP*AP*GP*A)-3')"
4 polymer "RNA (5'-R(*GP*GP*GP*AP*GP*AP*UP*GP*A)-3')"
5 non-polymer 'ZINC ION'
6 non-polymer "2',3'-DIDEOXYCYTIDINE 5'-TRIPHOSPHATE"
7 non-polymer 'ISOPROPYL ALCOHOL'
8 water water
#
loop_
_entity_poly.entity_id
_entity_poly.type
_entity_poly.pdbx_seq_one_letter_code
_entity_poly.pdbx_strand_id
1 'polypeptide(L)'
;GEIQWMRPSKEVGYPIINAPSKTKLEPSAFHYVFEGVKEPAVLTKNDPRLKTDFEEAIFSKYVGNKITEVDEYMKEAVDH
YAGQLMSLDINTEQMCLEDAMYGTDGLEALDLSTSAGYPYVAMGKKKRDILNKQTRDTKEMQKLLDTYGINLPLVTYVKD
ELRSKTKVEQGKSRLIEASSLNDSVAMRMAFGNLYAAFHKNPGVITGSAVGCDPDLFWSKIPVLMEEKLFAFDYTGYDAS
LSPAWFEALKMVLEKIGFGDRVDYIDYLNHSHHLYKNKTYCVKGGMPSGCSGTSIFNSMINNLIIRTLLLKTYKGIDLDH
LKMIAYGDDVIASYPHEVDASLLAQSGKDYGLTMTPADKSATFETVTWENVTFLKRFFRADEKYPFLIHPVMPMKEIHES
IRWTKDPRNTQDHVRSLCLLAWHNGEEEYNKFLAKIRSVPIGRALDLPEYSTLYRRWLDSFGSSSHHHHHH
;
A,E,I,M
2 'polyribonucleotide' AAGUCUCCAGGUCUCUCGUCCGGAAA B,F,J,N
3 'polyribonucleotide' GCCCGGACGAGAGA C,G,K,O
4 'polyribonucleotide' GGGAGAUGA D,H,L,P
#
loop_
_chem_comp.id
_chem_comp.type
_chem_comp.name
_chem_comp.formula
A RNA linking ADENOSINE-5'-MONOPHOSPHATE 'C10 H14 N5 O7 P'
C RNA linking CYTIDINE-5'-MONOPHOSPHATE 'C9 H14 N3 O8 P'
DCT DNA linking '2',3'-DIDEOXYCYTIDINE 5'-TRIPHOSPHATE' 'C9 H16 N3 O12 P3'
G RNA linking GUANOSINE-5'-MONOPHOSPHATE 'C10 H14 N5 O8 P'
IPA non-polymer 'ISOPROPYL ALCOHOL' 'C3 H8 O'
U RNA linking URIDINE-5'-MONOPHOSPHATE 'C9 H13 N2 O9 P'
ZN non-polymer 'ZINC ION' 'Zn 2'
#
# COMPACT_ATOMS: atom_id res chain seq x y z
N GLY A 1 -14.41 33.69 95.58
CA GLY A 1 -14.36 32.43 96.30
C GLY A 1 -13.64 32.58 97.61
N GLU A 2 -13.94 31.71 98.57
CA GLU A 2 -13.31 31.80 99.88
C GLU A 2 -13.60 30.60 100.74
N ILE A 3 -12.56 30.04 101.35
CA ILE A 3 -12.69 28.87 102.21
C ILE A 3 -13.45 29.20 103.50
N GLN A 4 -14.20 28.23 104.00
CA GLN A 4 -15.07 28.42 105.14
C GLN A 4 -14.59 27.62 106.33
N TRP A 5 -13.98 26.47 106.06
CA TRP A 5 -13.42 25.66 107.14
C TRP A 5 -12.65 24.44 106.64
N MET A 6 -11.45 24.24 107.18
CA MET A 6 -10.70 23.01 106.96
C MET A 6 -10.80 22.11 108.18
N ARG A 7 -10.67 20.80 107.98
CA ARG A 7 -10.66 19.88 109.10
C ARG A 7 -10.43 18.45 108.64
N PRO A 8 -9.65 17.69 109.41
CA PRO A 8 -9.40 16.29 109.03
C PRO A 8 -10.68 15.63 108.58
N SER A 9 -10.61 14.87 107.49
CA SER A 9 -11.77 14.25 106.90
C SER A 9 -12.38 13.23 107.86
N LYS A 10 -11.62 12.90 108.89
CA LYS A 10 -12.05 11.94 109.91
C LYS A 10 -13.20 12.49 110.72
N GLU A 11 -13.09 13.75 111.11
CA GLU A 11 -14.11 14.42 111.90
C GLU A 11 -15.48 14.47 111.19
N VAL A 12 -15.46 14.36 109.87
CA VAL A 12 -16.69 14.48 109.09
C VAL A 12 -17.04 13.14 108.45
N GLY A 13 -16.29 12.10 108.81
CA GLY A 13 -16.51 10.78 108.22
C GLY A 13 -16.33 10.78 106.71
N TYR A 14 -15.18 11.26 106.27
CA TYR A 14 -14.81 11.23 104.85
C TYR A 14 -13.46 10.52 104.69
N PRO A 15 -13.31 9.75 103.60
CA PRO A 15 -12.11 8.94 103.36
C PRO A 15 -10.90 9.82 103.13
N ILE A 16 -9.73 9.31 103.44
CA ILE A 16 -8.51 9.97 103.03
C ILE A 16 -8.28 9.52 101.59
N ILE A 17 -7.86 10.44 100.73
CA ILE A 17 -7.54 10.06 99.37
C ILE A 17 -6.13 10.49 99.03
N ASN A 18 -5.38 9.58 98.44
CA ASN A 18 -3.98 9.83 98.11
C ASN A 18 -3.75 10.02 96.63
N ALA A 19 -3.28 11.20 96.28
CA ALA A 19 -2.85 11.47 94.93
C ALA A 19 -1.44 10.93 94.80
N PRO A 20 -0.99 10.69 93.56
CA PRO A 20 0.42 10.37 93.34
C PRO A 20 1.25 11.58 93.73
N SER A 21 2.57 11.44 93.79
CA SER A 21 3.44 12.53 94.23
C SER A 21 4.58 12.84 93.25
N LYS A 22 4.73 11.99 92.23
CA LYS A 22 5.74 12.19 91.20
C LYS A 22 5.07 12.64 89.91
N THR A 23 5.74 13.55 89.20
CA THR A 23 5.27 13.95 87.87
C THR A 23 5.43 12.82 86.87
N LYS A 24 4.60 12.85 85.84
CA LYS A 24 4.71 11.89 84.75
C LYS A 24 5.52 12.49 83.61
N LEU A 25 5.79 13.81 83.71
CA LEU A 25 6.58 14.54 82.73
C LEU A 25 8.06 14.24 82.87
N GLU A 26 8.76 14.19 81.74
CA GLU A 26 10.19 13.86 81.71
C GLU A 26 10.82 14.44 80.44
N PRO A 27 12.15 14.68 80.47
CA PRO A 27 12.80 15.36 79.34
C PRO A 27 12.66 14.58 78.05
N SER A 28 12.55 15.32 76.96
CA SER A 28 12.28 14.75 75.66
C SER A 28 13.59 14.39 74.94
N ALA A 29 13.46 13.63 73.86
CA ALA A 29 14.58 13.47 72.93
C ALA A 29 15.05 14.84 72.44
N PHE A 30 14.19 15.84 72.60
CA PHE A 30 14.46 17.17 72.06
C PHE A 30 14.73 18.21 73.14
N HIS A 31 15.01 17.75 74.36
CA HIS A 31 15.07 18.61 75.51
C HIS A 31 16.22 19.60 75.38
N TYR A 32 17.24 19.21 74.65
CA TYR A 32 18.42 20.07 74.48
C TYR A 32 18.52 20.65 73.10
N VAL A 33 17.71 20.17 72.16
CA VAL A 33 17.68 20.77 70.84
C VAL A 33 17.03 22.14 70.87
N PHE A 34 16.05 22.33 71.75
CA PHE A 34 15.35 23.60 71.85
C PHE A 34 15.50 24.20 73.23
N GLU A 35 15.46 25.53 73.32
CA GLU A 35 15.50 26.23 74.60
C GLU A 35 14.10 26.27 75.22
N GLY A 36 14.03 26.42 76.54
CA GLY A 36 12.76 26.55 77.23
C GLY A 36 12.92 26.83 78.72
N VAL A 37 11.93 27.50 79.30
CA VAL A 37 11.98 27.87 80.71
C VAL A 37 11.12 26.98 81.62
N LYS A 38 10.05 26.41 81.07
CA LYS A 38 9.08 25.70 81.89
C LYS A 38 9.57 24.35 82.33
N GLU A 39 9.10 23.94 83.51
CA GLU A 39 9.36 22.61 84.05
C GLU A 39 8.10 22.15 84.77
N PRO A 40 8.02 20.86 85.11
CA PRO A 40 6.83 20.28 85.76
C PRO A 40 6.50 20.95 87.10
N ALA A 41 5.22 21.19 87.35
CA ALA A 41 4.81 22.00 88.49
C ALA A 41 4.96 21.22 89.80
N VAL A 42 5.07 21.95 90.91
CA VAL A 42 5.17 21.31 92.21
C VAL A 42 3.92 20.47 92.52
N LEU A 43 4.13 19.20 92.83
CA LEU A 43 3.04 18.30 93.16
C LEU A 43 2.92 18.03 94.68
N THR A 44 4.03 18.19 95.41
CA THR A 44 4.08 17.91 96.86
C THR A 44 4.78 19.00 97.66
N LYS A 45 4.61 18.97 98.97
CA LYS A 45 5.25 19.91 99.91
C LYS A 45 6.76 19.70 99.95
N ASN A 46 7.18 18.43 99.94
CA ASN A 46 8.60 18.07 99.97
C ASN A 46 9.32 18.24 98.63
N ASP A 47 9.22 19.43 98.05
CA ASP A 47 9.82 19.67 96.75
C ASP A 47 10.92 20.71 96.92
N PRO A 48 12.17 20.30 96.69
CA PRO A 48 13.39 21.12 96.81
C PRO A 48 13.32 22.43 96.03
N ARG A 49 12.55 22.44 94.95
CA ARG A 49 12.43 23.62 94.12
C ARG A 49 11.56 24.70 94.74
N LEU A 50 10.95 24.40 95.88
CA LEU A 50 10.04 25.34 96.53
C LEU A 50 10.75 26.47 97.26
N LYS A 51 10.33 27.70 96.97
CA LYS A 51 10.90 28.90 97.56
C LYS A 51 9.91 29.49 98.57
N THR A 52 8.85 28.74 98.86
CA THR A 52 7.78 29.21 99.75
C THR A 52 7.04 28.01 100.35
N ASP A 53 5.94 28.25 101.08
CA ASP A 53 5.13 27.15 101.60
C ASP A 53 4.04 26.75 100.62
N PHE A 54 3.98 25.46 100.29
CA PHE A 54 3.12 24.96 99.23
C PHE A 54 1.63 25.22 99.47
N GLU A 55 1.05 24.52 100.44
CA GLU A 55 -0.39 24.59 100.67
C GLU A 55 -0.87 26.02 100.85
N GLU A 56 -0.03 26.86 101.45
CA GLU A 56 -0.37 28.26 101.57
C GLU A 56 -0.52 28.86 100.18
N ALA A 57 0.36 28.45 99.28
CA ALA A 57 0.42 29.00 97.94
C ALA A 57 -0.77 28.56 97.09
N ILE A 58 -1.06 27.26 97.09
CA ILE A 58 -2.09 26.71 96.21
C ILE A 58 -3.52 27.11 96.61
N PHE A 59 -3.72 27.40 97.89
CA PHE A 59 -5.03 27.82 98.37
C PHE A 59 -5.15 29.34 98.45
N SER A 60 -4.09 30.03 98.08
CA SER A 60 -4.07 31.48 98.10
C SER A 60 -5.13 32.13 97.20
N LYS A 61 -5.51 31.46 96.11
CA LYS A 61 -6.36 32.07 95.09
C LYS A 61 -7.74 32.51 95.60
N TYR A 62 -8.24 31.88 96.65
CA TYR A 62 -9.57 32.20 97.18
C TYR A 62 -9.62 33.62 97.79
N VAL A 63 -9.61 34.62 96.92
CA VAL A 63 -9.41 36.03 97.31
C VAL A 63 -10.56 36.70 98.07
N GLY A 64 -11.71 36.02 98.18
CA GLY A 64 -12.86 36.58 98.86
C GLY A 64 -14.02 36.99 97.96
N ASN A 65 -15.12 37.37 98.60
CA ASN A 65 -16.33 37.79 97.88
C ASN A 65 -16.61 39.29 98.02
N LYS A 66 -16.48 40.01 96.92
CA LYS A 66 -16.69 41.45 96.90
C LYS A 66 -18.18 41.79 96.99
N ILE A 67 -19.00 41.15 96.18
CA ILE A 67 -20.40 41.52 96.09
C ILE A 67 -21.30 40.31 96.10
N THR A 68 -22.59 40.53 96.33
CA THR A 68 -23.57 39.46 96.43
C THR A 68 -24.87 39.88 95.77
N GLU A 69 -25.08 41.20 95.70
CA GLU A 69 -26.29 41.76 95.11
C GLU A 69 -26.08 42.01 93.63
N VAL A 70 -27.06 41.63 92.83
CA VAL A 70 -27.06 41.99 91.43
C VAL A 70 -27.49 43.44 91.30
N ASP A 71 -26.57 44.30 90.91
CA ASP A 71 -26.84 45.71 90.75
C ASP A 71 -27.61 46.00 89.46
N GLU A 72 -27.89 47.27 89.19
CA GLU A 72 -28.69 47.65 88.04
C GLU A 72 -28.04 47.40 86.67
N TYR A 73 -26.75 47.67 86.56
CA TYR A 73 -26.03 47.42 85.31
C TYR A 73 -25.99 45.92 84.99
N MET A 74 -25.66 45.11 85.99
CA MET A 74 -25.70 43.65 85.85
C MET A 74 -27.06 43.23 85.34
N LYS A 75 -28.11 43.80 85.89
CA LYS A 75 -29.47 43.44 85.47
C LYS A 75 -29.68 43.74 83.99
N GLU A 76 -29.20 44.90 83.56
CA GLU A 76 -29.32 45.28 82.16
C GLU A 76 -28.52 44.31 81.33
N ALA A 77 -27.34 43.98 81.83
CA ALA A 77 -26.45 43.02 81.17
C ALA A 77 -27.18 41.71 80.96
N VAL A 78 -27.80 41.22 82.02
CA VAL A 78 -28.56 39.98 81.96
C VAL A 78 -29.62 40.04 80.89
N ASP A 79 -30.33 41.17 80.82
CA ASP A 79 -31.46 41.25 79.91
C ASP A 79 -30.96 41.25 78.48
N HIS A 80 -29.83 41.89 78.27
CA HIS A 80 -29.32 41.97 76.91
C HIS A 80 -28.78 40.60 76.45
N TYR A 81 -27.98 39.98 77.29
CA TYR A 81 -27.38 38.69 76.96
C TYR A 81 -28.46 37.62 76.77
N ALA A 82 -29.39 37.56 77.71
CA ALA A 82 -30.45 36.58 77.67
C ALA A 82 -31.23 36.71 76.38
N GLY A 83 -31.54 37.95 75.99
CA GLY A 83 -32.35 38.20 74.83
C GLY A 83 -31.63 37.74 73.59
N GLN A 84 -30.31 37.86 73.62
CA GLN A 84 -29.47 37.38 72.53
C GLN A 84 -29.58 35.87 72.37
N LEU A 85 -29.44 35.15 73.48
CA LEU A 85 -29.46 33.68 73.47
C LEU A 85 -30.82 33.16 73.01
N MET A 86 -31.85 33.98 73.24
CA MET A 86 -33.22 33.62 72.90
C MET A 86 -33.44 33.41 71.43
N SER A 87 -32.58 34.01 70.61
CA SER A 87 -32.73 33.91 69.17
C SER A 87 -32.23 32.57 68.62
N LEU A 88 -31.52 31.82 69.45
CA LEU A 88 -31.02 30.51 69.05
C LEU A 88 -32.06 29.41 69.18
N ASP A 89 -33.06 29.62 70.04
CA ASP A 89 -34.13 28.64 70.24
C ASP A 89 -33.66 27.41 70.99
N ILE A 90 -32.94 27.63 72.07
CA ILE A 90 -32.37 26.54 72.85
C ILE A 90 -33.46 25.61 73.40
N ASN A 91 -33.32 24.32 73.11
CA ASN A 91 -34.20 23.28 73.66
C ASN A 91 -34.09 23.26 75.20
N THR A 92 -35.21 23.49 75.89
CA THR A 92 -35.20 23.66 77.36
C THR A 92 -35.46 22.37 78.15
N GLU A 93 -35.62 21.26 77.44
CA GLU A 93 -35.96 20.01 78.09
C GLU A 93 -34.76 19.33 78.72
N GLN A 94 -35.02 18.58 79.78
CA GLN A 94 -34.01 17.73 80.36
C GLN A 94 -33.57 16.80 79.27
N MET A 95 -32.32 16.39 79.37
CA MET A 95 -31.78 15.39 78.45
C MET A 95 -31.98 14.06 79.16
N CYS A 96 -32.43 13.05 78.42
CA CYS A 96 -32.57 11.71 78.98
C CYS A 96 -31.21 11.20 79.51
N LEU A 97 -31.26 10.31 80.50
CA LEU A 97 -30.03 9.77 81.08
C LEU A 97 -29.08 9.15 80.05
N GLU A 98 -29.63 8.52 79.00
CA GLU A 98 -28.78 7.85 78.01
C GLU A 98 -27.91 8.82 77.22
N ASP A 99 -28.50 9.91 76.74
CA ASP A 99 -27.74 10.93 76.03
C ASP A 99 -26.82 11.67 76.99
N ALA A 100 -27.29 11.91 78.22
CA ALA A 100 -26.45 12.61 79.18
C ALA A 100 -25.17 11.80 79.40
N MET A 101 -25.30 10.47 79.50
CA MET A 101 -24.14 9.59 79.65
C MET A 101 -23.33 9.40 78.39
N TYR A 102 -24.00 9.09 77.29
CA TYR A 102 -23.31 8.59 76.10
C TYR A 102 -23.18 9.59 74.96
N GLY A 103 -23.76 10.77 75.14
CA GLY A 103 -23.58 11.82 74.16
C GLY A 103 -24.65 11.79 73.10
N THR A 104 -24.88 12.96 72.50
CA THR A 104 -25.83 13.10 71.41
C THR A 104 -25.26 14.12 70.42
N ASP A 105 -26.04 14.53 69.44
CA ASP A 105 -25.58 15.55 68.51
C ASP A 105 -25.15 16.80 69.27
N GLY A 106 -23.87 17.13 69.22
CA GLY A 106 -23.37 18.31 69.91
C GLY A 106 -22.82 18.11 71.31
N LEU A 107 -22.95 16.90 71.84
CA LEU A 107 -22.45 16.61 73.19
C LEU A 107 -21.69 15.28 73.18
N GLU A 108 -20.39 15.34 73.43
CA GLU A 108 -19.57 14.14 73.53
C GLU A 108 -19.93 13.33 74.77
N ALA A 109 -19.59 12.04 74.76
CA ALA A 109 -19.82 11.17 75.91
C ALA A 109 -18.95 11.55 77.08
N LEU A 110 -19.35 11.10 78.25
CA LEU A 110 -18.49 11.15 79.40
C LEU A 110 -17.16 10.50 79.04
N ASP A 111 -16.08 11.10 79.49
CA ASP A 111 -14.73 10.62 79.28
C ASP A 111 -14.46 9.35 80.10
N LEU A 112 -14.52 8.20 79.45
CA LEU A 112 -14.32 6.93 80.12
C LEU A 112 -12.93 6.73 80.74
N SER A 113 -11.97 7.53 80.29
CA SER A 113 -10.58 7.34 80.69
C SER A 113 -10.18 8.17 81.91
N THR A 114 -11.07 9.04 82.37
CA THR A 114 -10.78 9.79 83.58
C THR A 114 -11.47 9.22 84.83
N SER A 115 -11.08 9.72 85.99
CA SER A 115 -11.63 9.32 87.28
C SER A 115 -13.15 9.47 87.40
N ALA A 116 -13.79 8.51 88.07
CA ALA A 116 -15.22 8.60 88.39
C ALA A 116 -15.51 9.40 89.68
N GLY A 117 -14.46 9.84 90.36
CA GLY A 117 -14.60 10.75 91.49
C GLY A 117 -15.15 10.08 92.73
N TYR A 118 -15.45 10.88 93.75
CA TYR A 118 -15.99 10.35 95.02
C TYR A 118 -17.43 9.91 94.83
N PRO A 119 -17.82 8.75 95.37
CA PRO A 119 -17.12 7.84 96.29
C PRO A 119 -16.35 6.74 95.59
N TYR A 120 -16.68 6.54 94.32
CA TYR A 120 -16.08 5.50 93.48
C TYR A 120 -14.57 5.38 93.58
N VAL A 121 -13.89 6.52 93.78
CA VAL A 121 -12.44 6.51 93.82
C VAL A 121 -11.91 5.85 95.09
N ALA A 122 -12.69 5.94 96.17
CA ALA A 122 -12.35 5.27 97.43
C ALA A 122 -12.88 3.84 97.49
N MET A 123 -13.62 3.43 96.47
CA MET A 123 -14.08 2.05 96.37
C MET A 123 -13.32 1.30 95.27
N GLY A 124 -12.31 1.96 94.69
CA GLY A 124 -11.58 1.41 93.56
C GLY A 124 -12.50 1.04 92.41
N LYS A 125 -13.43 1.93 92.10
CA LYS A 125 -14.43 1.70 91.05
C LYS A 125 -14.21 2.71 89.92
N LYS A 126 -14.27 2.25 88.66
CA LYS A 126 -13.93 3.11 87.53
C LYS A 126 -15.12 3.34 86.58
N LYS A 127 -15.03 4.39 85.77
CA LYS A 127 -16.10 4.68 84.79
C LYS A 127 -16.36 3.49 83.88
N ARG A 128 -15.30 2.81 83.46
CA ARG A 128 -15.43 1.64 82.59
C ARG A 128 -16.23 0.54 83.27
N ASP A 129 -16.20 0.50 84.60
CA ASP A 129 -16.96 -0.48 85.36
C ASP A 129 -18.44 -0.18 85.30
N ILE A 130 -18.79 1.06 84.98
CA ILE A 130 -20.18 1.51 85.11
C ILE A 130 -20.83 1.76 83.75
N LEU A 131 -20.07 2.36 82.85
CA LEU A 131 -20.53 2.74 81.52
C LEU A 131 -20.12 1.75 80.44
N ASN A 132 -20.96 1.61 79.43
CA ASN A 132 -20.68 0.76 78.28
C ASN A 132 -21.15 1.44 77.00
N LYS A 133 -20.20 1.89 76.19
CA LYS A 133 -20.53 2.70 75.03
C LYS A 133 -21.30 1.93 73.99
N GLN A 134 -21.03 0.64 73.87
CA GLN A 134 -21.63 -0.17 72.80
C GLN A 134 -23.10 -0.43 73.04
N THR A 135 -23.45 -0.80 74.26
CA THR A 135 -24.85 -1.03 74.60
C THR A 135 -25.54 0.23 75.12
N ARG A 136 -24.77 1.22 75.52
CA ARG A 136 -25.37 2.45 76.06
C ARG A 136 -26.30 2.12 77.24
N ASP A 137 -25.87 1.20 78.09
CA ASP A 137 -26.71 0.74 79.17
C ASP A 137 -26.74 1.80 80.26
N THR A 138 -27.95 2.10 80.74
CA THR A 138 -28.11 3.11 81.77
C THR A 138 -28.46 2.52 83.14
N LYS A 139 -28.78 1.23 83.17
CA LYS A 139 -29.23 0.58 84.39
C LYS A 139 -28.31 0.76 85.58
N GLU A 140 -27.01 0.53 85.37
CA GLU A 140 -26.07 0.63 86.48
C GLU A 140 -25.86 2.07 86.96
N MET A 141 -25.90 3.04 86.04
CA MET A 141 -25.75 4.43 86.46
C MET A 141 -26.99 4.86 87.24
N GLN A 142 -28.15 4.45 86.77
CA GLN A 142 -29.38 4.84 87.40
C GLN A 142 -29.39 4.39 88.86
N LYS A 143 -29.02 3.13 89.07
CA LYS A 143 -28.89 2.55 90.39
C LYS A 143 -27.95 3.35 91.29
N LEU A 144 -26.80 3.75 90.75
CA LEU A 144 -25.83 4.53 91.50
C LEU A 144 -26.33 5.91 91.87
N LEU A 145 -27.17 6.49 91.02
CA LEU A 145 -27.77 7.80 91.30
C LEU A 145 -28.75 7.66 92.44
N ASP A 146 -29.50 6.56 92.41
CA ASP A 146 -30.50 6.26 93.42
C ASP A 146 -29.82 5.99 94.75
N THR A 147 -28.68 5.30 94.68
CA THR A 147 -27.96 4.91 95.87
C THR A 147 -27.22 6.07 96.53
N TYR A 148 -26.48 6.86 95.75
CA TYR A 148 -25.57 7.87 96.30
C TYR A 148 -26.02 9.29 96.06
N GLY A 149 -27.01 9.46 95.19
CA GLY A 149 -27.58 10.77 94.96
C GLY A 149 -26.60 11.70 94.29
N ILE A 150 -26.82 13.00 94.47
CA ILE A 150 -25.98 14.01 93.88
C ILE A 150 -25.42 14.95 94.93
N ASN A 151 -24.75 15.98 94.46
CA ASN A 151 -24.18 16.98 95.33
C ASN A 151 -23.12 16.37 96.23
N LEU A 152 -22.26 15.56 95.63
CA LEU A 152 -21.20 14.89 96.37
C LEU A 152 -19.98 15.80 96.49
N PRO A 153 -19.11 15.54 97.47
CA PRO A 153 -17.93 16.41 97.53
C PRO A 153 -16.99 16.14 96.34
N LEU A 154 -16.23 17.17 95.96
CA LEU A 154 -15.23 17.02 94.92
C LEU A 154 -13.91 16.52 95.48
N VAL A 155 -13.11 15.88 94.65
CA VAL A 155 -11.79 15.46 95.10
C VAL A 155 -10.75 16.35 94.47
N THR A 156 -9.81 16.78 95.30
CA THR A 156 -8.87 17.81 94.94
C THR A 156 -7.52 17.22 94.62
N TYR A 157 -7.01 17.53 93.43
CA TYR A 157 -5.68 17.12 93.01
C TYR A 157 -4.89 18.33 92.52
N VAL A 158 -3.57 18.25 92.56
CA VAL A 158 -2.73 19.24 91.90
C VAL A 158 -2.52 18.78 90.46
N LYS A 159 -2.62 19.68 89.50
CA LYS A 159 -2.46 19.28 88.12
C LYS A 159 -1.00 19.04 87.73
N ASP A 160 -0.75 17.87 87.17
CA ASP A 160 0.55 17.52 86.62
C ASP A 160 0.75 18.19 85.24
N GLU A 161 1.55 19.26 85.18
CA GLU A 161 1.71 20.02 83.95
C GLU A 161 2.97 20.90 83.97
N LEU A 162 3.33 21.46 82.82
CA LEU A 162 4.49 22.33 82.77
C LEU A 162 4.18 23.71 83.30
N ARG A 163 5.15 24.28 84.00
CA ARG A 163 4.94 25.54 84.66
C ARG A 163 6.20 26.38 84.53
N SER A 164 6.05 27.69 84.40
CA SER A 164 7.23 28.54 84.34
C SER A 164 8.05 28.44 85.64
N LYS A 165 9.28 28.91 85.60
CA LYS A 165 10.20 28.74 86.72
C LYS A 165 9.70 29.47 87.96
N THR A 166 9.26 30.72 87.80
CA THR A 166 8.77 31.49 88.93
C THR A 166 7.51 30.87 89.57
N LYS A 167 6.68 30.23 88.75
CA LYS A 167 5.49 29.54 89.25
C LYS A 167 5.85 28.26 90.00
N VAL A 168 7.01 27.69 89.66
CA VAL A 168 7.48 26.50 90.37
C VAL A 168 8.05 26.88 91.73
N GLU A 169 8.92 27.87 91.72
CA GLU A 169 9.56 28.33 92.95
C GLU A 169 8.52 28.80 93.93
N GLN A 170 7.55 29.55 93.43
CA GLN A 170 6.53 30.17 94.27
C GLN A 170 5.35 29.24 94.57
N GLY A 171 5.50 27.96 94.26
CA GLY A 171 4.46 26.97 94.52
C GLY A 171 3.08 27.22 93.91
N LYS A 172 3.01 28.02 92.86
CA LYS A 172 1.75 28.30 92.17
C LYS A 172 1.34 27.15 91.24
N SER A 173 1.08 25.98 91.82
CA SER A 173 0.53 24.87 91.06
C SER A 173 -0.98 25.04 90.99
N ARG A 174 -1.56 24.75 89.84
CA ARG A 174 -3.01 24.86 89.70
C ARG A 174 -3.64 23.63 90.32
N LEU A 175 -4.79 23.84 90.95
CA LEU A 175 -5.51 22.75 91.57
C LEU A 175 -6.62 22.28 90.64
N ILE A 176 -6.95 21.00 90.71
CA ILE A 176 -8.06 20.43 89.97
C ILE A 176 -9.10 19.90 90.94
N GLU A 177 -10.38 19.99 90.57
CA GLU A 177 -11.46 19.47 91.40
C GLU A 177 -12.18 18.34 90.68
N ALA A 178 -12.05 17.11 91.14
CA ALA A 178 -12.65 16.02 90.39
C ALA A 178 -14.14 15.80 90.70
N SER A 179 -14.97 16.13 89.70
CA SER A 179 -16.41 15.99 89.82
C SER A 179 -16.79 14.54 90.02
N SER A 180 -17.82 14.30 90.82
CA SER A 180 -18.38 12.96 90.94
C SER A 180 -19.10 12.63 89.64
N LEU A 181 -19.04 11.36 89.26
CA LEU A 181 -19.70 10.86 88.05
C LEU A 181 -21.23 11.06 88.13
N ASN A 182 -21.78 10.99 89.34
CA ASN A 182 -23.21 11.24 89.63
C ASN A 182 -23.58 12.67 89.29
N ASP A 183 -22.75 13.58 89.76
CA ASP A 183 -22.91 15.00 89.47
C ASP A 183 -22.74 15.38 87.98
N SER A 184 -21.72 14.82 87.32
CA SER A 184 -21.56 15.02 85.89
C SER A 184 -22.79 14.54 85.15
N VAL A 185 -23.30 13.39 85.54
CA VAL A 185 -24.49 12.88 84.91
C VAL A 185 -25.71 13.77 85.18
N ALA A 186 -25.89 14.20 86.44
CA ALA A 186 -27.01 15.07 86.79
C ALA A 186 -26.93 16.42 86.07
N MET A 187 -25.75 17.01 86.03
CA MET A 187 -25.56 18.30 85.37
C MET A 187 -25.85 18.19 83.86
N ARG A 188 -25.44 17.08 83.25
CA ARG A 188 -25.71 16.90 81.81
C ARG A 188 -27.18 16.59 81.53
N MET A 189 -27.85 15.93 82.46
CA MET A 189 -29.28 15.72 82.32
C MET A 189 -29.99 17.07 82.37
N ALA A 190 -29.53 17.95 83.28
CA ALA A 190 -30.15 19.26 83.43
C ALA A 190 -29.83 20.22 82.29
N PHE A 191 -28.54 20.32 81.97
CA PHE A 191 -28.05 21.39 81.10
C PHE A 191 -27.54 20.95 79.74
N GLY A 192 -27.72 19.67 79.41
CA GLY A 192 -27.19 19.09 78.18
C GLY A 192 -27.63 19.73 76.86
N ASN A 193 -28.90 20.11 76.78
CA ASN A 193 -29.37 20.78 75.56
C ASN A 193 -28.82 22.20 75.47
N LEU A 194 -28.51 22.80 76.61
CA LEU A 194 -27.79 24.07 76.63
C LEU A 194 -26.37 23.95 76.05
N TYR A 195 -25.57 23.04 76.63
CA TYR A 195 -24.22 22.76 76.15
C TYR A 195 -24.21 22.48 74.65
N ALA A 196 -25.12 21.64 74.18
CA ALA A 196 -25.14 21.32 72.77
C ALA A 196 -25.42 22.56 71.91
N ALA A 197 -26.35 23.41 72.35
CA ALA A 197 -26.70 24.61 71.60
C ALA A 197 -25.48 25.52 71.49
N PHE A 198 -24.72 25.63 72.57
CA PHE A 198 -23.50 26.40 72.52
C PHE A 198 -22.46 25.78 71.58
N HIS A 199 -22.29 24.46 71.65
CA HIS A 199 -21.25 23.80 70.88
C HIS A 199 -21.56 23.95 69.40
N LYS A 200 -22.83 23.95 69.05
CA LYS A 200 -23.22 24.08 67.65
C LYS A 200 -23.18 25.54 67.15
N ASN A 201 -23.02 26.51 68.04
CA ASN A 201 -23.12 27.90 67.62
C ASN A 201 -22.02 28.85 68.11
N PRO A 202 -20.76 28.48 67.88
CA PRO A 202 -19.66 29.39 68.19
C PRO A 202 -19.76 30.67 67.36
N GLY A 203 -19.55 31.82 67.98
CA GLY A 203 -19.71 33.10 67.30
C GLY A 203 -20.20 34.15 68.29
N VAL A 204 -20.85 35.20 67.76
CA VAL A 204 -21.20 36.40 68.55
C VAL A 204 -22.63 36.41 69.10
N ILE A 205 -23.43 35.40 68.76
CA ILE A 205 -24.76 35.28 69.35
C ILE A 205 -24.64 34.61 70.72
N THR A 206 -23.92 33.50 70.78
CA THR A 206 -23.60 32.85 72.04
C THR A 206 -22.55 33.64 72.82
N GLY A 207 -21.76 34.43 72.09
CA GLY A 207 -20.62 35.11 72.69
C GLY A 207 -19.57 34.11 73.17
N SER A 208 -19.55 32.94 72.54
CA SER A 208 -18.64 31.87 72.93
C SER A 208 -17.86 31.25 71.76
N ALA A 209 -16.63 30.85 72.04
CA ALA A 209 -15.85 30.14 71.03
C ALA A 209 -15.82 28.61 71.23
N VAL A 210 -16.41 28.11 72.33
CA VAL A 210 -16.50 26.65 72.52
C VAL A 210 -17.13 26.00 71.26
N GLY A 211 -16.44 25.01 70.72
CA GLY A 211 -16.93 24.36 69.52
C GLY A 211 -16.29 24.84 68.24
N CYS A 212 -15.38 25.81 68.34
CA CYS A 212 -14.72 26.34 67.14
C CYS A 212 -13.43 25.58 66.81
N ASP A 213 -13.05 25.63 65.54
CA ASP A 213 -11.75 25.11 65.09
C ASP A 213 -10.94 26.28 64.54
N PRO A 214 -9.97 26.78 65.32
CA PRO A 214 -9.21 27.97 64.93
C PRO A 214 -8.71 27.99 63.47
N ASP A 215 -8.29 26.86 62.91
CA ASP A 215 -7.77 26.87 61.54
C ASP A 215 -8.77 27.50 60.58
N LEU A 216 -10.06 27.39 60.91
CA LEU A 216 -11.16 27.88 60.08
C LEU A 216 -11.91 29.06 60.69
N PHE A 217 -11.91 29.14 62.02
CA PHE A 217 -12.72 30.13 62.71
C PHE A 217 -12.00 31.45 62.65
N TRP A 218 -10.68 31.40 62.58
CA TRP A 218 -9.91 32.61 62.54
C TRP A 218 -10.34 33.52 61.41
N SER A 219 -10.75 32.94 60.28
CA SER A 219 -11.17 33.74 59.12
C SER A 219 -12.56 34.39 59.29
N LYS A 220 -13.39 33.81 60.15
CA LYS A 220 -14.71 34.37 60.51
C LYS A 220 -14.61 35.51 61.50
N ILE A 221 -13.64 35.42 62.40
CA ILE A 221 -13.62 36.35 63.53
C ILE A 221 -13.58 37.83 63.14
N PRO A 222 -12.63 38.20 62.26
CA PRO A 222 -12.54 39.63 61.93
C PRO A 222 -13.81 40.15 61.25
N VAL A 223 -14.50 39.29 60.50
CA VAL A 223 -15.75 39.67 59.84
C VAL A 223 -16.86 39.90 60.87
N LEU A 224 -16.78 39.19 61.99
CA LEU A 224 -17.81 39.25 63.01
C LEU A 224 -17.56 40.42 63.98
N MET A 225 -16.32 40.85 64.07
CA MET A 225 -15.99 41.95 64.97
C MET A 225 -16.40 43.29 64.37
N GLU A 226 -16.73 44.24 65.25
CA GLU A 226 -16.93 45.62 64.88
C GLU A 226 -15.57 46.25 64.68
N GLU A 227 -15.55 47.54 64.34
CA GLU A 227 -14.33 48.16 63.83
C GLU A 227 -13.18 48.23 64.84
N LYS A 228 -13.54 48.40 66.11
CA LYS A 228 -12.54 48.70 67.12
C LYS A 228 -12.44 47.62 68.20
N LEU A 229 -11.28 46.96 68.27
CA LEU A 229 -11.10 45.85 69.23
C LEU A 229 -10.77 46.38 70.62
N PHE A 230 -11.15 45.62 71.64
CA PHE A 230 -10.55 45.80 72.94
C PHE A 230 -10.48 44.45 73.65
N ALA A 231 -9.58 44.35 74.62
CA ALA A 231 -9.30 43.09 75.30
C ALA A 231 -8.51 43.37 76.58
N PHE A 232 -8.46 42.37 77.45
CA PHE A 232 -7.66 42.42 78.68
C PHE A 232 -7.58 41.00 79.25
N ASP A 233 -6.79 40.85 80.30
CA ASP A 233 -6.67 39.60 81.02
C ASP A 233 -7.26 39.74 82.45
N TYR A 234 -7.76 38.65 83.00
CA TYR A 234 -8.14 38.60 84.39
C TYR A 234 -7.01 37.97 85.17
N THR A 235 -6.86 38.37 86.43
CA THR A 235 -6.06 37.58 87.36
C THR A 235 -7.00 36.73 88.22
N GLY A 236 -6.84 35.42 88.15
CA GLY A 236 -7.62 34.50 88.96
C GLY A 236 -9.10 34.64 88.74
N TYR A 237 -9.55 34.28 87.54
CA TYR A 237 -10.90 34.59 87.09
C TYR A 237 -11.97 33.93 87.95
N ASP A 238 -11.91 32.61 88.00
CA ASP A 238 -12.94 31.81 88.65
C ASP A 238 -12.96 32.07 90.14
N ALA A 239 -11.79 32.07 90.76
CA ALA A 239 -11.69 32.26 92.18
C ALA A 239 -12.06 33.69 92.60
N SER A 240 -12.15 34.60 91.65
CA SER A 240 -12.50 35.97 92.00
C SER A 240 -13.96 36.25 91.70
N LEU A 241 -14.69 35.26 91.21
CA LEU A 241 -16.10 35.46 90.91
C LEU A 241 -16.87 35.49 92.21
N SER A 242 -17.51 36.61 92.50
CA SER A 242 -18.33 36.73 93.70
C SER A 242 -19.74 36.23 93.42
N PRO A 243 -20.49 35.89 94.48
CA PRO A 243 -21.83 35.32 94.38
C PRO A 243 -22.82 36.11 93.51
N ALA A 244 -22.65 37.42 93.44
CA ALA A 244 -23.53 38.22 92.59
C ALA A 244 -23.46 37.76 91.13
N TRP A 245 -22.28 37.33 90.67
CA TRP A 245 -22.15 36.86 89.28
C TRP A 245 -22.94 35.57 89.02
N PHE A 246 -22.98 34.69 90.01
CA PHE A 246 -23.76 33.47 89.88
C PHE A 246 -25.28 33.72 89.88
N GLU A 247 -25.78 34.62 90.73
CA GLU A 247 -27.20 34.99 90.65
C GLU A 247 -27.51 35.56 89.26
N ALA A 248 -26.61 36.37 88.74
CA ALA A 248 -26.80 36.92 87.40
C ALA A 248 -26.91 35.78 86.38
N LEU A 249 -26.06 34.76 86.52
CA LEU A 249 -26.16 33.56 85.68
C LEU A 249 -27.53 32.88 85.79
N LYS A 250 -27.94 32.60 87.02
CA LYS A 250 -29.26 32.01 87.28
C LYS A 250 -30.40 32.81 86.66
N MET A 251 -30.30 34.13 86.74
CA MET A 251 -31.24 35.01 86.05
C MET A 251 -31.27 34.83 84.52
N VAL A 252 -30.11 34.62 83.91
CA VAL A 252 -30.03 34.36 82.48
C VAL A 252 -30.65 33.00 82.23
N LEU A 253 -30.35 32.03 83.09
CA LEU A 253 -30.90 30.69 82.92
C LEU A 253 -32.43 30.69 83.10
N GLU A 254 -32.92 31.37 84.13
CA GLU A 254 -34.37 31.53 84.28
C GLU A 254 -35.01 32.10 83.00
N LYS A 255 -34.38 33.14 82.44
CA LYS A 255 -34.91 33.82 81.27
C LYS A 255 -35.00 32.97 80.01
N ILE A 256 -33.98 32.16 79.74
CA ILE A 256 -34.02 31.32 78.54
C ILE A 256 -34.74 30.01 78.78
N GLY A 257 -35.30 29.85 79.96
CA GLY A 257 -36.20 28.74 80.21
C GLY A 257 -35.61 27.56 80.95
N PHE A 258 -34.49 27.75 81.65
CA PHE A 258 -33.95 26.70 82.53
C PHE A 258 -34.22 26.97 84.00
N GLY A 259 -35.25 27.76 84.29
CA GLY A 259 -35.48 28.27 85.63
C GLY A 259 -35.58 27.21 86.70
N ASP A 260 -36.14 26.08 86.32
CA ASP A 260 -36.41 25.01 87.26
C ASP A 260 -35.17 24.22 87.71
N ARG A 261 -34.01 24.47 87.12
CA ARG A 261 -32.81 23.78 87.59
C ARG A 261 -31.69 24.73 88.00
N VAL A 262 -32.00 26.00 88.18
CA VAL A 262 -31.02 26.96 88.66
C VAL A 262 -30.54 26.60 90.07
N ASP A 263 -31.19 25.61 90.68
CA ASP A 263 -30.74 25.15 91.99
C ASP A 263 -29.41 24.44 91.87
N TYR A 264 -29.11 23.92 90.68
CA TYR A 264 -27.82 23.29 90.44
C TYR A 264 -26.71 24.31 90.57
N ILE A 265 -26.98 25.56 90.20
CA ILE A 265 -25.97 26.61 90.28
C ILE A 265 -25.64 26.89 91.74
N ASP A 266 -26.63 26.75 92.61
CA ASP A 266 -26.40 26.96 94.03
C ASP A 266 -25.45 25.91 94.58
N TYR A 267 -25.55 24.70 94.04
CA TYR A 267 -24.67 23.59 94.43
C TYR A 267 -23.22 23.85 94.02
N LEU A 268 -23.04 24.39 92.82
CA LEU A 268 -21.73 24.78 92.34
C LEU A 268 -21.12 25.87 93.23
N ASN A 269 -21.95 26.50 94.05
CA ASN A 269 -21.55 27.63 94.89
C ASN A 269 -21.15 27.23 96.28
N HIS A 270 -21.85 26.24 96.82
CA HIS A 270 -21.54 25.75 98.14
C HIS A 270 -21.04 24.33 97.95
N SER A 271 -19.72 24.18 97.96
CA SER A 271 -19.10 22.92 97.57
C SER A 271 -18.12 22.42 98.61
N HIS A 272 -18.08 21.11 98.77
CA HIS A 272 -17.12 20.51 99.68
C HIS A 272 -16.06 19.78 98.86
N HIS A 273 -14.85 19.78 99.38
CA HIS A 273 -13.73 19.24 98.67
C HIS A 273 -12.96 18.34 99.62
N LEU A 274 -12.48 17.22 99.09
CA LEU A 274 -11.60 16.32 99.82
C LEU A 274 -10.19 16.46 99.28
N TYR A 275 -9.27 16.93 100.12
CA TYR A 275 -7.88 17.03 99.71
C TYR A 275 -6.97 16.25 100.65
N LYS A 276 -6.36 15.19 100.12
CA LYS A 276 -5.53 14.31 100.93
C LYS A 276 -6.23 13.85 102.21
N ASN A 277 -5.89 14.52 103.31
CA ASN A 277 -6.38 14.14 104.63
C ASN A 277 -7.39 15.12 105.20
N LYS A 278 -7.81 16.08 104.38
CA LYS A 278 -8.65 17.16 104.86
C LYS A 278 -9.94 17.32 104.07
N THR A 279 -10.83 18.14 104.61
CA THR A 279 -12.09 18.46 103.97
C THR A 279 -12.28 19.94 104.19
N TYR A 280 -12.75 20.64 103.16
CA TYR A 280 -13.06 22.06 103.29
C TYR A 280 -14.34 22.43 102.56
N CYS A 281 -14.80 23.65 102.79
CA CYS A 281 -16.01 24.14 102.17
C CYS A 281 -15.69 25.45 101.53
N VAL A 282 -16.22 25.65 100.32
CA VAL A 282 -16.00 26.90 99.64
C VAL A 282 -17.35 27.54 99.46
N LYS A 283 -17.38 28.88 99.51
CA LYS A 283 -18.59 29.63 99.30
C LYS A 283 -18.38 30.60 98.17
N GLY A 284 -19.19 30.45 97.12
CA GLY A 284 -18.96 31.20 95.90
C GLY A 284 -17.94 30.47 95.06
N GLY A 285 -17.61 31.04 93.92
CA GLY A 285 -16.71 30.37 93.00
C GLY A 285 -17.35 29.09 92.46
N MET A 286 -16.96 28.79 91.24
CA MET A 286 -17.44 27.61 90.54
C MET A 286 -16.25 26.66 90.40
N PRO A 287 -16.40 25.44 90.91
CA PRO A 287 -15.28 24.50 90.80
C PRO A 287 -14.96 24.19 89.33
N SER A 288 -13.68 24.21 88.97
CA SER A 288 -13.25 24.05 87.58
C SER A 288 -13.60 22.66 86.99
N GLY A 289 -13.39 21.62 87.77
CA GLY A 289 -13.68 20.27 87.31
C GLY A 289 -15.14 19.88 87.29
N CYS A 290 -16.03 20.85 87.41
CA CYS A 290 -17.45 20.55 87.32
C CYS A 290 -17.97 20.61 85.88
N SER A 291 -19.05 19.88 85.61
CA SER A 291 -19.66 19.88 84.27
C SER A 291 -20.29 21.23 83.96
N GLY A 292 -20.00 21.75 82.77
CA GLY A 292 -20.57 23.00 82.32
C GLY A 292 -19.71 24.22 82.58
N THR A 293 -18.66 24.05 83.36
CA THR A 293 -17.83 25.20 83.71
C THR A 293 -17.39 26.02 82.50
N SER A 294 -17.01 25.34 81.42
CA SER A 294 -16.65 26.01 80.17
C SER A 294 -17.75 26.94 79.64
N ILE A 295 -18.95 26.41 79.46
CA ILE A 295 -20.11 27.23 79.11
C ILE A 295 -20.44 28.33 80.15
N PHE A 296 -20.52 27.97 81.42
CA PHE A 296 -20.88 28.97 82.43
C PHE A 296 -19.82 30.08 82.58
N ASN A 297 -18.55 29.73 82.52
CA ASN A 297 -17.51 30.76 82.58
C ASN A 297 -17.59 31.75 81.41
N SER A 298 -17.80 31.22 80.21
CA SER A 298 -18.01 32.05 79.03
C SER A 298 -19.25 32.90 79.13
N MET A 299 -20.33 32.32 79.65
CA MET A 299 -21.55 33.09 79.90
C MET A 299 -21.30 34.25 80.86
N ILE A 300 -20.65 33.99 81.98
CA ILE A 300 -20.45 35.04 82.98
C ILE A 300 -19.58 36.16 82.38
N ASN A 301 -18.56 35.76 81.62
CA ASN A 301 -17.71 36.72 80.91
C ASN A 301 -18.56 37.66 80.06
N ASN A 302 -19.52 37.11 79.33
CA ASN A 302 -20.44 37.95 78.55
C ASN A 302 -21.19 38.95 79.42
N LEU A 303 -21.54 38.54 80.65
CA LEU A 303 -22.22 39.40 81.62
C LEU A 303 -21.28 40.46 82.18
N ILE A 304 -20.06 40.05 82.53
CA ILE A 304 -19.08 40.94 83.13
C ILE A 304 -18.72 42.12 82.22
N ILE A 305 -18.59 41.85 80.93
CA ILE A 305 -18.16 42.87 80.00
C ILE A 305 -19.28 43.86 79.66
N ARG A 306 -20.49 43.35 79.46
CA ARG A 306 -21.65 44.21 79.31
C ARG A 306 -21.79 45.14 80.53
N THR A 307 -21.69 44.56 81.71
CA THR A 307 -21.81 45.33 82.95
C THR A 307 -20.80 46.47 83.01
N LEU A 308 -19.54 46.14 82.77
CA LEU A 308 -18.47 47.13 82.80
C LEU A 308 -18.66 48.23 81.75
N LEU A 309 -19.15 47.86 80.58
CA LEU A 309 -19.41 48.86 79.54
C LEU A 309 -20.51 49.83 79.96
N LEU A 310 -21.61 49.30 80.51
CA LEU A 310 -22.75 50.13 80.94
C LEU A 310 -22.38 51.07 82.07
N LYS A 311 -21.57 50.58 83.00
CA LYS A 311 -21.07 51.39 84.10
C LYS A 311 -20.10 52.50 83.63
N THR A 312 -19.23 52.17 82.69
CA THR A 312 -18.10 53.03 82.35
C THR A 312 -18.46 54.09 81.30
N TYR A 313 -19.31 53.72 80.36
CA TYR A 313 -19.67 54.58 79.25
C TYR A 313 -21.18 54.74 79.19
N LYS A 314 -21.69 55.84 79.75
CA LYS A 314 -23.13 56.00 79.77
C LYS A 314 -23.66 56.15 78.34
N GLY A 315 -24.77 55.47 78.07
CA GLY A 315 -25.40 55.53 76.77
C GLY A 315 -24.79 54.62 75.72
N ILE A 316 -23.96 53.68 76.14
CA ILE A 316 -23.40 52.71 75.21
C ILE A 316 -24.53 51.82 74.66
N ASP A 317 -24.44 51.45 73.38
CA ASP A 317 -25.44 50.57 72.79
C ASP A 317 -24.89 49.14 72.66
N LEU A 318 -25.39 48.25 73.52
CA LEU A 318 -24.90 46.88 73.60
C LEU A 318 -25.19 46.06 72.35
N ASP A 319 -26.20 46.47 71.59
CA ASP A 319 -26.44 45.84 70.30
C ASP A 319 -25.22 45.93 69.38
N HIS A 320 -24.31 46.86 69.68
CA HIS A 320 -23.11 47.03 68.87
C HIS A 320 -21.86 46.43 69.50
N LEU A 321 -22.05 45.70 70.57
CA LEU A 321 -20.96 44.93 71.14
C LEU A 321 -20.85 43.60 70.39
N LYS A 322 -19.65 43.26 69.93
CA LYS A 322 -19.41 41.95 69.37
C LYS A 322 -18.23 41.34 70.10
N MET A 323 -18.49 40.24 70.80
CA MET A 323 -17.45 39.60 71.59
C MET A 323 -17.57 38.10 71.55
N ILE A 324 -16.44 37.44 71.72
CA ILE A 324 -16.40 36.00 71.75
C ILE A 324 -15.50 35.68 72.91
N ALA A 325 -16.04 34.87 73.81
CA ALA A 325 -15.32 34.45 75.00
C ALA A 325 -15.07 32.96 74.91
N TYR A 326 -13.96 32.53 75.50
CA TYR A 326 -13.75 31.12 75.80
C TYR A 326 -13.30 31.07 77.26
N GLY A 327 -14.25 30.84 78.15
CA GLY A 327 -14.01 30.98 79.57
C GLY A 327 -13.61 32.40 79.88
N ASP A 328 -12.43 32.59 80.45
CA ASP A 328 -12.04 33.95 80.81
C ASP A 328 -11.37 34.67 79.64
N ASP A 329 -10.90 33.91 78.65
CA ASP A 329 -10.33 34.49 77.45
C ASP A 329 -11.44 35.19 76.67
N VAL A 330 -11.09 36.30 76.01
CA VAL A 330 -12.05 37.12 75.29
C VAL A 330 -11.43 38.01 74.20
N ILE A 331 -12.09 38.06 73.05
CA ILE A 331 -11.81 39.06 72.03
C ILE A 331 -13.13 39.85 71.81
N ALA A 332 -13.04 41.16 71.90
CA ALA A 332 -14.24 41.99 71.93
C ALA A 332 -14.04 43.19 71.03
N SER A 333 -15.15 43.78 70.59
CA SER A 333 -15.09 44.87 69.67
C SER A 333 -16.29 45.78 69.87
N TYR A 334 -16.16 47.02 69.39
CA TYR A 334 -17.22 48.02 69.50
C TYR A 334 -16.94 49.03 68.40
N PRO A 335 -17.99 49.69 67.87
CA PRO A 335 -17.73 50.53 66.68
C PRO A 335 -16.87 51.76 66.99
N HIS A 336 -16.83 52.16 68.25
CA HIS A 336 -15.91 53.20 68.67
C HIS A 336 -14.99 52.63 69.74
N GLU A 337 -13.75 53.11 69.77
CA GLU A 337 -12.76 52.59 70.70
C GLU A 337 -13.22 52.77 72.14
N VAL A 338 -13.04 51.71 72.92
CA VAL A 338 -13.27 51.73 74.35
C VAL A 338 -11.95 51.48 75.07
N ASP A 339 -11.79 52.09 76.23
CA ASP A 339 -10.53 52.14 76.96
C ASP A 339 -10.54 51.07 78.06
N ALA A 340 -9.71 50.05 77.89
CA ALA A 340 -9.73 48.91 78.80
C ALA A 340 -9.10 49.24 80.16
N SER A 341 -8.31 50.30 80.23
CA SER A 341 -7.83 50.79 81.52
C SER A 341 -9.02 51.34 82.31
N LEU A 342 -10.00 51.89 81.61
CA LEU A 342 -11.20 52.40 82.27
C LEU A 342 -12.13 51.26 82.64
N LEU A 343 -12.22 50.26 81.76
CA LEU A 343 -13.00 49.08 82.07
C LEU A 343 -12.44 48.38 83.32
N ALA A 344 -11.11 48.26 83.38
CA ALA A 344 -10.44 47.63 84.53
C ALA A 344 -10.66 48.39 85.85
N GLN A 345 -10.71 49.71 85.79
CA GLN A 345 -11.02 50.50 86.98
C GLN A 345 -12.38 50.12 87.58
N SER A 346 -13.42 50.06 86.73
CA SER A 346 -14.76 49.65 87.15
C SER A 346 -14.81 48.21 87.60
N GLY A 347 -13.92 47.38 87.06
CA GLY A 347 -13.86 45.98 87.42
C GLY A 347 -13.53 45.77 88.89
N LYS A 348 -12.66 46.63 89.42
CA LYS A 348 -12.28 46.57 90.82
C LYS A 348 -13.49 46.53 91.74
N ASP A 349 -14.53 47.27 91.37
CA ASP A 349 -15.73 47.36 92.19
C ASP A 349 -16.53 46.07 92.26
N TYR A 350 -16.31 45.18 91.29
CA TYR A 350 -17.01 43.90 91.29
C TYR A 350 -16.09 42.76 91.68
N GLY A 351 -14.92 43.11 92.21
CA GLY A 351 -13.95 42.11 92.65
C GLY A 351 -12.98 41.62 91.60
N LEU A 352 -13.09 42.14 90.38
CA LEU A 352 -12.31 41.63 89.27
C LEU A 352 -10.95 42.29 89.13
N THR A 353 -9.92 41.47 88.97
CA THR A 353 -8.59 41.96 88.68
C THR A 353 -8.30 41.83 87.17
N MET A 354 -8.36 42.98 86.49
CA MET A 354 -8.14 43.05 85.05
C MET A 354 -6.83 43.76 84.72
N THR A 355 -6.04 43.17 83.84
CA THR A 355 -4.72 43.69 83.50
C THR A 355 -4.54 43.76 81.96
N PRO A 356 -3.44 44.37 81.49
CA PRO A 356 -3.28 44.46 80.02
C PRO A 356 -3.23 43.09 79.35
N ALA A 357 -3.80 43.01 78.16
CA ALA A 357 -3.74 41.78 77.38
C ALA A 357 -2.30 41.33 77.09
N ASP A 358 -2.06 40.03 77.13
CA ASP A 358 -0.75 39.45 76.86
C ASP A 358 0.38 40.06 77.69
N LYS A 359 0.08 40.36 78.94
CA LYS A 359 1.10 40.69 79.92
C LYS A 359 1.87 41.99 79.67
N SER A 360 1.39 42.86 78.78
CA SER A 360 1.99 44.20 78.68
C SER A 360 2.02 44.85 80.07
N ALA A 361 3.01 45.70 80.32
CA ALA A 361 3.06 46.37 81.60
C ALA A 361 1.97 47.44 81.66
N THR A 362 1.59 47.94 80.48
CA THR A 362 0.57 48.97 80.40
C THR A 362 -0.52 48.64 79.37
N PHE A 363 -1.64 49.34 79.48
CA PHE A 363 -2.78 49.13 78.60
C PHE A 363 -2.52 49.84 77.30
N GLU A 364 -2.66 49.14 76.19
CA GLU A 364 -2.34 49.74 74.90
C GLU A 364 -3.35 49.39 73.83
N THR A 365 -3.43 50.23 72.80
CA THR A 365 -4.40 49.96 71.76
C THR A 365 -4.25 48.53 71.27
N VAL A 366 -5.37 47.82 71.23
CA VAL A 366 -5.40 46.49 70.67
C VAL A 366 -5.67 46.60 69.19
N THR A 367 -4.82 45.95 68.39
CA THR A 367 -4.93 45.98 66.95
C THR A 367 -4.98 44.56 66.40
N TRP A 368 -5.39 44.41 65.14
CA TRP A 368 -5.31 43.11 64.52
C TRP A 368 -3.89 42.52 64.54
N GLU A 369 -2.91 43.40 64.68
CA GLU A 369 -1.51 43.00 64.70
C GLU A 369 -1.08 42.39 66.03
N ASN A 370 -1.66 42.85 67.14
CA ASN A 370 -1.18 42.42 68.45
C ASN A 370 -2.20 41.63 69.29
N VAL A 371 -3.41 41.52 68.78
CA VAL A 371 -4.49 40.85 69.51
C VAL A 371 -4.30 39.34 69.45
N THR A 372 -4.56 38.67 70.56
CA THR A 372 -4.49 37.23 70.63
C THR A 372 -5.73 36.63 71.29
N PHE A 373 -6.09 35.43 70.85
CA PHE A 373 -7.22 34.70 71.41
C PHE A 373 -6.76 33.24 71.35
N LEU A 374 -7.02 32.50 72.42
CA LEU A 374 -6.63 31.09 72.49
C LEU A 374 -5.12 30.96 72.25
N LYS A 375 -4.42 32.00 72.67
CA LYS A 375 -2.97 32.06 72.56
C LYS A 375 -2.46 32.25 71.13
N ARG A 376 -3.38 32.44 70.19
CA ARG A 376 -2.99 32.61 68.79
C ARG A 376 -3.15 34.05 68.30
N PHE A 377 -2.26 34.45 67.42
CA PHE A 377 -2.33 35.73 66.76
C PHE A 377 -3.15 35.61 65.48
N PHE A 378 -3.43 36.74 64.85
CA PHE A 378 -4.14 36.75 63.58
C PHE A 378 -3.23 37.32 62.50
N ARG A 379 -3.03 36.57 61.43
CA ARG A 379 -2.23 37.07 60.30
C ARG A 379 -2.83 36.65 58.99
N ALA A 380 -3.21 37.62 58.18
CA ALA A 380 -3.71 37.36 56.84
C ALA A 380 -2.72 36.56 56.00
N ASP A 381 -3.23 35.58 55.26
CA ASP A 381 -2.42 34.90 54.27
C ASP A 381 -1.90 35.91 53.25
N GLU A 382 -0.67 35.70 52.78
CA GLU A 382 -0.04 36.61 51.83
C GLU A 382 -0.72 36.51 50.47
N LYS A 383 -1.07 35.28 50.08
CA LYS A 383 -1.67 35.03 48.79
C LYS A 383 -3.19 35.30 48.86
N TYR A 384 -3.85 34.77 49.89
CA TYR A 384 -5.29 34.96 50.06
C TYR A 384 -5.60 35.79 51.31
N PRO A 385 -5.70 37.11 51.16
CA PRO A 385 -5.82 38.07 52.27
C PRO A 385 -7.06 37.82 53.13
N PHE A 386 -8.16 37.40 52.52
CA PHE A 386 -9.38 37.10 53.28
C PHE A 386 -9.25 35.86 54.16
N LEU A 387 -8.21 35.04 53.96
CA LEU A 387 -7.98 33.87 54.83
C LEU A 387 -6.97 34.16 55.94
N ILE A 388 -7.37 33.97 57.18
CA ILE A 388 -6.53 34.38 58.31
C ILE A 388 -5.91 33.17 59.02
N HIS A 389 -4.61 33.24 59.26
CA HIS A 389 -3.88 32.21 60.01
C HIS A 389 -3.98 32.49 61.48
N PRO A 390 -4.24 31.43 62.29
CA PRO A 390 -4.05 31.53 63.75
C PRO A 390 -2.59 31.19 63.99
N VAL A 391 -1.85 32.17 64.48
CA VAL A 391 -0.42 32.04 64.59
C VAL A 391 -0.02 31.93 66.06
N MET A 392 0.27 30.70 66.47
CA MET A 392 0.82 30.47 67.80
C MET A 392 2.32 30.59 67.76
N PRO A 393 2.87 31.41 68.65
CA PRO A 393 4.30 31.71 68.55
C PRO A 393 5.12 30.46 68.84
N MET A 394 6.22 30.32 68.12
CA MET A 394 7.12 29.19 68.32
C MET A 394 7.52 28.96 69.79
N LYS A 395 7.54 30.02 70.59
CA LYS A 395 8.02 29.87 71.97
C LYS A 395 7.32 28.72 72.68
N GLU A 396 5.99 28.69 72.58
CA GLU A 396 5.20 27.70 73.29
C GLU A 396 5.42 26.29 72.75
N ILE A 397 5.56 26.20 71.43
CA ILE A 397 5.78 24.93 70.77
C ILE A 397 7.14 24.34 71.20
N HIS A 398 8.13 25.22 71.38
CA HIS A 398 9.44 24.79 71.88
C HIS A 398 9.36 24.28 73.31
N GLU A 399 8.56 24.94 74.16
CA GLU A 399 8.40 24.52 75.55
C GLU A 399 7.82 23.13 75.61
N SER A 400 6.78 22.92 74.82
CA SER A 400 6.09 21.64 74.77
C SER A 400 6.96 20.49 74.28
N ILE A 401 7.71 20.71 73.19
CA ILE A 401 8.41 19.63 72.52
C ILE A 401 9.54 19.09 73.39
N ARG A 402 9.90 19.84 74.44
CA ARG A 402 11.02 19.48 75.31
C ARG A 402 10.67 18.43 76.35
N TRP A 403 9.38 18.11 76.48
CA TRP A 403 8.93 17.15 77.48
C TRP A 403 8.02 16.11 76.88
N THR A 404 7.90 15.00 77.59
CA THR A 404 7.03 13.89 77.19
C THR A 404 6.48 13.18 78.45
N LYS A 405 5.28 12.61 78.32
CA LYS A 405 4.70 11.80 79.37
C LYS A 405 5.01 10.34 79.10
N ASP A 406 5.21 10.02 77.83
CA ASP A 406 5.57 8.67 77.41
C ASP A 406 6.23 8.75 76.06
N PRO A 407 7.53 8.42 75.97
CA PRO A 407 8.25 8.53 74.70
C PRO A 407 7.60 7.72 73.59
N ARG A 408 6.65 6.85 73.91
CA ARG A 408 5.93 6.14 72.86
C ARG A 408 5.04 7.07 72.06
N ASN A 409 4.83 8.27 72.58
CA ASN A 409 4.00 9.28 71.93
C ASN A 409 4.74 10.28 71.05
N THR A 410 6.04 10.07 70.83
CA THR A 410 6.89 11.08 70.20
C THR A 410 6.36 11.54 68.84
N GLN A 411 5.96 10.59 68.02
CA GLN A 411 5.52 10.91 66.67
C GLN A 411 4.22 11.76 66.75
N ASP A 412 3.19 11.21 67.36
CA ASP A 412 1.93 11.94 67.57
C ASP A 412 2.17 13.36 68.08
N HIS A 413 3.02 13.46 69.09
CA HIS A 413 3.27 14.71 69.78
C HIS A 413 3.87 15.75 68.86
N VAL A 414 4.96 15.40 68.17
CA VAL A 414 5.67 16.32 67.29
C VAL A 414 4.83 16.67 66.07
N ARG A 415 4.05 15.73 65.60
CA ARG A 415 3.25 16.00 64.43
C ARG A 415 2.15 17.00 64.81
N SER A 416 1.51 16.80 65.95
CA SER A 416 0.54 17.79 66.42
C SER A 416 1.17 19.19 66.53
N LEU A 417 2.41 19.27 67.02
CA LEU A 417 3.08 20.56 67.13
C LEU A 417 3.31 21.17 65.77
N CYS A 418 3.55 20.31 64.76
CA CYS A 418 3.69 20.78 63.39
C CYS A 418 2.45 21.51 62.87
N LEU A 419 1.27 21.01 63.21
CA LEU A 419 0.04 21.60 62.71
C LEU A 419 -0.19 22.95 63.36
N LEU A 420 0.41 23.18 64.52
CA LEU A 420 0.37 24.49 65.15
C LEU A 420 1.47 25.38 64.56
N ALA A 421 2.64 24.79 64.34
CA ALA A 421 3.84 25.54 63.92
C ALA A 421 3.81 26.15 62.53
N TRP A 422 3.22 25.47 61.55
CA TRP A 422 3.45 25.89 60.16
C TRP A 422 2.80 27.22 59.85
N HIS A 423 1.89 27.64 60.72
CA HIS A 423 1.19 28.90 60.52
C HIS A 423 2.13 30.07 60.70
N ASN A 424 3.30 29.81 61.31
CA ASN A 424 4.34 30.82 61.45
C ASN A 424 5.07 31.08 60.12
N GLY A 425 4.73 30.31 59.09
CA GLY A 425 5.27 30.52 57.77
C GLY A 425 6.34 29.52 57.38
N GLU A 426 6.57 29.40 56.08
CA GLU A 426 7.48 28.40 55.52
C GLU A 426 8.89 28.47 56.05
N GLU A 427 9.39 29.67 56.24
CA GLU A 427 10.76 29.84 56.71
C GLU A 427 10.97 29.38 58.18
N GLU A 428 10.06 29.76 59.10
CA GLU A 428 10.15 29.32 60.49
C GLU A 428 9.87 27.82 60.62
N TYR A 429 8.91 27.33 59.85
CA TYR A 429 8.55 25.93 59.86
C TYR A 429 9.72 25.08 59.41
N ASN A 430 10.34 25.43 58.29
CA ASN A 430 11.49 24.67 57.79
C ASN A 430 12.65 24.68 58.78
N LYS A 431 12.84 25.79 59.47
CA LYS A 431 13.86 25.86 60.51
C LYS A 431 13.50 24.90 61.65
N PHE A 432 12.22 24.84 61.98
CA PHE A 432 11.70 23.91 62.98
C PHE A 432 12.01 22.44 62.61
N LEU A 433 11.67 22.04 61.39
CA LEU A 433 11.96 20.69 60.93
C LEU A 433 13.47 20.34 60.98
N ALA A 434 14.32 21.28 60.60
CA ALA A 434 15.76 21.03 60.64
C ALA A 434 16.22 20.68 62.06
N LYS A 435 15.85 21.50 63.03
CA LYS A 435 16.14 21.21 64.44
C LYS A 435 15.68 19.82 64.86
N ILE A 436 14.41 19.52 64.63
CA ILE A 436 13.87 18.19 64.93
C ILE A 436 14.77 17.11 64.31
N ARG A 437 15.16 17.32 63.06
CA ARG A 437 15.95 16.33 62.35
C ARG A 437 17.42 16.37 62.73
N SER A 438 17.79 17.27 63.63
CA SER A 438 19.18 17.39 64.02
C SER A 438 19.61 16.30 65.00
N VAL A 439 18.64 15.56 65.53
CA VAL A 439 18.92 14.38 66.34
C VAL A 439 18.28 13.14 65.70
N PRO A 440 18.86 11.96 65.96
CA PRO A 440 18.47 10.74 65.25
C PRO A 440 16.97 10.38 65.39
N ILE A 441 16.43 10.45 66.60
CA ILE A 441 15.01 10.15 66.80
C ILE A 441 14.11 11.02 65.90
N GLY A 442 14.55 12.25 65.66
CA GLY A 442 13.82 13.18 64.82
C GLY A 442 13.80 12.76 63.36
N ARG A 443 14.83 12.03 62.95
CA ARG A 443 14.91 11.51 61.59
C ARG A 443 14.07 10.27 61.42
N ALA A 444 13.53 9.74 62.50
CA ALA A 444 12.67 8.56 62.40
C ALA A 444 11.21 8.99 62.29
N LEU A 445 10.98 10.30 62.42
CA LEU A 445 9.62 10.83 62.47
C LEU A 445 9.10 11.21 61.08
N ASP A 446 7.85 10.89 60.79
CA ASP A 446 7.25 11.33 59.54
C ASP A 446 6.54 12.67 59.71
N LEU A 447 7.17 13.72 59.19
CA LEU A 447 6.69 15.08 59.39
C LEU A 447 6.26 15.73 58.06
N PRO A 448 5.08 16.37 58.08
CA PRO A 448 4.49 16.96 56.87
C PRO A 448 5.29 18.15 56.33
N GLU A 449 5.42 18.27 55.03
CA GLU A 449 6.09 19.45 54.51
C GLU A 449 5.13 20.65 54.55
N TYR A 450 5.68 21.86 54.55
CA TYR A 450 4.90 23.09 54.53
C TYR A 450 3.80 23.05 53.47
N SER A 451 4.18 22.67 52.25
CA SER A 451 3.30 22.79 51.10
C SER A 451 2.14 21.85 51.22
N THR A 452 2.34 20.74 51.94
CA THR A 452 1.27 19.80 52.21
C THR A 452 0.26 20.44 53.16
N LEU A 453 0.76 21.05 54.24
CA LEU A 453 -0.10 21.65 55.26
C LEU A 453 -0.89 22.81 54.66
N TYR A 454 -0.19 23.66 53.89
CA TYR A 454 -0.79 24.83 53.26
C TYR A 454 -1.91 24.43 52.27
N ARG A 455 -1.67 23.43 51.44
CA ARG A 455 -2.69 23.00 50.49
C ARG A 455 -3.86 22.41 51.25
N ARG A 456 -3.55 21.75 52.36
CA ARG A 456 -4.58 21.13 53.18
C ARG A 456 -5.47 22.23 53.77
N TRP A 457 -4.82 23.31 54.20
CA TRP A 457 -5.52 24.41 54.81
C TRP A 457 -6.44 25.09 53.76
N LEU A 458 -5.86 25.55 52.65
CA LEU A 458 -6.64 26.07 51.52
C LEU A 458 -7.84 25.20 51.13
N ASP A 459 -7.61 23.90 50.98
CA ASP A 459 -8.66 22.95 50.63
C ASP A 459 -9.81 22.96 51.63
N SER A 460 -9.47 23.10 52.90
CA SER A 460 -10.46 22.92 53.95
C SER A 460 -11.51 24.04 53.96
N PHE A 461 -11.30 25.06 53.14
CA PHE A 461 -12.28 26.14 53.02
C PHE A 461 -13.27 25.88 51.91
N GLY E 1 -23.54 -11.35 -3.40
CA GLY E 1 -22.19 -11.90 -3.43
C GLY E 1 -22.10 -13.10 -4.36
N GLU E 2 -20.91 -13.37 -4.87
CA GLU E 2 -20.76 -14.49 -5.78
C GLU E 2 -19.29 -14.80 -6.06
N ILE E 3 -18.94 -16.08 -5.98
CA ILE E 3 -17.57 -16.51 -6.21
C ILE E 3 -17.18 -16.36 -7.68
N GLN E 4 -15.89 -16.08 -7.91
CA GLN E 4 -15.41 -15.77 -9.24
C GLN E 4 -14.45 -16.83 -9.71
N TRP E 5 -13.73 -17.44 -8.78
CA TRP E 5 -12.82 -18.52 -9.13
C TRP E 5 -12.16 -19.17 -7.92
N MET E 6 -12.19 -20.50 -7.86
CA MET E 6 -11.40 -21.25 -6.88
C MET E 6 -10.16 -21.83 -7.54
N ARG E 7 -9.12 -22.07 -6.75
CA ARG E 7 -7.92 -22.71 -7.26
C ARG E 7 -6.89 -22.92 -6.17
N PRO E 8 -6.20 -24.07 -6.21
CA PRO E 8 -5.18 -24.33 -5.19
C PRO E 8 -4.33 -23.09 -4.97
N SER E 9 -4.06 -22.80 -3.71
CA SER E 9 -3.34 -21.59 -3.34
C SER E 9 -1.92 -21.63 -3.89
N LYS E 10 -1.50 -22.82 -4.32
CA LYS E 10 -0.17 -23.01 -4.89
C LYS E 10 -0.02 -22.27 -6.21
N GLU E 11 -1.04 -22.36 -7.05
CA GLU E 11 -1.04 -21.70 -8.36
C GLU E 11 -0.87 -20.18 -8.25
N VAL E 12 -1.24 -19.62 -7.10
CA VAL E 12 -1.22 -18.17 -6.91
C VAL E 12 -0.13 -17.77 -5.91
N GLY E 13 0.68 -18.75 -5.50
CA GLY E 13 1.71 -18.50 -4.51
C GLY E 13 1.15 -18.00 -3.19
N TYR E 14 0.18 -18.74 -2.64
CA TYR E 14 -0.38 -18.45 -1.33
C TYR E 14 -0.25 -19.68 -0.43
N PRO E 15 0.01 -19.45 0.87
CA PRO E 15 0.27 -20.52 1.84
C PRO E 15 -0.97 -21.35 2.07
N ILE E 16 -0.78 -22.61 2.43
CA ILE E 16 -1.90 -23.40 2.88
C ILE E 16 -2.07 -23.04 4.35
N ILE E 17 -3.30 -22.89 4.80
CA ILE E 17 -3.52 -22.65 6.21
C ILE E 17 -4.48 -23.69 6.77
N ASN E 18 -4.11 -24.22 7.93
CA ASN E 18 -4.89 -25.27 8.57
C ASN E 18 -5.63 -24.79 9.79
N ALA E 19 -6.95 -24.86 9.72
CA ALA E 19 -7.77 -24.60 10.87
C ALA E 19 -7.80 -25.87 11.69
N PRO E 20 -8.15 -25.76 12.98
CA PRO E 20 -8.41 -26.96 13.78
C PRO E 20 -9.62 -27.68 13.21
N SER E 21 -9.88 -28.91 13.66
CA SER E 21 -10.98 -29.71 13.12
C SER E 21 -11.95 -30.23 14.18
N LYS E 22 -11.58 -30.05 15.45
CA LYS E 22 -12.43 -30.46 16.57
C LYS E 22 -13.05 -29.23 17.21
N THR E 23 -14.32 -29.36 17.62
CA THR E 23 -14.97 -28.32 18.39
C THR E 23 -14.35 -28.18 19.77
N LYS E 24 -14.46 -26.97 20.34
CA LYS E 24 -14.02 -26.74 21.70
C LYS E 24 -15.21 -26.87 22.65
N LEU E 25 -16.41 -26.99 22.07
CA LEU E 25 -17.65 -27.12 22.82
C LEU E 25 -17.83 -28.53 23.36
N GLU E 26 -18.39 -28.65 24.56
CA GLU E 26 -18.55 -29.95 25.23
C GLU E 26 -19.70 -29.86 26.24
N PRO E 27 -20.33 -31.01 26.55
CA PRO E 27 -21.52 -30.97 27.41
C PRO E 27 -21.22 -30.42 28.79
N SER E 28 -22.20 -29.73 29.33
CA SER E 28 -22.07 -29.01 30.58
C SER E 28 -22.43 -29.88 31.76
N ALA E 29 -22.06 -29.44 32.95
CA ALA E 29 -22.58 -30.03 34.17
C ALA E 29 -24.12 -30.02 34.14
N PHE E 30 -24.69 -29.19 33.27
CA PHE E 30 -26.13 -28.99 33.24
C PHE E 30 -26.76 -29.54 31.96
N HIS E 31 -26.01 -30.38 31.26
CA HIS E 31 -26.41 -30.82 29.93
C HIS E 31 -27.71 -31.63 30.00
N TYR E 32 -27.93 -32.28 31.14
CA TYR E 32 -29.12 -33.12 31.31
C TYR E 32 -30.15 -32.49 32.21
N VAL E 33 -29.79 -31.44 32.92
CA VAL E 33 -30.76 -30.75 33.75
C VAL E 33 -31.76 -29.96 32.90
N PHE E 34 -31.31 -29.48 31.74
CA PHE E 34 -32.18 -28.69 30.86
C PHE E 34 -32.27 -29.34 29.49
N GLU E 35 -33.41 -29.12 28.82
CA GLU E 35 -33.61 -29.66 27.47
C GLU E 35 -32.98 -28.69 26.47
N GLY E 36 -32.61 -29.19 25.30
CA GLY E 36 -32.10 -28.36 24.22
C GLY E 36 -31.91 -29.11 22.90
N VAL E 37 -32.01 -28.38 21.79
CA VAL E 37 -31.87 -28.99 20.46
C VAL E 37 -30.49 -28.77 19.82
N LYS E 38 -29.83 -27.66 20.17
CA LYS E 38 -28.62 -27.26 19.48
C LYS E 38 -27.41 -28.10 19.87
N GLU E 39 -26.51 -28.26 18.91
CA GLU E 39 -25.25 -28.93 19.13
C GLU E 39 -24.19 -28.22 18.30
N PRO E 40 -22.90 -28.48 18.58
CA PRO E 40 -21.79 -27.81 17.89
C PRO E 40 -21.83 -28.02 16.36
N ALA E 41 -21.55 -26.97 15.61
CA ALA E 41 -21.73 -26.99 14.17
C ALA E 41 -20.65 -27.81 13.47
N VAL E 42 -20.94 -28.29 12.28
CA VAL E 42 -19.96 -29.04 11.51
C VAL E 42 -18.73 -28.19 11.19
N LEU E 43 -17.56 -28.70 11.57
CA LEU E 43 -16.30 -28.02 11.33
C LEU E 43 -15.52 -28.63 10.14
N THR E 44 -15.76 -29.91 9.84
CA THR E 44 -15.04 -30.64 8.78
C THR E 44 -15.96 -31.44 7.86
N LYS E 45 -15.42 -31.88 6.72
CA LYS E 45 -16.14 -32.72 5.76
C LYS E 45 -16.42 -34.11 6.32
N ASN E 46 -15.44 -34.66 7.05
CA ASN E 46 -15.56 -35.99 7.66
C ASN E 46 -16.40 -35.99 8.95
N ASP E 47 -17.62 -35.46 8.87
CA ASP E 47 -18.48 -35.40 10.04
C ASP E 47 -19.69 -36.30 9.81
N PRO E 48 -19.80 -37.37 10.61
CA PRO E 48 -20.87 -38.37 10.56
C PRO E 48 -22.27 -37.75 10.61
N ARG E 49 -22.40 -36.59 11.23
CA ARG E 49 -23.69 -35.95 11.37
C ARG E 49 -24.17 -35.29 10.08
N LEU E 50 -23.32 -35.29 9.06
CA LEU E 50 -23.63 -34.63 7.80
C LEU E 50 -24.61 -35.41 6.93
N LYS E 51 -25.67 -34.73 6.50
CA LYS E 51 -26.70 -35.32 5.66
C LYS E 51 -26.58 -34.80 4.23
N THR E 52 -25.46 -34.12 3.95
CA THR E 52 -25.23 -33.49 2.64
C THR E 52 -23.72 -33.28 2.41
N ASP E 53 -23.35 -32.60 1.33
CA ASP E 53 -21.94 -32.27 1.11
C ASP E 53 -21.57 -30.93 1.75
N PHE E 54 -20.52 -30.94 2.55
CA PHE E 54 -20.16 -29.78 3.37
C PHE E 54 -19.85 -28.53 2.54
N GLU E 55 -18.70 -28.56 1.85
CA GLU E 55 -18.22 -27.39 1.14
C GLU E 55 -19.26 -26.82 0.20
N GLU E 56 -20.07 -27.69 -0.38
CA GLU E 56 -21.17 -27.23 -1.21
C GLU E 56 -22.13 -26.39 -0.38
N ALA E 57 -22.35 -26.84 0.85
CA ALA E 57 -23.32 -26.20 1.75
C ALA E 57 -22.84 -24.84 2.25
N ILE E 58 -21.60 -24.77 2.71
CA ILE E 58 -21.08 -23.56 3.32
C ILE E 58 -20.84 -22.41 2.34
N PHE E 59 -20.59 -22.77 1.08
CA PHE E 59 -20.39 -21.76 0.05
C PHE E 59 -21.65 -21.46 -0.73
N SER E 60 -22.74 -22.13 -0.36
CA SER E 60 -24.04 -21.94 -1.00
C SER E 60 -24.57 -20.50 -0.91
N LYS E 61 -24.23 -19.79 0.15
CA LYS E 61 -24.84 -18.49 0.44
C LYS E 61 -24.62 -17.42 -0.64
N TYR E 62 -23.54 -17.54 -1.40
CA TYR E 62 -23.22 -16.57 -2.44
C TYR E 62 -24.24 -16.58 -3.60
N VAL E 63 -25.44 -16.06 -3.31
CA VAL E 63 -26.60 -16.20 -4.18
C VAL E 63 -26.58 -15.40 -5.50
N GLY E 64 -25.56 -14.55 -5.68
CA GLY E 64 -25.46 -13.73 -6.88
C GLY E 64 -25.75 -12.25 -6.71
N ASN E 65 -25.53 -11.49 -7.78
CA ASN E 65 -25.76 -10.05 -7.78
C ASN E 65 -26.95 -9.65 -8.66
N LYS E 66 -28.01 -9.17 -8.02
CA LYS E 66 -29.22 -8.76 -8.71
C LYS E 66 -29.02 -7.43 -9.46
N ILE E 67 -28.47 -6.44 -8.77
CA ILE E 67 -28.38 -5.11 -9.33
C ILE E 67 -27.01 -4.49 -9.10
N THR E 68 -26.73 -3.41 -9.83
CA THR E 68 -25.43 -2.75 -9.77
C THR E 68 -25.61 -1.25 -9.86
N GLU E 69 -26.73 -0.84 -10.45
CA GLU E 69 -27.04 0.58 -10.62
C GLU E 69 -27.83 1.09 -9.43
N VAL E 70 -27.45 2.26 -8.94
CA VAL E 70 -28.24 2.91 -7.92
C VAL E 70 -29.42 3.57 -8.62
N ASP E 71 -30.61 3.05 -8.35
CA ASP E 71 -31.84 3.57 -8.93
C ASP E 71 -32.29 4.87 -8.24
N GLU E 72 -33.40 5.43 -8.68
CA GLU E 72 -33.88 6.71 -8.16
C GLU E 72 -34.33 6.69 -6.69
N TYR E 73 -35.01 5.63 -6.28
CA TYR E 73 -35.45 5.51 -4.89
C TYR E 73 -34.26 5.38 -3.95
N MET E 74 -33.30 4.53 -4.31
CA MET E 74 -32.04 4.42 -3.58
C MET E 74 -31.40 5.79 -3.41
N LYS E 75 -31.39 6.58 -4.49
CA LYS E 75 -30.77 7.90 -4.43
C LYS E 75 -31.46 8.77 -3.41
N GLU E 76 -32.80 8.72 -3.41
CA GLU E 76 -33.58 9.50 -2.45
C GLU E 76 -33.26 9.02 -1.05
N ALA E 77 -33.18 7.70 -0.91
CA ALA E 77 -32.84 7.08 0.36
C ALA E 77 -31.53 7.63 0.85
N VAL E 78 -30.53 7.62 -0.04
CA VAL E 78 -29.21 8.13 0.31
C VAL E 78 -29.30 9.55 0.80
N ASP E 79 -30.08 10.37 0.11
CA ASP E 79 -30.11 11.79 0.44
C ASP E 79 -30.75 12.00 1.80
N HIS E 80 -31.77 11.21 2.08
CA HIS E 80 -32.45 11.35 3.35
C HIS E 80 -31.57 10.86 4.52
N TYR E 81 -30.98 9.68 4.38
CA TYR E 81 -30.14 9.12 5.42
C TYR E 81 -28.92 10.00 5.68
N ALA E 82 -28.25 10.39 4.60
CA ALA E 82 -27.04 11.20 4.71
C ALA E 82 -27.35 12.48 5.47
N GLY E 83 -28.47 13.10 5.13
CA GLY E 83 -28.81 14.37 5.72
C GLY E 83 -29.06 14.21 7.20
N GLN E 84 -29.58 13.04 7.57
CA GLN E 84 -29.81 12.71 8.98
C GLN E 84 -28.49 12.66 9.74
N LEU E 85 -27.53 11.92 9.19
CA LEU E 85 -26.22 11.73 9.83
C LEU E 85 -25.49 13.05 9.97
N MET E 86 -25.81 13.99 9.08
CA MET E 86 -25.17 15.30 9.05
C MET E 86 -25.41 16.10 10.31
N SER E 87 -26.51 15.81 11.00
CA SER E 87 -26.86 16.55 12.20
C SER E 87 -26.02 16.16 13.41
N LEU E 88 -25.28 15.05 13.30
CA LEU E 88 -24.43 14.59 14.38
C LEU E 88 -23.07 15.29 14.39
N ASP E 89 -22.65 15.82 13.24
CA ASP E 89 -21.38 16.54 13.15
C ASP E 89 -20.18 15.60 13.23
N ILE E 90 -20.24 14.51 12.47
CA ILE E 90 -19.20 13.50 12.50
C ILE E 90 -17.84 14.07 12.08
N ASN E 91 -16.84 13.89 12.94
CA ASN E 91 -15.46 14.27 12.65
C ASN E 91 -14.96 13.50 11.42
N THR E 92 -14.56 14.21 10.37
CA THR E 92 -14.21 13.58 9.09
C THR E 92 -12.73 13.27 8.91
N GLU E 93 -11.93 13.55 9.93
CA GLU E 93 -10.50 13.40 9.82
C GLU E 93 -10.07 11.96 10.00
N GLN E 94 -8.96 11.60 9.36
CA GLN E 94 -8.33 10.33 9.63
C GLN E 94 -8.01 10.28 11.09
N MET E 95 -8.03 9.07 11.63
CA MET E 95 -7.60 8.84 12.99
C MET E 95 -6.12 8.50 12.91
N CYS E 96 -5.34 9.07 13.83
CA CYS E 96 -3.92 8.75 13.90
C CYS E 96 -3.75 7.25 14.13
N LEU E 97 -2.61 6.72 13.68
CA LEU E 97 -2.31 5.31 13.86
C LEU E 97 -2.40 4.83 15.31
N GLU E 98 -2.02 5.68 16.27
CA GLU E 98 -2.04 5.27 17.68
C GLU E 98 -3.45 4.98 18.20
N ASP E 99 -4.39 5.89 17.94
CA ASP E 99 -5.78 5.67 18.33
C ASP E 99 -6.40 4.56 17.52
N ALA E 100 -6.02 4.42 16.26
CA ALA E 100 -6.61 3.37 15.44
C ALA E 100 -6.22 2.03 16.05
N MET E 101 -4.97 1.91 16.48
CA MET E 101 -4.50 0.69 17.15
C MET E 101 -5.03 0.50 18.55
N TYR E 102 -4.94 1.54 19.37
CA TYR E 102 -5.12 1.36 20.82
C TYR E 102 -6.42 1.90 21.37
N GLY E 103 -7.22 2.53 20.53
CA GLY E 103 -8.53 2.95 20.92
C GLY E 103 -8.53 4.37 21.45
N THR E 104 -9.71 4.99 21.40
CA THR E 104 -9.88 6.34 21.89
C THR E 104 -11.30 6.43 22.45
N ASP E 105 -11.75 7.62 22.79
CA ASP E 105 -13.13 7.77 23.27
C ASP E 105 -14.10 7.24 22.23
N GLY E 106 -14.81 6.17 22.56
CA GLY E 106 -15.80 5.62 21.65
C GLY E 106 -15.32 4.50 20.75
N LEU E 107 -14.03 4.17 20.82
CA LEU E 107 -13.47 3.10 20.00
C LEU E 107 -12.53 2.24 20.85
N GLU E 108 -12.90 0.98 21.05
CA GLU E 108 -12.08 0.03 21.77
C GLU E 108 -10.83 -0.32 20.97
N ALA E 109 -9.80 -0.79 21.66
CA ALA E 109 -8.57 -1.23 21.03
C ALA E 109 -8.79 -2.47 20.20
N LEU E 110 -7.87 -2.71 19.29
CA LEU E 110 -7.79 -3.95 18.59
C LEU E 110 -7.76 -5.08 19.62
N ASP E 111 -8.52 -6.14 19.36
CA ASP E 111 -8.57 -7.33 20.19
C ASP E 111 -7.24 -8.10 20.16
N LEU E 112 -6.44 -7.95 21.21
CA LEU E 112 -5.14 -8.60 21.30
C LEU E 112 -5.20 -10.12 21.33
N SER E 113 -6.35 -10.66 21.69
CA SER E 113 -6.50 -12.10 21.89
C SER E 113 -6.96 -12.86 20.65
N THR E 114 -7.29 -12.15 19.58
CA THR E 114 -7.64 -12.83 18.34
C THR E 114 -6.48 -12.87 17.33
N SER E 115 -6.68 -13.64 16.26
CA SER E 115 -5.70 -13.78 15.17
C SER E 115 -5.29 -12.48 14.49
N ALA E 116 -4.02 -12.39 14.13
CA ALA E 116 -3.50 -11.26 13.36
C ALA E 116 -3.69 -11.43 11.85
N GLY E 117 -4.20 -12.57 11.43
CA GLY E 117 -4.58 -12.78 10.04
C GLY E 117 -3.39 -12.96 9.13
N TYR E 118 -3.64 -13.04 7.82
CA TYR E 118 -2.58 -13.19 6.83
C TYR E 118 -1.79 -11.89 6.69
N PRO E 119 -0.46 -11.98 6.60
CA PRO E 119 0.44 -13.14 6.49
C PRO E 119 0.93 -13.66 7.83
N TYR E 120 0.78 -12.85 8.86
CA TYR E 120 1.23 -13.16 10.22
C TYR E 120 0.87 -14.56 10.72
N VAL E 121 -0.28 -15.07 10.30
CA VAL E 121 -0.72 -16.39 10.74
C VAL E 121 0.14 -17.51 10.13
N ALA E 122 0.67 -17.27 8.93
CA ALA E 122 1.57 -18.23 8.30
C ALA E 122 3.03 -18.01 8.71
N MET E 123 3.28 -16.96 9.49
CA MET E 123 4.62 -16.73 10.02
C MET E 123 4.67 -17.03 11.51
N GLY E 124 3.58 -17.58 12.05
CA GLY E 124 3.43 -17.79 13.47
C GLY E 124 3.66 -16.51 14.28
N LYS E 125 3.07 -15.42 13.81
CA LYS E 125 3.24 -14.12 14.44
C LYS E 125 1.88 -13.65 15.02
N LYS E 126 1.88 -13.11 16.24
CA LYS E 126 0.60 -12.79 16.91
C LYS E 126 0.45 -11.30 17.17
N LYS E 127 -0.78 -10.85 17.44
CA LYS E 127 -1.00 -9.43 17.78
C LYS E 127 -0.18 -8.97 18.99
N ARG E 128 -0.05 -9.84 19.98
CA ARG E 128 0.75 -9.53 21.17
C ARG E 128 2.20 -9.26 20.82
N ASP E 129 2.67 -9.89 19.74
CA ASP E 129 4.04 -9.68 19.28
C ASP E 129 4.23 -8.30 18.70
N ILE E 130 3.13 -7.67 18.31
CA ILE E 130 3.21 -6.44 17.54
C ILE E 130 2.74 -5.24 18.33
N LEU E 131 1.65 -5.43 19.08
CA LEU E 131 1.02 -4.37 19.84
C LEU E 131 1.40 -4.40 21.31
N ASN E 132 1.46 -3.22 21.93
CA ASN E 132 1.72 -3.08 23.35
C ASN E 132 0.83 -2.01 23.97
N LYS E 133 -0.15 -2.43 24.75
CA LYS E 133 -1.16 -1.49 25.25
C LYS E 133 -0.58 -0.47 26.20
N GLN E 134 0.44 -0.86 26.97
CA GLN E 134 0.97 0.02 28.01
C GLN E 134 1.77 1.19 27.45
N THR E 135 2.63 0.90 26.48
CA THR E 135 3.38 1.95 25.80
C THR E 135 2.68 2.52 24.57
N ARG E 136 1.69 1.80 24.04
CA ARG E 136 0.98 2.28 22.85
C ARG E 136 1.97 2.54 21.72
N ASP E 137 2.93 1.64 21.56
CA ASP E 137 3.97 1.83 20.57
C ASP E 137 3.41 1.55 19.18
N THR E 138 3.71 2.45 18.25
CA THR E 138 3.20 2.30 16.89
C THR E 138 4.29 1.93 15.91
N LYS E 139 5.54 1.99 16.36
CA LYS E 139 6.68 1.76 15.47
C LYS E 139 6.62 0.44 14.72
N GLU E 140 6.33 -0.65 15.42
CA GLU E 140 6.33 -1.95 14.77
C GLU E 140 5.16 -2.14 13.80
N MET E 141 4.00 -1.57 14.14
CA MET E 141 2.86 -1.67 13.23
C MET E 141 3.11 -0.86 11.97
N GLN E 142 3.70 0.31 12.14
CA GLN E 142 3.99 1.19 11.01
C GLN E 142 4.90 0.48 10.01
N LYS E 143 5.96 -0.12 10.53
CA LYS E 143 6.88 -0.91 9.73
C LYS E 143 6.16 -2.02 8.96
N LEU E 144 5.23 -2.70 9.61
CA LEU E 144 4.51 -3.80 8.98
C LEU E 144 3.57 -3.31 7.89
N LEU E 145 3.03 -2.11 8.06
CA LEU E 145 2.17 -1.51 7.03
C LEU E 145 3.02 -1.19 5.82
N ASP E 146 4.21 -0.67 6.09
CA ASP E 146 5.13 -0.28 5.04
C ASP E 146 5.59 -1.51 4.28
N THR E 147 5.83 -2.58 5.03
CA THR E 147 6.35 -3.80 4.44
C THR E 147 5.31 -4.58 3.65
N TYR E 148 4.12 -4.76 4.21
CA TYR E 148 3.12 -5.66 3.61
C TYR E 148 1.92 -4.94 3.02
N GLY E 149 1.78 -3.66 3.33
CA GLY E 149 0.75 -2.86 2.72
C GLY E 149 -0.63 -3.27 3.20
N ILE E 150 -1.64 -2.93 2.41
CA ILE E 150 -3.01 -3.28 2.74
C ILE E 150 -3.64 -4.11 1.66
N ASN E 151 -4.93 -4.33 1.81
CA ASN E 151 -5.71 -5.08 0.84
C ASN E 151 -5.19 -6.51 0.74
N LEU E 152 -4.94 -7.12 1.89
CA LEU E 152 -4.46 -8.49 1.92
C LEU E 152 -5.62 -9.48 1.83
N PRO E 153 -5.32 -10.74 1.43
CA PRO E 153 -6.45 -11.67 1.40
C PRO E 153 -6.92 -12.01 2.83
N LEU E 154 -8.20 -12.36 2.94
CA LEU E 154 -8.75 -12.81 4.22
C LEU E 154 -8.53 -14.30 4.42
N VAL E 155 -8.52 -14.74 5.67
CA VAL E 155 -8.41 -16.18 5.91
C VAL E 155 -9.74 -16.69 6.41
N THR E 156 -10.13 -17.82 5.84
CA THR E 156 -11.48 -18.34 6.02
C THR E 156 -11.48 -19.50 7.00
N TYR E 157 -12.32 -19.38 8.02
CA TYR E 157 -12.52 -20.44 9.00
C TYR E 157 -14.01 -20.72 9.15
N VAL E 158 -14.34 -21.93 9.62
CA VAL E 158 -15.72 -22.22 10.00
C VAL E 158 -15.87 -21.85 11.46
N LYS E 159 -16.98 -21.20 11.82
CA LYS E 159 -17.14 -20.80 13.19
C LYS E 159 -17.54 -21.96 14.11
N ASP E 160 -16.77 -22.11 15.19
CA ASP E 160 -17.05 -23.06 16.24
C ASP E 160 -18.18 -22.53 17.16
N GLU E 161 -19.40 -23.03 17.00
CA GLU E 161 -20.54 -22.51 17.76
C GLU E 161 -21.70 -23.48 17.77
N LEU E 162 -22.71 -23.22 18.60
CA LEU E 162 -23.87 -24.11 18.67
C LEU E 162 -24.80 -23.84 17.51
N ARG E 163 -25.39 -24.92 17.01
CA ARG E 163 -26.21 -24.86 15.82
C ARG E 163 -27.38 -25.79 16.00
N SER E 164 -28.55 -25.41 15.50
CA SER E 164 -29.72 -26.29 15.54
C SER E 164 -29.43 -27.60 14.81
N LYS E 165 -30.25 -28.61 15.05
CA LYS E 165 -30.02 -29.94 14.49
C LYS E 165 -30.09 -29.93 12.95
N THR E 166 -31.11 -29.27 12.39
CA THR E 166 -31.25 -29.23 10.95
C THR E 166 -30.09 -28.51 10.27
N LYS E 167 -29.52 -27.51 10.96
CA LYS E 167 -28.37 -26.78 10.45
C LYS E 167 -27.09 -27.62 10.52
N VAL E 168 -27.07 -28.56 11.45
CA VAL E 168 -25.93 -29.47 11.54
C VAL E 168 -25.98 -30.52 10.43
N GLU E 169 -27.15 -31.15 10.29
CA GLU E 169 -27.33 -32.19 9.30
C GLU E 169 -27.08 -31.63 7.91
N GLN E 170 -27.61 -30.44 7.65
CA GLN E 170 -27.54 -29.83 6.33
C GLN E 170 -26.24 -29.05 6.09
N GLY E 171 -25.25 -29.23 6.97
CA GLY E 171 -23.96 -28.58 6.84
C GLY E 171 -23.96 -27.05 6.74
N LYS E 172 -25.00 -26.40 7.25
CA LYS E 172 -25.07 -24.94 7.28
C LYS E 172 -24.24 -24.33 8.43
N SER E 173 -22.92 -24.54 8.38
CA SER E 173 -22.03 -23.90 9.31
C SER E 173 -21.72 -22.51 8.80
N ARG E 174 -21.65 -21.52 9.69
CA ARG E 174 -21.33 -20.17 9.25
C ARG E 174 -19.85 -20.06 9.06
N LEU E 175 -19.45 -19.29 8.06
CA LEU E 175 -18.05 -19.08 7.76
C LEU E 175 -17.60 -17.76 8.34
N ILE E 176 -16.33 -17.69 8.73
CA ILE E 176 -15.73 -16.46 9.23
C ILE E 176 -14.58 -16.05 8.32
N GLU E 177 -14.39 -14.76 8.16
CA GLU E 177 -13.29 -14.25 7.32
C GLU E 177 -12.31 -13.45 8.18
N ALA E 178 -11.12 -13.96 8.41
CA ALA E 178 -10.23 -13.24 9.30
C ALA E 178 -9.47 -12.08 8.61
N SER E 179 -9.85 -10.87 8.97
CA SER E 179 -9.20 -9.66 8.49
C SER E 179 -7.72 -9.66 8.85
N SER E 180 -6.90 -9.14 7.95
CA SER E 180 -5.50 -8.90 8.25
C SER E 180 -5.41 -7.73 9.23
N LEU E 181 -4.44 -7.80 10.13
CA LEU E 181 -4.20 -6.74 11.10
C LEU E 181 -3.88 -5.39 10.43
N ASN E 182 -3.20 -5.46 9.26
CA ASN E 182 -2.87 -4.28 8.45
C ASN E 182 -4.13 -3.58 7.97
N ASP E 183 -5.05 -4.39 7.47
CA ASP E 183 -6.35 -3.91 7.02
C ASP E 183 -7.25 -3.37 8.14
N SER E 184 -7.32 -4.06 9.28
CA SER E 184 -8.04 -3.53 10.44
C SER E 184 -7.46 -2.17 10.84
N VAL E 185 -6.15 -2.06 10.84
CA VAL E 185 -5.55 -0.79 11.22
C VAL E 185 -5.86 0.28 10.18
N ALA E 186 -5.73 -0.05 8.89
CA ALA E 186 -6.02 0.90 7.82
C ALA E 186 -7.51 1.35 7.84
N MET E 187 -8.41 0.40 8.02
CA MET E 187 -9.82 0.71 8.08
C MET E 187 -10.14 1.62 9.25
N ARG E 188 -9.52 1.36 10.41
CA ARG E 188 -9.75 2.21 11.60
C ARG E 188 -9.09 3.58 11.46
N MET E 189 -7.95 3.66 10.78
CA MET E 189 -7.38 4.97 10.48
C MET E 189 -8.33 5.78 9.59
N ALA E 190 -8.94 5.12 8.61
CA ALA E 190 -9.85 5.80 7.69
C ALA E 190 -11.20 6.14 8.33
N PHE E 191 -11.81 5.17 9.00
CA PHE E 191 -13.21 5.29 9.42
C PHE E 191 -13.44 5.38 10.90
N GLY E 192 -12.36 5.49 11.68
CA GLY E 192 -12.44 5.47 13.13
C GLY E 192 -13.34 6.52 13.78
N ASN E 193 -13.29 7.74 13.28
CA ASN E 193 -14.13 8.77 13.84
C ASN E 193 -15.60 8.55 13.48
N LEU E 194 -15.84 7.87 12.37
CA LEU E 194 -17.19 7.43 12.02
C LEU E 194 -17.73 6.41 13.04
N TYR E 195 -16.98 5.31 13.22
CA TYR E 195 -17.33 4.28 14.21
C TYR E 195 -17.60 4.89 15.60
N ALA E 196 -16.74 5.81 16.05
CA ALA E 196 -16.93 6.37 17.37
C ALA E 196 -18.22 7.19 17.42
N ALA E 197 -18.52 7.93 16.35
CA ALA E 197 -19.73 8.77 16.32
C ALA E 197 -20.95 7.88 16.43
N PHE E 198 -20.93 6.74 15.75
CA PHE E 198 -22.01 5.79 15.86
C PHE E 198 -22.13 5.21 17.27
N HIS E 199 -20.98 4.80 17.83
CA HIS E 199 -20.98 4.13 19.12
C HIS E 199 -21.52 5.07 20.18
N LYS E 200 -21.23 6.35 20.05
CA LYS E 200 -21.71 7.32 21.02
C LYS E 200 -23.17 7.71 20.83
N ASN E 201 -23.77 7.35 19.70
CA ASN E 201 -25.12 7.83 19.39
C ASN E 201 -26.13 6.80 18.92
N PRO E 202 -26.31 5.73 19.70
CA PRO E 202 -27.36 4.75 19.42
C PRO E 202 -28.74 5.42 19.52
N GLY E 203 -29.61 5.12 18.57
CA GLY E 203 -30.92 5.75 18.52
C GLY E 203 -31.37 5.92 17.08
N VAL E 204 -32.31 6.85 16.84
CA VAL E 204 -32.96 7.00 15.53
C VAL E 204 -32.31 8.02 14.58
N ILE E 205 -31.28 8.73 15.03
CA ILE E 205 -30.54 9.62 14.14
C ILE E 205 -29.52 8.81 13.34
N THR E 206 -28.75 7.98 14.02
CA THR E 206 -27.85 7.05 13.36
C THR E 206 -28.64 5.88 12.73
N GLY E 207 -29.84 5.63 13.23
CA GLY E 207 -30.58 4.46 12.83
C GLY E 207 -29.87 3.19 13.26
N SER E 208 -29.06 3.28 14.32
CA SER E 208 -28.27 2.13 14.76
C SER E 208 -28.34 1.87 16.27
N ALA E 209 -28.26 0.60 16.66
CA ALA E 209 -28.26 0.29 18.07
C ALA E 209 -26.86 -0.06 18.58
N VAL E 210 -25.86 -0.14 17.70
CA VAL E 210 -24.48 -0.36 18.13
C VAL E 210 -24.13 0.64 19.25
N GLY E 211 -23.65 0.12 20.37
CA GLY E 211 -23.31 0.97 21.51
C GLY E 211 -24.39 1.05 22.57
N CYS E 212 -25.50 0.38 22.35
CA CYS E 212 -26.59 0.40 23.34
C CYS E 212 -26.42 -0.72 24.38
N ASP E 213 -27.03 -0.50 25.55
CA ASP E 213 -27.16 -1.50 26.59
C ASP E 213 -28.64 -1.79 26.80
N PRO E 214 -29.14 -2.93 26.26
CA PRO E 214 -30.56 -3.26 26.33
C PRO E 214 -31.23 -3.05 27.70
N ASP E 215 -30.57 -3.37 28.82
CA ASP E 215 -31.20 -3.20 30.13
C ASP E 215 -31.75 -1.80 30.30
N LEU E 216 -31.12 -0.83 29.62
CA LEU E 216 -31.49 0.59 29.71
C LEU E 216 -32.10 1.16 28.43
N PHE E 217 -31.71 0.60 27.30
CA PHE E 217 -32.08 1.17 26.03
C PHE E 217 -33.51 0.77 25.75
N TRP E 218 -33.89 -0.40 26.25
CA TRP E 218 -35.23 -0.89 26.03
C TRP E 218 -36.30 0.12 26.43
N SER E 219 -36.04 0.91 27.47
CA SER E 219 -37.00 1.90 27.97
C SER E 219 -37.09 3.15 27.06
N LYS E 220 -36.02 3.42 26.31
CA LYS E 220 -35.96 4.50 25.33
C LYS E 220 -36.67 4.14 24.02
N ILE E 221 -36.59 2.89 23.63
CA ILE E 221 -37.02 2.52 22.30
C ILE E 221 -38.48 2.85 21.98
N PRO E 222 -39.41 2.47 22.86
CA PRO E 222 -40.82 2.74 22.55
C PRO E 222 -41.10 4.25 22.44
N VAL E 223 -40.41 5.06 23.23
CA VAL E 223 -40.55 6.51 23.17
C VAL E 223 -40.05 7.09 21.83
N LEU E 224 -39.07 6.42 21.24
CA LEU E 224 -38.43 6.88 20.02
C LEU E 224 -39.19 6.41 18.79
N MET E 225 -39.95 5.32 18.93
CA MET E 225 -40.73 4.81 17.81
C MET E 225 -41.99 5.65 17.59
N GLU E 226 -42.42 5.68 16.33
CA GLU E 226 -43.72 6.24 15.96
C GLU E 226 -44.79 5.22 16.31
N GLU E 227 -46.04 5.53 16.04
CA GLU E 227 -47.15 4.76 16.59
C GLU E 227 -47.23 3.32 16.10
N LYS E 228 -46.83 3.09 14.87
CA LYS E 228 -47.07 1.79 14.24
C LYS E 228 -45.78 1.07 13.85
N LEU E 229 -45.52 -0.08 14.47
CA LEU E 229 -44.29 -0.81 14.21
C LEU E 229 -44.39 -1.66 12.96
N PHE E 230 -43.25 -1.89 12.32
CA PHE E 230 -43.15 -2.96 11.36
C PHE E 230 -41.75 -3.53 11.38
N ALA E 231 -41.63 -4.78 10.96
CA ALA E 231 -40.36 -5.50 11.02
C ALA E 231 -40.43 -6.71 10.09
N PHE E 232 -39.26 -7.31 9.84
CA PHE E 232 -39.15 -8.54 9.06
C PHE E 232 -37.73 -9.09 9.25
N ASP E 233 -37.50 -10.29 8.71
CA ASP E 233 -36.19 -10.88 8.69
C ASP E 233 -35.64 -10.99 7.25
N TYR E 234 -34.32 -10.93 7.10
CA TYR E 234 -33.67 -11.22 5.84
C TYR E 234 -33.22 -12.66 5.86
N THR E 235 -33.20 -13.29 4.69
CA THR E 235 -32.44 -14.51 4.52
C THR E 235 -31.10 -14.19 3.86
N GLY E 236 -30.02 -14.50 4.57
CA GLY E 236 -28.66 -14.31 4.05
C GLY E 236 -28.40 -12.88 3.66
N TYR E 237 -28.36 -12.00 4.66
CA TYR E 237 -28.34 -10.56 4.43
C TYR E 237 -27.12 -10.12 3.64
N ASP E 238 -25.95 -10.39 4.20
CA ASP E 238 -24.68 -9.89 3.68
C ASP E 238 -24.40 -10.48 2.31
N ALA E 239 -24.54 -11.78 2.21
CA ALA E 239 -24.28 -12.48 0.96
C ALA E 239 -25.29 -12.11 -0.15
N SER E 240 -26.39 -11.47 0.21
CA SER E 240 -27.37 -11.11 -0.79
C SER E 240 -27.27 -9.65 -1.18
N LEU E 241 -26.33 -8.93 -0.56
CA LEU E 241 -26.17 -7.52 -0.90
C LEU E 241 -25.48 -7.41 -2.25
N SER E 242 -26.16 -6.81 -3.21
CA SER E 242 -25.60 -6.60 -4.53
C SER E 242 -24.80 -5.31 -4.56
N PRO E 243 -23.93 -5.16 -5.56
CA PRO E 243 -23.02 -4.01 -5.66
C PRO E 243 -23.69 -2.63 -5.63
N ALA E 244 -24.95 -2.54 -6.06
CA ALA E 244 -25.64 -1.27 -6.01
C ALA E 244 -25.74 -0.76 -4.56
N TRP E 245 -25.92 -1.66 -3.61
CA TRP E 245 -26.01 -1.24 -2.21
C TRP E 245 -24.71 -0.63 -1.69
N PHE E 246 -23.57 -1.16 -2.15
CA PHE E 246 -22.29 -0.59 -1.77
C PHE E 246 -22.02 0.78 -2.39
N GLU E 247 -22.39 1.00 -3.65
CA GLU E 247 -22.27 2.34 -4.24
C GLU E 247 -23.14 3.32 -3.46
N ALA E 248 -24.34 2.88 -3.09
CA ALA E 248 -25.21 3.73 -2.28
C ALA E 248 -24.51 4.10 -0.96
N LEU E 249 -23.82 3.13 -0.33
CA LEU E 249 -23.02 3.40 0.88
C LEU E 249 -21.95 4.46 0.61
N LYS E 250 -21.14 4.23 -0.44
CA LYS E 250 -20.12 5.20 -0.84
C LYS E 250 -20.68 6.60 -1.04
N MET E 251 -21.86 6.69 -1.68
CA MET E 251 -22.58 7.96 -1.80
C MET E 251 -22.93 8.62 -0.46
N VAL E 252 -23.32 7.81 0.53
CA VAL E 252 -23.59 8.34 1.87
C VAL E 252 -22.28 8.81 2.49
N LEU E 253 -21.23 8.00 2.32
CA LEU E 253 -19.91 8.39 2.83
C LEU E 253 -19.37 9.67 2.16
N GLU E 254 -19.50 9.76 0.84
CA GLU E 254 -19.09 10.99 0.15
C GLU E 254 -19.85 12.21 0.73
N LYS E 255 -21.15 12.04 0.92
CA LYS E 255 -21.97 13.14 1.44
C LYS E 255 -21.62 13.63 2.84
N ILE E 256 -21.30 12.71 3.76
CA ILE E 256 -20.97 13.15 5.12
C ILE E 256 -19.49 13.49 5.25
N GLY E 257 -18.77 13.44 4.14
CA GLY E 257 -17.42 13.97 4.12
C GLY E 257 -16.31 12.94 4.21
N PHE E 258 -16.61 11.68 3.93
CA PHE E 258 -15.55 10.66 3.86
C PHE E 258 -15.18 10.29 2.43
N GLY E 259 -15.48 11.18 1.48
CA GLY E 259 -15.39 10.87 0.07
C GLY E 259 -14.05 10.34 -0.38
N ASP E 260 -13.00 10.84 0.24
CA ASP E 260 -11.64 10.49 -0.16
C ASP E 260 -11.18 9.08 0.25
N ARG E 261 -11.98 8.35 1.03
CA ARG E 261 -11.62 6.97 1.35
C ARG E 261 -12.67 5.94 0.98
N VAL E 262 -13.61 6.32 0.13
CA VAL E 262 -14.63 5.39 -0.34
C VAL E 262 -13.99 4.30 -1.19
N ASP E 263 -12.71 4.44 -1.47
CA ASP E 263 -12.00 3.42 -2.20
C ASP E 263 -11.83 2.17 -1.35
N TYR E 264 -11.87 2.36 -0.02
CA TYR E 264 -11.81 1.22 0.89
C TYR E 264 -13.02 0.32 0.71
N ILE E 265 -14.17 0.93 0.40
CA ILE E 265 -15.39 0.15 0.20
C ILE E 265 -15.25 -0.75 -1.03
N ASP E 266 -14.52 -0.27 -2.04
CA ASP E 266 -14.29 -1.08 -3.23
C ASP E 266 -13.47 -2.31 -2.90
N TYR E 267 -12.55 -2.17 -1.95
CA TYR E 267 -11.71 -3.28 -1.50
C TYR E 267 -12.54 -4.33 -0.76
N LEU E 268 -13.48 -3.88 0.06
CA LEU E 268 -14.41 -4.77 0.72
C LEU E 268 -15.27 -5.55 -0.28
N ASN E 269 -15.28 -5.09 -1.53
CA ASN E 269 -16.13 -5.64 -2.59
C ASN E 269 -15.42 -6.66 -3.44
N HIS E 270 -14.15 -6.42 -3.70
CA HIS E 270 -13.37 -7.35 -4.47
C HIS E 270 -12.35 -7.91 -3.50
N SER E 271 -12.62 -9.11 -2.99
CA SER E 271 -11.84 -9.68 -1.91
C SER E 271 -11.35 -11.08 -2.21
N HIS E 272 -10.15 -11.40 -1.75
CA HIS E 272 -9.62 -12.74 -1.93
C HIS E 272 -9.58 -13.41 -0.57
N HIS E 273 -9.79 -14.72 -0.57
CA HIS E 273 -9.91 -15.47 0.64
C HIS E 273 -9.05 -16.69 0.50
N LEU E 274 -8.38 -17.06 1.58
CA LEU E 274 -7.63 -18.31 1.67
C LEU E 274 -8.39 -19.29 2.55
N TYR E 275 -8.81 -20.40 1.96
CA TYR E 275 -9.48 -21.45 2.74
C TYR E 275 -8.75 -22.77 2.61
N LYS E 276 -8.19 -23.24 3.71
CA LYS E 276 -7.40 -24.46 3.72
C LYS E 276 -6.33 -24.48 2.63
N ASN E 277 -6.66 -25.15 1.53
CA ASN E 277 -5.72 -25.37 0.44
C ASN E 277 -6.08 -24.59 -0.81
N LYS E 278 -7.08 -23.72 -0.70
CA LYS E 278 -7.60 -23.03 -1.86
C LYS E 278 -7.58 -21.51 -1.72
N THR E 279 -7.85 -20.84 -2.84
CA THR E 279 -7.95 -19.39 -2.87
C THR E 279 -9.13 -19.10 -3.76
N TYR E 280 -9.94 -18.12 -3.36
CA TYR E 280 -11.05 -17.70 -4.22
C TYR E 280 -11.22 -16.18 -4.22
N CYS E 281 -12.07 -15.71 -5.12
CA CYS E 281 -12.33 -14.29 -5.24
C CYS E 281 -13.82 -14.06 -5.14
N VAL E 282 -14.23 -13.03 -4.42
CA VAL E 282 -15.63 -12.73 -4.32
C VAL E 282 -15.84 -11.37 -4.91
N LYS E 283 -16.98 -11.17 -5.56
CA LYS E 283 -17.35 -9.89 -6.13
C LYS E 283 -18.66 -9.44 -5.55
N GLY E 284 -18.63 -8.28 -4.89
CA GLY E 284 -19.80 -7.86 -4.13
C GLY E 284 -19.73 -8.48 -2.76
N GLY E 285 -20.74 -8.19 -1.95
CA GLY E 285 -20.73 -8.68 -0.59
C GLY E 285 -19.59 -8.08 0.22
N MET E 286 -19.87 -7.91 1.51
CA MET E 286 -18.91 -7.36 2.45
C MET E 286 -18.49 -8.48 3.38
N PRO E 287 -17.19 -8.78 3.44
CA PRO E 287 -16.75 -9.86 4.33
C PRO E 287 -17.06 -9.52 5.79
N SER E 288 -17.60 -10.49 6.53
CA SER E 288 -18.09 -10.26 7.89
C SER E 288 -16.96 -9.92 8.87
N GLY E 289 -15.83 -10.61 8.74
CA GLY E 289 -14.70 -10.36 9.62
C GLY E 289 -13.89 -9.11 9.32
N CYS E 290 -14.45 -8.21 8.50
CA CYS E 290 -13.76 -6.96 8.22
C CYS E 290 -14.15 -5.84 9.19
N SER E 291 -13.23 -4.89 9.39
CA SER E 291 -13.49 -3.78 10.29
C SER E 291 -14.58 -2.87 9.74
N GLY E 292 -15.54 -2.54 10.60
CA GLY E 292 -16.61 -1.64 10.23
C GLY E 292 -17.88 -2.33 9.78
N THR E 293 -17.81 -3.64 9.56
CA THR E 293 -18.96 -4.36 9.03
C THR E 293 -20.24 -4.12 9.82
N SER E 294 -20.11 -4.02 11.15
CA SER E 294 -21.24 -3.69 12.01
C SER E 294 -21.91 -2.35 11.65
N ILE E 295 -21.13 -1.30 11.62
CA ILE E 295 -21.60 0.01 11.18
C ILE E 295 -22.12 0.01 9.73
N PHE E 296 -21.34 -0.54 8.79
CA PHE E 296 -21.77 -0.50 7.39
C PHE E 296 -23.03 -1.33 7.14
N ASN E 297 -23.13 -2.51 7.75
CA ASN E 297 -24.35 -3.29 7.60
C ASN E 297 -25.59 -2.52 8.12
N SER E 298 -25.47 -1.89 9.29
CA SER E 298 -26.54 -1.07 9.84
C SER E 298 -26.90 0.10 8.96
N MET E 299 -25.87 0.73 8.40
CA MET E 299 -26.05 1.81 7.45
C MET E 299 -26.84 1.35 6.21
N ILE E 300 -26.45 0.22 5.64
CA ILE E 300 -27.09 -0.24 4.41
C ILE E 300 -28.55 -0.58 4.72
N ASN E 301 -28.79 -1.19 5.89
CA ASN E 301 -30.16 -1.47 6.32
C ASN E 301 -31.01 -0.22 6.31
N ASN E 302 -30.46 0.86 6.84
CA ASN E 302 -31.16 2.14 6.79
C ASN E 302 -31.51 2.55 5.36
N LEU E 303 -30.62 2.26 4.41
CA LEU E 303 -30.82 2.57 3.01
C LEU E 303 -31.87 1.68 2.38
N ILE E 304 -31.77 0.37 2.66
CA ILE E 304 -32.69 -0.63 2.11
C ILE E 304 -34.15 -0.35 2.49
N ILE E 305 -34.39 0.04 3.72
CA ILE E 305 -35.75 0.22 4.21
C ILE E 305 -36.38 1.52 3.67
N ARG E 306 -35.63 2.60 3.64
CA ARG E 306 -36.07 3.82 2.99
C ARG E 306 -36.44 3.54 1.51
N THR E 307 -35.56 2.82 0.82
CA THR E 307 -35.75 2.51 -0.58
C THR E 307 -37.06 1.77 -0.80
N LEU E 308 -37.25 0.70 -0.03
CA LEU E 308 -38.46 -0.10 -0.13
C LEU E 308 -39.72 0.71 0.18
N LEU E 309 -39.64 1.62 1.14
CA LEU E 309 -40.80 2.42 1.49
C LEU E 309 -41.18 3.38 0.36
N LEU E 310 -40.17 3.99 -0.26
CA LEU E 310 -40.37 4.95 -1.35
C LEU E 310 -40.97 4.28 -2.58
N LYS E 311 -40.48 3.08 -2.88
CA LYS E 311 -40.98 2.27 -3.96
C LYS E 311 -42.43 1.78 -3.74
N THR E 312 -42.73 1.39 -2.51
CA THR E 312 -43.97 0.66 -2.22
C THR E 312 -45.14 1.60 -1.94
N TYR E 313 -44.85 2.70 -1.27
CA TYR E 313 -45.88 3.64 -0.86
C TYR E 313 -45.56 5.02 -1.40
N LYS E 314 -46.17 5.38 -2.52
CA LYS E 314 -45.85 6.68 -3.11
C LYS E 314 -46.29 7.80 -2.17
N GLY E 315 -45.44 8.81 -2.02
CA GLY E 315 -45.74 9.96 -1.18
C GLY E 315 -45.49 9.75 0.31
N ILE E 316 -44.77 8.68 0.66
CA ILE E 316 -44.41 8.45 2.05
C ILE E 316 -43.45 9.54 2.53
N ASP E 317 -43.59 9.99 3.78
CA ASP E 317 -42.69 11.00 4.33
C ASP E 317 -41.63 10.37 5.23
N LEU E 318 -40.40 10.28 4.74
CA LEU E 318 -39.33 9.60 5.45
C LEU E 318 -38.93 10.31 6.74
N ASP E 319 -39.26 11.59 6.86
CA ASP E 319 -39.04 12.28 8.13
C ASP E 319 -39.82 11.62 9.26
N HIS E 320 -40.83 10.83 8.92
CA HIS E 320 -41.64 10.15 9.92
C HIS E 320 -41.30 8.67 10.06
N LEU E 321 -40.21 8.25 9.44
CA LEU E 321 -39.69 6.93 9.68
C LEU E 321 -38.79 6.96 10.94
N LYS E 322 -39.04 6.06 11.86
CA LYS E 322 -38.16 5.89 13.01
C LYS E 322 -37.74 4.44 13.09
N MET E 323 -36.44 4.20 12.89
CA MET E 323 -35.93 2.85 12.85
C MET E 323 -34.56 2.73 13.50
N ILE E 324 -34.30 1.56 14.03
CA ILE E 324 -33.05 1.28 14.66
C ILE E 324 -32.65 -0.07 14.14
N ALA E 325 -31.47 -0.11 13.57
CA ALA E 325 -30.90 -1.33 13.04
C ALA E 325 -29.69 -1.72 13.86
N TYR E 326 -29.46 -3.03 13.94
CA TYR E 326 -28.20 -3.57 14.38
C TYR E 326 -27.81 -4.62 13.33
N GLY E 327 -27.00 -4.21 12.36
CA GLY E 327 -26.69 -5.06 11.23
C GLY E 327 -27.98 -5.32 10.48
N ASP E 328 -28.35 -6.59 10.33
CA ASP E 328 -29.54 -6.88 9.55
C ASP E 328 -30.81 -6.85 10.41
N ASP E 329 -30.62 -6.93 11.73
CA ASP E 329 -31.72 -6.83 12.66
C ASP E 329 -32.24 -5.40 12.64
N VAL E 330 -33.54 -5.25 12.86
CA VAL E 330 -34.20 -3.95 12.75
C VAL E 330 -35.55 -3.90 13.48
N ILE E 331 -35.77 -2.80 14.18
CA ILE E 331 -37.10 -2.45 14.66
C ILE E 331 -37.45 -1.09 14.02
N ALA E 332 -38.62 -1.01 13.40
CA ALA E 332 -38.96 0.17 12.61
C ALA E 332 -40.39 0.58 12.89
N SER E 333 -40.70 1.83 12.62
CA SER E 333 -41.99 2.39 12.93
C SER E 333 -42.36 3.50 11.96
N TYR E 334 -43.65 3.76 11.83
CA TYR E 334 -44.16 4.81 10.94
C TYR E 334 -45.51 5.19 11.52
N PRO E 335 -45.94 6.46 11.33
CA PRO E 335 -47.18 6.87 12.01
C PRO E 335 -48.43 6.16 11.51
N HIS E 336 -48.36 5.61 10.29
CA HIS E 336 -49.44 4.78 9.80
C HIS E 336 -48.88 3.40 9.49
N GLU E 337 -49.68 2.38 9.67
CA GLU E 337 -49.23 1.01 9.45
C GLU E 337 -48.76 0.81 8.03
N VAL E 338 -47.61 0.15 7.91
CA VAL E 338 -47.07 -0.27 6.63
C VAL E 338 -47.02 -1.80 6.60
N ASP E 339 -47.23 -2.36 5.42
CA ASP E 339 -47.42 -3.80 5.21
C ASP E 339 -46.08 -4.43 4.77
N ALA E 340 -45.49 -5.24 5.65
CA ALA E 340 -44.17 -5.81 5.38
C ALA E 340 -44.21 -6.90 4.33
N SER E 341 -45.39 -7.47 4.08
CA SER E 341 -45.55 -8.39 2.95
C SER E 341 -45.38 -7.61 1.63
N LEU E 342 -45.81 -6.35 1.64
CA LEU E 342 -45.64 -5.50 0.47
C LEU E 342 -44.19 -5.03 0.36
N LEU E 343 -43.58 -4.71 1.49
CA LEU E 343 -42.17 -4.33 1.48
C LEU E 343 -41.31 -5.48 0.95
N ALA E 344 -41.59 -6.71 1.40
CA ALA E 344 -40.88 -7.90 0.97
C ALA E 344 -41.02 -8.16 -0.55
N GLN E 345 -42.21 -7.92 -1.09
CA GLN E 345 -42.42 -8.03 -2.54
C GLN E 345 -41.44 -7.15 -3.32
N SER E 346 -41.35 -5.88 -2.96
CA SER E 346 -40.41 -4.93 -3.59
C SER E 346 -38.95 -5.30 -3.33
N GLY E 347 -38.70 -5.94 -2.19
CA GLY E 347 -37.36 -6.38 -1.86
C GLY E 347 -36.78 -7.34 -2.88
N LYS E 348 -37.63 -8.22 -3.41
CA LYS E 348 -37.23 -9.19 -4.41
C LYS E 348 -36.49 -8.53 -5.57
N ASP E 349 -36.95 -7.35 -5.96
CA ASP E 349 -36.35 -6.63 -7.09
C ASP E 349 -34.92 -6.17 -6.84
N TYR E 350 -34.54 -6.07 -5.57
CA TYR E 350 -33.19 -5.63 -5.25
C TYR E 350 -32.34 -6.79 -4.77
N GLY E 351 -32.84 -8.01 -4.97
CA GLY E 351 -32.12 -9.22 -4.55
C GLY E 351 -32.34 -9.68 -3.09
N LEU E 352 -33.19 -8.97 -2.36
CA LEU E 352 -33.37 -9.22 -0.95
C LEU E 352 -34.43 -10.27 -0.67
N THR E 353 -34.08 -11.24 0.17
CA THR E 353 -35.04 -12.21 0.65
C THR E 353 -35.53 -11.81 2.06
N MET E 354 -36.76 -11.31 2.10
CA MET E 354 -37.40 -10.84 3.32
C MET E 354 -38.56 -11.76 3.74
N THR E 355 -38.58 -12.14 5.01
CA THR E 355 -39.57 -13.09 5.51
C THR E 355 -40.23 -12.56 6.81
N PRO E 356 -41.28 -13.23 7.30
CA PRO E 356 -41.91 -12.69 8.51
C PRO E 356 -40.95 -12.66 9.71
N ALA E 357 -41.09 -11.64 10.54
CA ALA E 357 -40.27 -11.55 11.76
C ALA E 357 -40.44 -12.75 12.68
N ASP E 358 -39.34 -13.18 13.30
CA ASP E 358 -39.33 -14.31 14.24
C ASP E 358 -39.96 -15.58 13.66
N LYS E 359 -39.72 -15.81 12.38
CA LYS E 359 -40.01 -17.10 11.77
C LYS E 359 -41.48 -17.47 11.67
N SER E 360 -42.39 -16.53 11.85
CA SER E 360 -43.81 -16.82 11.55
C SER E 360 -43.93 -17.36 10.13
N ALA E 361 -44.90 -18.23 9.89
CA ALA E 361 -45.08 -18.74 8.54
C ALA E 361 -45.65 -17.64 7.66
N THR E 362 -46.36 -16.71 8.29
CA THR E 362 -46.98 -15.61 7.55
C THR E 362 -46.69 -14.24 8.16
N PHE E 363 -46.91 -13.20 7.39
CA PHE E 363 -46.67 -11.84 7.83
C PHE E 363 -47.82 -11.38 8.69
N GLU E 364 -47.53 -10.90 9.87
CA GLU E 364 -48.60 -10.50 10.78
C GLU E 364 -48.34 -9.18 11.45
N THR E 365 -49.40 -8.52 11.92
CA THR E 365 -49.21 -7.24 12.57
C THR E 365 -48.15 -7.39 13.66
N VAL E 366 -47.19 -6.48 13.63
CA VAL E 366 -46.20 -6.40 14.67
C VAL E 366 -46.71 -5.48 15.78
N THR E 367 -46.68 -5.99 17.01
CA THR E 367 -47.16 -5.25 18.16
C THR E 367 -46.07 -5.19 19.21
N TRP E 368 -46.23 -4.29 20.18
CA TRP E 368 -45.30 -4.27 21.30
C TRP E 368 -45.25 -5.62 22.03
N GLU E 369 -46.30 -6.40 21.88
CA GLU E 369 -46.39 -7.72 22.50
C GLU E 369 -45.54 -8.78 21.80
N ASN E 370 -45.38 -8.70 20.48
CA ASN E 370 -44.70 -9.76 19.75
C ASN E 370 -43.41 -9.34 19.05
N VAL E 371 -43.07 -8.07 19.13
CA VAL E 371 -41.90 -7.55 18.45
C VAL E 371 -40.63 -7.94 19.21
N THR E 372 -39.58 -8.28 18.49
CA THR E 372 -38.30 -8.59 19.12
C THR E 372 -37.17 -7.88 18.41
N PHE E 373 -36.13 -7.54 19.17
CA PHE E 373 -34.94 -6.90 18.64
C PHE E 373 -33.80 -7.48 19.49
N LEU E 374 -32.70 -7.86 18.84
CA LEU E 374 -31.57 -8.42 19.55
C LEU E 374 -31.99 -9.65 20.32
N LYS E 375 -32.99 -10.32 19.74
CA LYS E 375 -33.55 -11.55 20.31
C LYS E 375 -34.37 -11.34 21.57
N ARG E 376 -34.59 -10.09 21.96
CA ARG E 376 -35.33 -9.80 23.18
C ARG E 376 -36.72 -9.22 22.90
N PHE E 377 -37.65 -9.55 23.78
CA PHE E 377 -38.99 -9.01 23.73
C PHE E 377 -39.06 -7.75 24.58
N PHE E 378 -40.17 -7.03 24.49
CA PHE E 378 -40.37 -5.84 25.30
C PHE E 378 -41.54 -6.07 26.26
N ARG E 379 -41.32 -5.86 27.55
CA ARG E 379 -42.40 -6.01 28.53
C ARG E 379 -42.28 -4.97 29.61
N ALA E 380 -43.29 -4.14 29.72
CA ALA E 380 -43.37 -3.15 30.77
C ALA E 380 -43.25 -3.78 32.16
N ASP E 381 -42.45 -3.18 33.02
CA ASP E 381 -42.45 -3.54 34.42
C ASP E 381 -43.87 -3.40 35.01
N GLU E 382 -44.24 -4.32 35.88
CA GLU E 382 -45.56 -4.32 36.51
C GLU E 382 -45.71 -3.11 37.45
N LYS E 383 -44.66 -2.83 38.20
CA LYS E 383 -44.69 -1.75 39.18
C LYS E 383 -44.42 -0.39 38.49
N TYR E 384 -43.38 -0.33 37.65
CA TYR E 384 -43.03 0.88 36.93
C TYR E 384 -43.23 0.73 35.42
N PRO E 385 -44.44 1.06 34.92
CA PRO E 385 -44.87 0.84 33.53
C PRO E 385 -43.97 1.52 32.50
N PHE E 386 -43.45 2.70 32.81
CA PHE E 386 -42.52 3.38 31.92
C PHE E 386 -41.15 2.69 31.76
N LEU E 387 -40.83 1.74 32.64
CA LEU E 387 -39.57 0.99 32.51
C LEU E 387 -39.78 -0.35 31.82
N ILE E 388 -39.06 -0.58 30.75
CA ILE E 388 -39.32 -1.76 29.91
C ILE E 388 -38.21 -2.80 30.06
N HIS E 389 -38.61 -4.06 30.27
CA HIS E 389 -37.67 -5.17 30.35
C HIS E 389 -37.38 -5.69 28.97
N PRO E 390 -36.09 -5.97 28.69
CA PRO E 390 -35.72 -6.77 27.52
C PRO E 390 -35.82 -8.23 27.94
N VAL E 391 -36.79 -8.93 27.35
CA VAL E 391 -37.10 -10.28 27.79
C VAL E 391 -36.62 -11.28 26.76
N MET E 392 -35.47 -11.90 27.04
CA MET E 392 -34.98 -13.01 26.25
C MET E 392 -35.58 -14.32 26.74
N PRO E 393 -36.21 -15.07 25.84
CA PRO E 393 -36.95 -16.25 26.27
C PRO E 393 -36.00 -17.29 26.87
N MET E 394 -36.47 -18.00 27.89
CA MET E 394 -35.69 -19.04 28.53
C MET E 394 -35.11 -20.08 27.55
N LYS E 395 -35.79 -20.32 26.44
CA LYS E 395 -35.33 -21.35 25.51
C LYS E 395 -33.85 -21.22 25.17
N GLU E 396 -33.44 -20.00 24.81
CA GLU E 396 -32.06 -19.75 24.40
C GLU E 396 -31.08 -19.91 25.55
N ILE E 397 -31.48 -19.45 26.73
CA ILE E 397 -30.66 -19.57 27.91
C ILE E 397 -30.43 -21.04 28.27
N HIS E 398 -31.46 -21.86 28.06
CA HIS E 398 -31.33 -23.29 28.31
C HIS E 398 -30.37 -23.93 27.32
N GLU E 399 -30.40 -23.49 26.06
CA GLU E 399 -29.51 -24.05 25.04
C GLU E 399 -28.06 -23.77 25.40
N SER E 400 -27.82 -22.53 25.80
CA SER E 400 -26.49 -22.09 26.17
C SER E 400 -25.90 -22.82 27.37
N ILE E 401 -26.71 -22.96 28.43
CA ILE E 401 -26.22 -23.46 29.70
C ILE E 401 -25.80 -24.93 29.62
N ARG E 402 -26.24 -25.60 28.56
CA ARG E 402 -25.98 -27.04 28.35
C ARG E 402 -24.57 -27.33 27.84
N TRP E 403 -23.82 -26.28 27.47
CA TRP E 403 -22.50 -26.48 26.87
C TRP E 403 -21.49 -25.57 27.50
N THR E 404 -20.22 -25.95 27.39
CA THR E 404 -19.10 -25.17 27.88
C THR E 404 -17.87 -25.33 26.97
N LYS E 405 -17.03 -24.30 26.93
CA LYS E 405 -15.76 -24.37 26.21
C LYS E 405 -14.66 -24.74 27.18
N ASP E 406 -14.88 -24.42 28.45
CA ASP E 406 -13.94 -24.76 29.52
C ASP E 406 -14.71 -24.72 30.81
N PRO E 407 -14.84 -25.87 31.49
CA PRO E 407 -15.62 -25.93 32.72
C PRO E 407 -15.08 -24.98 33.80
N ARG E 408 -13.88 -24.42 33.60
CA ARG E 408 -13.38 -23.43 34.55
C ARG E 408 -14.19 -22.15 34.50
N ASN E 409 -15.02 -22.03 33.47
CA ASN E 409 -15.85 -20.84 33.26
C ASN E 409 -17.26 -20.96 33.81
N THR E 410 -17.57 -22.07 34.49
CA THR E 410 -18.95 -22.37 34.87
C THR E 410 -19.65 -21.24 35.60
N GLN E 411 -18.95 -20.64 36.57
CA GLN E 411 -19.55 -19.62 37.39
C GLN E 411 -19.87 -18.39 36.54
N ASP E 412 -18.85 -17.83 35.91
CA ASP E 412 -19.01 -16.70 34.99
C ASP E 412 -20.19 -16.92 34.04
N HIS E 413 -20.19 -18.10 33.42
CA HIS E 413 -21.15 -18.44 32.40
C HIS E 413 -22.58 -18.40 32.92
N VAL E 414 -22.85 -19.12 34.01
CA VAL E 414 -24.19 -19.22 34.58
C VAL E 414 -24.64 -17.87 35.16
N ARG E 415 -23.72 -17.14 35.71
CA ARG E 415 -24.10 -15.88 36.27
C ARG E 415 -24.51 -14.93 35.11
N SER E 416 -23.75 -14.91 34.03
CA SER E 416 -24.15 -14.09 32.89
C SER E 416 -25.55 -14.47 32.39
N LEU E 417 -25.84 -15.78 32.34
CA LEU E 417 -27.17 -16.22 31.93
C LEU E 417 -28.25 -15.73 32.87
N CYS E 418 -27.91 -15.62 34.16
CA CYS E 418 -28.84 -15.08 35.15
C CYS E 418 -29.26 -13.65 34.84
N LEU E 419 -28.31 -12.83 34.42
CA LEU E 419 -28.62 -11.43 34.15
C LEU E 419 -29.53 -11.30 32.93
N LEU E 420 -29.54 -12.32 32.08
CA LEU E 420 -30.45 -12.36 30.95
C LEU E 420 -31.79 -12.95 31.41
N ALA E 421 -31.73 -13.97 32.26
CA ALA E 421 -32.90 -14.74 32.68
C ALA E 421 -33.93 -14.02 33.55
N TRP E 422 -33.49 -13.17 34.45
CA TRP E 422 -34.39 -12.67 35.51
C TRP E 422 -35.46 -11.75 34.93
N HIS E 423 -35.22 -11.27 33.73
CA HIS E 423 -36.19 -10.37 33.12
C HIS E 423 -37.46 -11.13 32.77
N ASN E 424 -37.39 -12.46 32.77
CA ASN E 424 -38.57 -13.30 32.57
C ASN E 424 -39.48 -13.32 33.80
N GLY E 425 -39.03 -12.67 34.87
CA GLY E 425 -39.84 -12.53 36.06
C GLY E 425 -39.44 -13.46 37.20
N GLU E 426 -39.85 -13.10 38.41
CA GLU E 426 -39.44 -13.80 39.63
C GLU E 426 -39.78 -15.29 39.64
N GLU E 427 -40.95 -15.63 39.15
CA GLU E 427 -41.36 -17.02 39.14
C GLU E 427 -40.52 -17.92 38.18
N GLU E 428 -40.26 -17.47 36.96
CA GLU E 428 -39.43 -18.23 36.02
C GLU E 428 -37.97 -18.25 36.45
N TYR E 429 -37.50 -17.12 36.97
CA TYR E 429 -36.14 -17.02 37.48
C TYR E 429 -35.90 -17.99 38.62
N ASN E 430 -36.80 -18.00 39.62
CA ASN E 430 -36.67 -18.93 40.75
C ASN E 430 -36.69 -20.39 40.32
N LYS E 431 -37.52 -20.70 39.34
CA LYS E 431 -37.53 -22.06 38.78
C LYS E 431 -36.18 -22.36 38.11
N PHE E 432 -35.62 -21.38 37.44
CA PHE E 432 -34.30 -21.50 36.84
C PHE E 432 -33.23 -21.85 37.90
N LEU E 433 -33.17 -21.07 38.97
CA LEU E 433 -32.22 -21.33 40.05
C LEU E 433 -32.37 -22.75 40.67
N ALA E 434 -33.60 -23.19 40.85
CA ALA E 434 -33.83 -24.50 41.45
C ALA E 434 -33.18 -25.58 40.58
N LYS E 435 -33.47 -25.57 39.29
CA LYS E 435 -32.83 -26.49 38.36
C LYS E 435 -31.32 -26.47 38.46
N ILE E 436 -30.71 -25.29 38.33
CA ILE E 436 -29.28 -25.15 38.50
C ILE E 436 -28.80 -25.83 39.79
N ARG E 437 -29.55 -25.61 40.86
CA ARG E 437 -29.16 -26.12 42.17
C ARG E 437 -29.53 -27.60 42.34
N SER E 438 -30.14 -28.18 41.33
CA SER E 438 -30.56 -29.58 41.41
C SER E 438 -29.39 -30.55 41.22
N VAL E 439 -28.25 -30.03 40.78
CA VAL E 439 -27.02 -30.81 40.72
C VAL E 439 -25.95 -30.15 41.58
N PRO E 440 -25.00 -30.94 42.06
CA PRO E 440 -24.03 -30.48 43.06
C PRO E 440 -23.20 -29.28 42.61
N ILE E 441 -22.68 -29.31 41.39
CA ILE E 441 -21.90 -28.19 40.87
C ILE E 441 -22.67 -26.87 40.94
N GLY E 442 -23.99 -26.95 40.74
CA GLY E 442 -24.86 -25.79 40.77
C GLY E 442 -24.98 -25.21 42.16
N ARG E 443 -24.79 -26.04 43.18
CA ARG E 443 -24.83 -25.59 44.56
C ARG E 443 -23.51 -24.96 44.99
N ALA E 444 -22.50 -25.03 44.13
CA ALA E 444 -21.21 -24.40 44.45
C ALA E 444 -21.16 -23.01 43.85
N LEU E 445 -22.21 -22.65 43.11
CA LEU E 445 -22.23 -21.40 42.35
C LEU E 445 -22.87 -20.27 43.16
N ASP E 446 -22.27 -19.09 43.13
CA ASP E 446 -22.90 -17.94 43.75
C ASP E 446 -23.81 -17.18 42.76
N LEU E 447 -25.11 -17.33 42.95
CA LEU E 447 -26.10 -16.80 42.03
C LEU E 447 -27.00 -15.74 42.69
N PRO E 448 -27.19 -14.61 42.00
CA PRO E 448 -27.92 -13.45 42.55
C PRO E 448 -29.41 -13.77 42.73
N GLU E 449 -30.01 -13.28 43.80
CA GLU E 449 -31.43 -13.47 43.93
C GLU E 449 -32.18 -12.46 43.05
N TYR E 450 -33.42 -12.77 42.71
CA TYR E 450 -34.26 -11.89 41.92
C TYR E 450 -34.23 -10.47 42.43
N SER E 451 -34.42 -10.32 43.75
CA SER E 451 -34.64 -9.01 44.35
C SER E 451 -33.40 -8.16 44.27
N THR E 452 -32.25 -8.81 44.27
CA THR E 452 -30.98 -8.12 44.08
C THR E 452 -30.90 -7.57 42.65
N LEU E 453 -31.21 -8.41 41.66
CA LEU E 453 -31.15 -8.02 40.26
C LEU E 453 -32.14 -6.88 39.96
N TYR E 454 -33.35 -7.00 40.50
CA TYR E 454 -34.41 -6.04 40.27
C TYR E 454 -34.05 -4.67 40.87
N ARG E 455 -33.53 -4.67 42.10
CA ARG E 455 -33.13 -3.41 42.72
C ARG E 455 -31.98 -2.79 41.94
N ARG E 456 -31.09 -3.64 41.44
CA ARG E 456 -29.94 -3.18 40.68
C ARG E 456 -30.43 -2.51 39.40
N TRP E 457 -31.46 -3.10 38.79
CA TRP E 457 -32.03 -2.58 37.57
C TRP E 457 -32.68 -1.22 37.80
N LEU E 458 -33.63 -1.16 38.73
CA LEU E 458 -34.23 0.10 39.18
C LEU E 458 -33.22 1.21 39.47
N ASP E 459 -32.20 0.88 40.27
CA ASP E 459 -31.14 1.83 40.60
C ASP E 459 -30.43 2.40 39.38
N SER E 460 -30.20 1.55 38.39
CA SER E 460 -29.38 1.95 37.24
C SER E 460 -30.05 3.04 36.37
N PHE E 461 -31.31 3.35 36.67
CA PHE E 461 -31.99 4.43 35.96
C PHE E 461 -31.84 5.77 36.68
N GLY I 1 20.60 14.15 2.22
CA GLY I 1 19.78 13.62 3.29
C GLY I 1 20.62 13.21 4.48
N GLU I 2 20.08 13.34 5.67
CA GLU I 2 20.88 13.06 6.86
C GLU I 2 20.62 11.71 7.49
N ILE I 3 21.67 11.13 8.07
CA ILE I 3 21.51 9.90 8.84
C ILE I 3 20.82 10.24 10.17
N GLN I 4 19.88 9.39 10.57
CA GLN I 4 19.06 9.66 11.74
C GLN I 4 19.48 8.78 12.89
N TRP I 5 20.01 7.60 12.56
CA TRP I 5 20.60 6.75 13.58
C TRP I 5 21.47 5.65 12.99
N MET I 6 22.33 5.08 13.82
CA MET I 6 23.21 3.99 13.38
C MET I 6 23.37 2.97 14.49
N ARG I 7 22.97 1.72 14.22
CA ARG I 7 22.95 0.67 15.23
C ARG I 7 23.37 -0.66 14.64
N PRO I 8 24.07 -1.49 15.42
CA PRO I 8 24.48 -2.83 14.99
C PRO I 8 23.30 -3.66 14.47
N SER I 9 23.53 -4.41 13.40
CA SER I 9 22.44 -5.07 12.67
C SER I 9 21.71 -6.19 13.41
N LYS I 10 22.46 -7.09 14.05
CA LYS I 10 21.86 -8.19 14.79
C LYS I 10 21.06 -7.64 15.96
N GLU I 11 21.30 -6.38 16.26
CA GLU I 11 20.62 -5.65 17.32
C GLU I 11 19.27 -5.10 16.83
N VAL I 12 18.99 -5.21 15.54
CA VAL I 12 17.74 -4.72 14.96
C VAL I 12 17.09 -5.80 14.09
N GLY I 13 17.68 -6.98 14.09
CA GLY I 13 17.13 -8.10 13.35
C GLY I 13 17.75 -8.33 11.99
N TYR I 14 18.62 -7.41 11.57
CA TYR I 14 19.27 -7.51 10.25
C TYR I 14 20.63 -8.20 10.28
N PRO I 15 20.97 -8.89 9.18
CA PRO I 15 22.25 -9.61 9.09
C PRO I 15 23.46 -8.69 8.91
N ILE I 16 24.66 -9.27 9.09
CA ILE I 16 25.90 -8.59 8.75
C ILE I 16 26.27 -8.98 7.32
N ILE I 17 26.50 -8.00 6.47
CA ILE I 17 26.96 -8.25 5.09
C ILE I 17 28.36 -7.70 4.90
N ASN I 18 29.31 -8.56 4.55
CA ASN I 18 30.64 -8.07 4.25
C ASN I 18 31.01 -8.19 2.78
N ALA I 19 31.41 -7.06 2.20
CA ALA I 19 31.77 -7.03 0.79
C ALA I 19 33.22 -7.41 0.66
N PRO I 20 33.66 -7.68 -0.58
CA PRO I 20 35.07 -7.95 -0.87
C PRO I 20 35.91 -6.76 -0.46
N SER I 21 37.18 -6.99 -0.18
CA SER I 21 38.03 -5.92 0.33
C SER I 21 39.11 -5.57 -0.68
N LYS I 22 39.09 -6.25 -1.82
CA LYS I 22 40.10 -6.03 -2.84
C LYS I 22 39.46 -5.52 -4.12
N THR I 23 40.19 -4.69 -4.83
CA THR I 23 39.76 -4.20 -6.14
C THR I 23 39.87 -5.34 -7.18
N LYS I 24 39.02 -5.32 -8.20
CA LYS I 24 39.16 -6.24 -9.32
C LYS I 24 40.02 -5.62 -10.43
N LEU I 25 40.27 -4.31 -10.30
CA LEU I 25 41.06 -3.55 -11.23
C LEU I 25 42.55 -3.81 -11.08
N GLU I 26 43.20 -4.12 -12.19
CA GLU I 26 44.65 -4.37 -12.22
C GLU I 26 45.26 -3.75 -13.48
N PRO I 27 46.57 -3.46 -13.44
CA PRO I 27 47.22 -2.82 -14.59
C PRO I 27 47.07 -3.63 -15.86
N SER I 28 47.03 -2.89 -16.96
CA SER I 28 46.75 -3.42 -18.28
C SER I 28 48.07 -3.68 -19.02
N ALA I 29 48.00 -4.41 -20.12
CA ALA I 29 49.13 -4.48 -21.04
C ALA I 29 49.58 -3.08 -21.46
N PHE I 30 48.66 -2.12 -21.36
CA PHE I 30 48.91 -0.78 -21.88
C PHE I 30 49.17 0.26 -20.77
N HIS I 31 49.44 -0.22 -19.56
CA HIS I 31 49.57 0.63 -18.39
C HIS I 31 50.73 1.62 -18.51
N TYR I 32 51.79 1.22 -19.19
CA TYR I 32 52.95 2.09 -19.34
C TYR I 32 53.03 2.71 -20.72
N VAL I 33 52.23 2.20 -21.65
CA VAL I 33 52.17 2.79 -22.98
C VAL I 33 51.54 4.18 -22.94
N PHE I 34 50.52 4.32 -22.10
CA PHE I 34 49.82 5.59 -21.94
C PHE I 34 49.98 6.09 -20.51
N GLU I 35 49.82 7.39 -20.33
CA GLU I 35 49.84 7.94 -18.98
C GLU I 35 48.43 8.26 -18.47
N GLY I 36 48.34 8.43 -17.14
CA GLY I 36 47.09 8.75 -16.48
C GLY I 36 47.32 8.98 -15.00
N VAL I 37 46.35 9.62 -14.35
CA VAL I 37 46.47 9.95 -12.94
C VAL I 37 45.56 9.10 -12.04
N LYS I 38 44.58 8.43 -12.65
CA LYS I 38 43.57 7.68 -11.90
C LYS I 38 44.06 6.32 -11.44
N GLU I 39 43.56 5.91 -10.28
CA GLU I 39 43.82 4.57 -9.75
C GLU I 39 42.57 4.07 -8.99
N PRO I 40 42.48 2.75 -8.73
CA PRO I 40 41.32 2.14 -8.09
C PRO I 40 40.96 2.82 -6.77
N ALA I 41 39.67 3.03 -6.51
CA ALA I 41 39.21 3.76 -5.34
C ALA I 41 39.48 3.00 -4.04
N VAL I 42 39.62 3.73 -2.94
CA VAL I 42 39.77 3.09 -1.63
C VAL I 42 38.52 2.27 -1.31
N LEU I 43 38.75 1.01 -0.93
CA LEU I 43 37.67 0.09 -0.63
C LEU I 43 37.53 -0.18 0.87
N THR I 44 38.65 -0.16 1.61
CA THR I 44 38.63 -0.41 3.05
C THR I 44 39.39 0.63 3.86
N LYS I 45 39.27 0.51 5.17
CA LYS I 45 39.88 1.46 6.11
C LYS I 45 41.39 1.25 6.17
N ASN I 46 41.80 0.00 6.01
CA ASN I 46 43.21 -0.38 6.06
C ASN I 46 43.97 -0.12 4.76
N ASP I 47 43.70 1.01 4.12
CA ASP I 47 44.38 1.35 2.87
C ASP I 47 45.53 2.32 3.16
N PRO I 48 46.75 1.92 2.78
CA PRO I 48 47.94 2.76 2.98
C PRO I 48 47.82 4.11 2.27
N ARG I 49 47.17 4.14 1.11
CA ARG I 49 47.06 5.36 0.33
C ARG I 49 46.19 6.43 1.00
N LEU I 50 45.57 6.07 2.13
CA LEU I 50 44.66 7.00 2.82
C LEU I 50 45.37 8.08 3.63
N LYS I 51 44.99 9.33 3.42
CA LYS I 51 45.52 10.43 4.19
C LYS I 51 44.42 11.11 5.00
N THR I 52 43.49 10.30 5.50
CA THR I 52 42.35 10.82 6.24
C THR I 52 41.51 9.65 6.73
N ASP I 53 40.47 9.92 7.51
CA ASP I 53 39.62 8.83 8.02
C ASP I 53 38.61 8.40 6.96
N PHE I 54 38.58 7.10 6.67
CA PHE I 54 37.72 6.57 5.61
C PHE I 54 36.23 6.75 5.85
N GLU I 55 35.68 6.01 6.81
CA GLU I 55 34.24 6.06 7.10
C GLU I 55 33.73 7.48 7.35
N GLU I 56 34.58 8.34 7.91
CA GLU I 56 34.20 9.74 8.03
C GLU I 56 34.13 10.39 6.65
N ALA I 57 34.98 9.94 5.74
CA ALA I 57 35.07 10.50 4.39
C ALA I 57 33.91 10.09 3.49
N ILE I 58 33.57 8.80 3.51
CA ILE I 58 32.52 8.29 2.64
C ILE I 58 31.10 8.71 3.06
N PHE I 59 30.84 8.75 4.35
CA PHE I 59 29.53 9.13 4.85
C PHE I 59 29.39 10.63 5.08
N SER I 60 30.32 11.40 4.54
CA SER I 60 30.36 12.83 4.79
C SER I 60 29.35 13.59 3.95
N LYS I 61 28.84 12.95 2.91
CA LYS I 61 27.88 13.58 1.99
C LYS I 61 26.49 13.73 2.63
N TYR I 62 26.19 12.87 3.60
CA TYR I 62 24.90 12.90 4.24
C TYR I 62 24.74 14.12 5.14
N VAL I 63 24.35 15.24 4.54
CA VAL I 63 24.22 16.53 5.23
C VAL I 63 22.78 16.84 5.69
N GLY I 64 22.59 18.02 6.28
CA GLY I 64 21.29 18.42 6.83
C GLY I 64 20.30 18.91 5.79
N ASN I 65 19.04 18.50 5.92
CA ASN I 65 18.02 18.66 4.87
C ASN I 65 17.74 20.09 4.43
N LYS I 66 17.25 20.91 5.36
CA LYS I 66 16.94 22.32 5.09
C LYS I 66 15.52 22.55 4.57
N ILE I 67 15.44 23.24 3.43
CA ILE I 67 14.19 23.73 2.86
C ILE I 67 13.21 22.60 2.57
N THR I 68 11.94 22.84 2.91
CA THR I 68 10.94 21.79 2.83
C THR I 68 9.71 22.25 2.06
N GLU I 69 9.58 23.57 1.89
CA GLU I 69 8.38 24.11 1.26
C GLU I 69 8.54 24.48 -0.20
N VAL I 70 7.54 24.10 -0.98
CA VAL I 70 7.44 24.49 -2.37
C VAL I 70 7.01 25.98 -2.45
N ASP I 71 7.88 26.83 -3.01
CA ASP I 71 7.55 28.22 -3.22
C ASP I 71 6.87 28.40 -4.57
N GLU I 72 6.58 29.66 -4.90
CA GLU I 72 5.74 29.97 -6.05
C GLU I 72 6.44 29.62 -7.37
N TYR I 73 7.72 29.95 -7.45
CA TYR I 73 8.49 29.69 -8.64
C TYR I 73 8.52 28.20 -8.94
N MET I 74 8.75 27.40 -7.90
CA MET I 74 8.76 25.95 -8.05
C MET I 74 7.42 25.50 -8.58
N LYS I 75 6.35 26.03 -7.99
CA LYS I 75 5.01 25.68 -8.40
C LYS I 75 4.77 25.99 -9.87
N GLU I 76 5.26 27.14 -10.33
CA GLU I 76 5.13 27.41 -11.76
C GLU I 76 6.00 26.48 -12.60
N ALA I 77 7.24 26.25 -12.16
CA ALA I 77 8.09 25.23 -12.76
C ALA I 77 7.32 23.93 -12.92
N VAL I 78 6.68 23.50 -11.84
CA VAL I 78 5.95 22.24 -11.86
C VAL I 78 4.88 22.23 -12.96
N ASP I 79 4.12 23.32 -13.04
CA ASP I 79 3.02 23.39 -13.99
C ASP I 79 3.52 23.42 -15.40
N HIS I 80 4.65 24.07 -15.61
CA HIS I 80 5.14 24.16 -16.97
C HIS I 80 5.74 22.82 -17.42
N TYR I 81 6.51 22.20 -16.53
CA TYR I 81 7.15 20.95 -16.87
C TYR I 81 6.09 19.87 -17.08
N ALA I 82 5.17 19.78 -16.12
CA ALA I 82 4.10 18.80 -16.17
C ALA I 82 3.28 18.92 -17.46
N GLY I 83 2.95 20.16 -17.84
CA GLY I 83 2.12 20.40 -19.00
C GLY I 83 2.85 19.93 -20.24
N GLN I 84 4.17 19.94 -20.14
CA GLN I 84 5.02 19.55 -21.25
C GLN I 84 4.96 18.03 -21.42
N LEU I 85 5.10 17.31 -20.30
CA LEU I 85 5.02 15.84 -20.31
C LEU I 85 3.63 15.35 -20.69
N MET I 86 2.66 16.23 -20.47
CA MET I 86 1.25 15.96 -20.75
C MET I 86 1.02 15.68 -22.22
N SER I 87 1.83 16.31 -23.08
CA SER I 87 1.68 16.11 -24.52
C SER I 87 2.23 14.79 -25.05
N LEU I 88 2.95 14.03 -24.22
CA LEU I 88 3.45 12.74 -24.69
C LEU I 88 2.40 11.64 -24.55
N ASP I 89 1.29 11.93 -23.88
CA ASP I 89 0.26 10.91 -23.62
C ASP I 89 0.80 9.66 -22.92
N ILE I 90 1.39 9.84 -21.75
CA ILE I 90 1.99 8.72 -21.02
C ILE I 90 0.97 7.74 -20.43
N ASN I 91 1.14 6.44 -20.73
CA ASN I 91 0.29 5.42 -20.14
C ASN I 91 0.45 5.37 -18.62
N THR I 92 -0.63 5.62 -17.89
CA THR I 92 -0.56 5.84 -16.43
C THR I 92 -0.94 4.58 -15.66
N GLU I 93 -1.10 3.49 -16.39
CA GLU I 93 -1.48 2.24 -15.79
C GLU I 93 -0.29 1.57 -15.13
N GLN I 94 -0.58 0.81 -14.09
CA GLN I 94 0.44 -0.02 -13.48
C GLN I 94 0.93 -1.02 -14.53
N MET I 95 2.22 -1.33 -14.49
CA MET I 95 2.75 -2.37 -15.33
C MET I 95 2.54 -3.72 -14.65
N CYS I 96 2.15 -4.72 -15.42
CA CYS I 96 1.99 -6.07 -14.88
C CYS I 96 3.34 -6.65 -14.44
N LEU I 97 3.29 -7.51 -13.42
CA LEU I 97 4.48 -8.16 -12.88
C LEU I 97 5.43 -8.76 -13.94
N GLU I 98 4.86 -9.44 -14.94
CA GLU I 98 5.68 -10.10 -15.95
C GLU I 98 6.59 -9.10 -16.68
N ASP I 99 6.01 -8.02 -17.18
CA ASP I 99 6.77 -6.98 -17.85
C ASP I 99 7.66 -6.18 -16.92
N ALA I 100 7.22 -5.99 -15.69
CA ALA I 100 8.05 -5.29 -14.71
C ALA I 100 9.36 -6.02 -14.54
N MET I 101 9.30 -7.35 -14.56
CA MET I 101 10.47 -8.21 -14.32
C MET I 101 11.29 -8.42 -15.56
N TYR I 102 10.59 -8.68 -16.67
CA TYR I 102 11.20 -9.24 -17.87
C TYR I 102 11.33 -8.25 -19.00
N GLY I 103 10.69 -7.10 -18.84
CA GLY I 103 10.88 -6.02 -19.77
C GLY I 103 9.81 -6.00 -20.83
N THR I 104 9.61 -4.83 -21.43
CA THR I 104 8.67 -4.67 -22.53
C THR I 104 9.21 -3.61 -23.48
N ASP I 105 8.45 -3.25 -24.52
CA ASP I 105 8.93 -2.19 -25.39
C ASP I 105 9.28 -0.93 -24.61
N GLY I 106 10.55 -0.60 -24.54
CA GLY I 106 10.99 0.60 -23.85
C GLY I 106 11.63 0.37 -22.49
N LEU I 107 11.61 -0.85 -22.00
CA LEU I 107 12.15 -1.15 -20.68
C LEU I 107 12.87 -2.49 -20.67
N GLU I 108 14.19 -2.47 -20.51
CA GLU I 108 14.98 -3.70 -20.40
C GLU I 108 14.55 -4.53 -19.18
N ALA I 109 14.77 -5.84 -19.24
CA ALA I 109 14.48 -6.71 -18.10
C ALA I 109 15.41 -6.33 -16.99
N LEU I 110 15.06 -6.75 -15.78
CA LEU I 110 15.98 -6.65 -14.65
C LEU I 110 17.32 -7.30 -15.00
N ASP I 111 18.40 -6.69 -14.52
CA ASP I 111 19.75 -7.20 -14.73
C ASP I 111 20.02 -8.46 -13.92
N LEU I 112 20.07 -9.60 -14.61
CA LEU I 112 20.25 -10.90 -13.95
C LEU I 112 21.66 -11.13 -13.45
N SER I 113 22.59 -10.27 -13.82
CA SER I 113 23.96 -10.49 -13.45
C SER I 113 24.35 -9.69 -12.23
N THR I 114 23.39 -8.96 -11.64
CA THR I 114 23.69 -8.20 -10.43
C THR I 114 22.97 -8.76 -9.22
N SER I 115 23.41 -8.34 -8.04
CA SER I 115 22.88 -8.84 -6.79
C SER I 115 21.37 -8.68 -6.68
N ALA I 116 20.74 -9.63 -5.98
CA ALA I 116 19.33 -9.53 -5.66
C ALA I 116 19.07 -8.67 -4.42
N GLY I 117 20.13 -8.22 -3.76
CA GLY I 117 19.96 -7.35 -2.59
C GLY I 117 19.33 -8.04 -1.39
N TYR I 118 19.03 -7.29 -0.34
CA TYR I 118 18.47 -7.87 0.87
C TYR I 118 17.04 -8.38 0.63
N PRO I 119 16.69 -9.55 1.19
CA PRO I 119 17.42 -10.45 2.09
C PRO I 119 18.17 -11.56 1.36
N TYR I 120 17.94 -11.69 0.06
CA TYR I 120 18.51 -12.76 -0.74
C TYR I 120 20.03 -12.83 -0.68
N VAL I 121 20.65 -11.68 -0.51
CA VAL I 121 22.10 -11.59 -0.44
C VAL I 121 22.63 -12.37 0.77
N ALA I 122 21.79 -12.51 1.79
CA ALA I 122 22.18 -13.18 3.03
C ALA I 122 21.73 -14.65 3.09
N MET I 123 20.79 -15.04 2.23
CA MET I 123 20.41 -16.44 2.13
C MET I 123 21.10 -17.16 0.96
N GLY I 124 22.01 -16.49 0.28
CA GLY I 124 22.71 -17.10 -0.85
C GLY I 124 21.83 -17.31 -2.07
N LYS I 125 20.79 -16.50 -2.20
CA LYS I 125 19.88 -16.58 -3.33
C LYS I 125 20.24 -15.51 -4.39
N LYS I 126 20.14 -15.86 -5.66
CA LYS I 126 20.52 -14.94 -6.74
C LYS I 126 19.33 -14.60 -7.61
N LYS I 127 19.42 -13.50 -8.35
CA LYS I 127 18.34 -13.15 -9.26
C LYS I 127 18.03 -14.33 -10.16
N ARG I 128 19.09 -14.98 -10.66
CA ARG I 128 18.97 -16.10 -11.59
C ARG I 128 18.20 -17.27 -11.00
N ASP I 129 18.24 -17.40 -9.67
CA ASP I 129 17.49 -18.47 -9.01
C ASP I 129 16.00 -18.14 -8.99
N ILE I 130 15.67 -16.87 -9.15
CA ILE I 130 14.29 -16.45 -9.01
C ILE I 130 13.66 -16.23 -10.37
N LEU I 131 14.43 -15.63 -11.28
CA LEU I 131 13.93 -15.24 -12.60
C LEU I 131 14.30 -16.22 -13.71
N ASN I 132 13.48 -16.24 -14.75
CA ASN I 132 13.75 -17.11 -15.89
C ASN I 132 13.30 -16.42 -17.18
N LYS I 133 14.26 -15.91 -17.94
CA LYS I 133 13.90 -15.10 -19.07
C LYS I 133 13.12 -15.87 -20.13
N GLN I 134 13.39 -17.17 -20.25
CA GLN I 134 12.81 -17.96 -21.32
C GLN I 134 11.32 -18.23 -21.08
N THR I 135 10.98 -18.58 -19.84
CA THR I 135 9.58 -18.82 -19.49
C THR I 135 8.86 -17.55 -19.05
N ARG I 136 9.60 -16.61 -18.49
CA ARG I 136 9.01 -15.38 -17.99
C ARG I 136 8.02 -15.72 -16.85
N ASP I 137 8.40 -16.68 -16.04
CA ASP I 137 7.56 -17.09 -14.93
C ASP I 137 7.58 -16.05 -13.82
N THR I 138 6.41 -15.79 -13.25
CA THR I 138 6.32 -14.80 -12.19
C THR I 138 5.99 -15.44 -10.83
N LYS I 139 5.65 -16.72 -10.83
CA LYS I 139 5.19 -17.39 -9.62
C LYS I 139 6.14 -17.21 -8.45
N GLU I 140 7.42 -17.41 -8.69
CA GLU I 140 8.37 -17.33 -7.60
C GLU I 140 8.55 -15.90 -7.10
N MET I 141 8.46 -14.94 -8.01
CA MET I 141 8.61 -13.56 -7.59
C MET I 141 7.43 -13.17 -6.72
N GLN I 142 6.24 -13.56 -7.18
CA GLN I 142 5.02 -13.16 -6.53
C GLN I 142 5.04 -13.65 -5.08
N LYS I 143 5.43 -14.91 -4.90
CA LYS I 143 5.62 -15.53 -3.61
C LYS I 143 6.60 -14.75 -2.72
N LEU I 144 7.74 -14.39 -3.29
CA LEU I 144 8.73 -13.61 -2.55
C LEU I 144 8.20 -12.24 -2.15
N LEU I 145 7.36 -11.64 -2.98
CA LEU I 145 6.77 -10.34 -2.66
C LEU I 145 5.81 -10.50 -1.49
N ASP I 146 5.05 -11.60 -1.53
CA ASP I 146 4.11 -11.95 -0.48
C ASP I 146 4.86 -12.21 0.82
N THR I 147 5.98 -12.92 0.71
CA THR I 147 6.74 -13.30 1.88
C THR I 147 7.51 -12.16 2.57
N TYR I 148 8.15 -11.29 1.78
CA TYR I 148 9.03 -10.30 2.38
C TYR I 148 8.53 -8.87 2.18
N GLY I 149 7.55 -8.72 1.30
CA GLY I 149 6.98 -7.42 1.01
C GLY I 149 7.96 -6.45 0.37
N ILE I 150 7.69 -5.17 0.54
CA ILE I 150 8.56 -4.13 0.02
C ILE I 150 9.12 -3.23 1.14
N ASN I 151 9.79 -2.17 0.75
CA ASN I 151 10.47 -1.29 1.71
C ASN I 151 11.54 -1.96 2.54
N LEU I 152 12.24 -2.90 1.92
CA LEU I 152 13.38 -3.57 2.53
C LEU I 152 14.58 -2.65 2.57
N PRO I 153 15.54 -2.91 3.47
CA PRO I 153 16.72 -2.05 3.55
C PRO I 153 17.64 -2.27 2.35
N LEU I 154 18.45 -1.27 2.05
CA LEU I 154 19.40 -1.36 0.95
C LEU I 154 20.75 -1.76 1.50
N VAL I 155 21.52 -2.52 0.74
CA VAL I 155 22.83 -2.95 1.19
C VAL I 155 23.87 -1.99 0.63
N THR I 156 24.66 -1.39 1.51
CA THR I 156 25.69 -0.42 1.16
C THR I 156 27.01 -1.07 0.77
N TYR I 157 27.52 -0.70 -0.41
CA TYR I 157 28.83 -1.14 -0.85
C TYR I 157 29.63 0.06 -1.30
N VAL I 158 30.96 -0.04 -1.26
CA VAL I 158 31.82 0.96 -1.90
C VAL I 158 32.04 0.56 -3.36
N LYS I 159 31.96 1.51 -4.28
CA LYS I 159 32.07 1.18 -5.69
C LYS I 159 33.52 0.95 -6.11
N ASP I 160 33.77 -0.21 -6.70
CA ASP I 160 35.07 -0.53 -7.29
C ASP I 160 35.24 0.14 -8.68
N GLU I 161 36.02 1.22 -8.73
CA GLU I 161 36.20 2.00 -9.96
C GLU I 161 37.47 2.87 -9.86
N LEU I 162 37.85 3.50 -10.97
CA LEU I 162 39.03 4.37 -10.95
C LEU I 162 38.69 5.75 -10.42
N ARG I 163 39.56 6.30 -9.59
CA ARG I 163 39.38 7.63 -9.04
C ARG I 163 40.68 8.41 -9.17
N SER I 164 40.59 9.74 -9.25
CA SER I 164 41.79 10.57 -9.27
C SER I 164 42.62 10.36 -7.99
N LYS I 165 43.79 11.00 -7.92
CA LYS I 165 44.67 10.82 -6.75
C LYS I 165 44.12 11.47 -5.48
N THR I 166 43.63 12.69 -5.58
CA THR I 166 43.08 13.37 -4.40
C THR I 166 41.80 12.73 -3.88
N LYS I 167 41.06 12.04 -4.74
CA LYS I 167 39.87 11.31 -4.32
C LYS I 167 40.31 10.03 -3.60
N VAL I 168 41.50 9.54 -3.96
CA VAL I 168 42.05 8.35 -3.31
C VAL I 168 42.65 8.71 -1.95
N GLU I 169 43.45 9.76 -1.92
CA GLU I 169 44.07 10.24 -0.70
C GLU I 169 43.05 10.66 0.34
N GLN I 170 41.98 11.30 -0.13
CA GLN I 170 40.95 11.84 0.75
C GLN I 170 39.80 10.87 1.04
N GLY I 171 40.00 9.60 0.71
CA GLY I 171 38.99 8.58 0.95
C GLY I 171 37.62 8.89 0.36
N LYS I 172 37.59 9.70 -0.68
CA LYS I 172 36.33 9.99 -1.38
C LYS I 172 35.95 8.91 -2.41
N SER I 173 35.64 7.72 -1.92
CA SER I 173 35.11 6.66 -2.75
C SER I 173 33.58 6.77 -2.81
N ARG I 174 33.02 6.37 -3.93
CA ARG I 174 31.59 6.44 -4.13
C ARG I 174 30.92 5.28 -3.41
N LEU I 175 29.76 5.54 -2.81
CA LEU I 175 28.97 4.50 -2.20
C LEU I 175 27.83 4.09 -3.10
N ILE I 176 27.49 2.81 -3.05
CA ILE I 176 26.39 2.23 -3.77
C ILE I 176 25.34 1.73 -2.78
N GLU I 177 24.07 1.87 -3.12
CA GLU I 177 23.01 1.34 -2.30
C GLU I 177 22.29 0.25 -3.04
N ALA I 178 22.58 -1.01 -2.71
CA ALA I 178 21.98 -2.12 -3.42
C ALA I 178 20.50 -2.33 -3.10
N SER I 179 19.64 -2.01 -4.08
CA SER I 179 18.20 -2.15 -3.92
C SER I 179 17.78 -3.61 -3.87
N SER I 180 16.78 -3.91 -3.03
CA SER I 180 16.22 -5.25 -2.99
C SER I 180 15.54 -5.55 -4.32
N LEU I 181 15.54 -6.81 -4.69
CA LEU I 181 14.83 -7.28 -5.86
C LEU I 181 13.35 -6.89 -5.76
N ASN I 182 12.78 -7.08 -4.57
CA ASN I 182 11.37 -6.80 -4.33
C ASN I 182 11.01 -5.36 -4.60
N ASP I 183 11.84 -4.46 -4.10
CA ASP I 183 11.64 -3.03 -4.34
C ASP I 183 11.76 -2.62 -5.84
N SER I 184 12.73 -3.19 -6.55
CA SER I 184 12.90 -2.92 -7.97
C SER I 184 11.66 -3.37 -8.68
N VAL I 185 11.14 -4.54 -8.31
CA VAL I 185 9.95 -5.02 -8.98
C VAL I 185 8.75 -4.13 -8.69
N ALA I 186 8.65 -3.67 -7.44
CA ALA I 186 7.53 -2.82 -7.05
C ALA I 186 7.62 -1.49 -7.77
N MET I 187 8.81 -0.91 -7.84
CA MET I 187 9.01 0.37 -8.51
C MET I 187 8.64 0.30 -9.99
N ARG I 188 9.13 -0.74 -10.68
CA ARG I 188 8.84 -0.90 -12.11
C ARG I 188 7.36 -1.20 -12.36
N MET I 189 6.68 -1.77 -11.35
CA MET I 189 5.25 -2.01 -11.46
C MET I 189 4.46 -0.71 -11.34
N ALA I 190 4.96 0.22 -10.55
CA ALA I 190 4.30 1.51 -10.39
C ALA I 190 4.61 2.43 -11.56
N PHE I 191 5.90 2.55 -11.87
CA PHE I 191 6.40 3.58 -12.79
C PHE I 191 6.91 3.08 -14.13
N GLY I 192 6.73 1.79 -14.41
CA GLY I 192 7.24 1.20 -15.64
C GLY I 192 6.81 1.88 -16.93
N ASN I 193 5.54 2.27 -17.00
CA ASN I 193 5.06 2.96 -18.19
C ASN I 193 5.54 4.41 -18.29
N LEU I 194 5.99 4.96 -17.17
CA LEU I 194 6.63 6.26 -17.20
C LEU I 194 8.06 6.12 -17.70
N TYR I 195 8.80 5.13 -17.16
CA TYR I 195 10.16 4.86 -17.63
C TYR I 195 10.17 4.65 -19.14
N ALA I 196 9.25 3.84 -19.64
CA ALA I 196 9.24 3.54 -21.06
C ALA I 196 9.00 4.79 -21.89
N ALA I 197 8.01 5.59 -21.49
CA ALA I 197 7.74 6.86 -22.19
C ALA I 197 9.01 7.70 -22.34
N PHE I 198 9.73 7.84 -21.23
CA PHE I 198 11.01 8.55 -21.29
C PHE I 198 12.04 7.89 -22.21
N HIS I 199 12.17 6.58 -22.16
CA HIS I 199 13.22 5.95 -22.93
C HIS I 199 12.93 6.09 -24.42
N LYS I 200 11.65 6.09 -24.79
CA LYS I 200 11.28 6.24 -26.18
C LYS I 200 11.31 7.69 -26.67
N ASN I 201 11.56 8.64 -25.77
CA ASN I 201 11.44 10.04 -26.17
C ASN I 201 12.54 10.99 -25.68
N PRO I 202 13.83 10.63 -25.91
CA PRO I 202 14.93 11.53 -25.57
C PRO I 202 14.80 12.82 -26.36
N GLY I 203 14.97 13.97 -25.71
CA GLY I 203 14.78 15.25 -26.36
C GLY I 203 14.31 16.35 -25.42
N VAL I 204 13.77 17.42 -25.99
CA VAL I 204 13.39 18.60 -25.22
C VAL I 204 11.93 18.61 -24.75
N ILE I 205 11.18 17.56 -25.06
CA ILE I 205 9.83 17.41 -24.52
C ILE I 205 9.92 16.76 -23.14
N THR I 206 10.55 15.60 -23.09
CA THR I 206 10.89 15.00 -21.78
C THR I 206 11.96 15.84 -21.07
N GLY I 207 12.78 16.54 -21.86
CA GLY I 207 13.92 17.25 -21.31
C GLY I 207 14.92 16.25 -20.74
N SER I 208 15.00 15.09 -21.39
CA SER I 208 15.87 14.01 -20.95
C SER I 208 16.67 13.37 -22.09
N ALA I 209 17.94 13.02 -21.84
CA ALA I 209 18.72 12.25 -22.82
C ALA I 209 18.76 10.75 -22.58
N VAL I 210 18.05 10.27 -21.56
CA VAL I 210 17.98 8.83 -21.31
C VAL I 210 17.38 8.15 -22.53
N GLY I 211 18.05 7.11 -23.01
CA GLY I 211 17.59 6.44 -24.22
C GLY I 211 18.26 6.91 -25.51
N CYS I 212 19.12 7.90 -25.42
CA CYS I 212 19.81 8.39 -26.60
C CYS I 212 21.10 7.63 -26.98
N ASP I 213 21.47 7.72 -28.24
CA ASP I 213 22.73 7.20 -28.74
C ASP I 213 23.56 8.39 -29.24
N PRO I 214 24.54 8.83 -28.45
CA PRO I 214 25.24 10.07 -28.83
C PRO I 214 25.73 10.09 -30.28
N ASP I 215 26.25 8.99 -30.82
CA ASP I 215 26.71 9.00 -32.21
C ASP I 215 25.68 9.60 -33.16
N LEU I 216 24.40 9.40 -32.86
CA LEU I 216 23.32 9.89 -33.70
C LEU I 216 22.65 11.13 -33.13
N PHE I 217 22.62 11.21 -31.81
CA PHE I 217 21.80 12.21 -31.12
C PHE I 217 22.49 13.57 -31.14
N TRP I 218 23.82 13.54 -31.21
CA TRP I 218 24.55 14.78 -31.22
C TRP I 218 24.10 15.68 -32.36
N SER I 219 23.72 15.10 -33.50
CA SER I 219 23.36 15.90 -34.68
C SER I 219 21.98 16.57 -34.55
N LYS I 220 21.15 16.01 -33.68
CA LYS I 220 19.80 16.49 -33.42
C LYS I 220 19.84 17.61 -32.39
N ILE I 221 20.82 17.56 -31.48
CA ILE I 221 20.83 18.48 -30.34
C ILE I 221 20.90 19.96 -30.78
N PRO I 222 21.88 20.32 -31.63
CA PRO I 222 21.95 21.74 -32.02
C PRO I 222 20.67 22.24 -32.71
N VAL I 223 20.01 21.36 -33.45
CA VAL I 223 18.76 21.72 -34.10
C VAL I 223 17.69 22.03 -33.06
N LEU I 224 17.73 21.32 -31.95
CA LEU I 224 16.73 21.43 -30.91
C LEU I 224 16.96 22.58 -29.95
N MET I 225 18.20 23.03 -29.83
CA MET I 225 18.50 24.10 -28.89
C MET I 225 18.14 25.45 -29.49
N GLU I 226 17.81 26.40 -28.62
CA GLU I 226 17.70 27.80 -29.01
C GLU I 226 19.09 28.39 -29.30
N GLU I 227 19.15 29.67 -29.66
CA GLU I 227 20.41 30.31 -30.06
C GLU I 227 21.50 30.37 -28.99
N LYS I 228 21.09 30.46 -27.74
CA LYS I 228 22.05 30.77 -26.69
C LYS I 228 22.09 29.68 -25.63
N LEU I 229 23.22 29.00 -25.55
CA LEU I 229 23.38 27.92 -24.57
C LEU I 229 23.75 28.46 -23.22
N PHE I 230 23.43 27.70 -22.18
CA PHE I 230 24.05 27.91 -20.88
C PHE I 230 24.09 26.58 -20.20
N ALA I 231 24.97 26.45 -19.21
CA ALA I 231 25.13 25.21 -18.49
C ALA I 231 25.94 25.46 -17.24
N PHE I 232 26.03 24.45 -16.39
CA PHE I 232 26.79 24.55 -15.16
C PHE I 232 26.85 23.15 -14.54
N ASP I 233 27.69 23.00 -13.52
CA ASP I 233 27.82 21.76 -12.79
C ASP I 233 27.18 21.92 -11.41
N TYR I 234 26.76 20.80 -10.82
CA TYR I 234 26.34 20.78 -9.43
C TYR I 234 27.45 20.12 -8.65
N THR I 235 27.72 20.60 -7.45
CA THR I 235 28.52 19.85 -6.50
C THR I 235 27.60 19.02 -5.64
N GLY I 236 27.76 17.70 -5.69
CA GLY I 236 26.97 16.79 -4.85
C GLY I 236 25.48 16.94 -5.07
N TYR I 237 25.04 16.65 -6.29
CA TYR I 237 23.66 16.87 -6.70
C TYR I 237 22.63 16.21 -5.80
N ASP I 238 22.65 14.88 -5.79
CA ASP I 238 21.73 14.11 -4.98
C ASP I 238 21.72 14.53 -3.54
N ALA I 239 22.89 14.44 -2.91
CA ALA I 239 23.04 14.77 -1.49
C ALA I 239 22.42 16.11 -1.14
N SER I 240 22.37 17.02 -2.10
CA SER I 240 21.87 18.36 -1.83
C SER I 240 20.38 18.53 -2.10
N LEU I 241 19.73 17.50 -2.63
CA LEU I 241 18.31 17.64 -2.97
C LEU I 241 17.43 17.71 -1.72
N SER I 242 16.90 18.91 -1.46
CA SER I 242 16.09 19.16 -0.27
C SER I 242 14.70 18.55 -0.43
N PRO I 243 13.99 18.36 0.69
CA PRO I 243 12.64 17.77 0.64
C PRO I 243 11.70 18.53 -0.27
N ALA I 244 11.86 19.84 -0.37
CA ALA I 244 10.99 20.60 -1.25
C ALA I 244 11.01 20.04 -2.69
N TRP I 245 12.18 19.63 -3.17
CA TRP I 245 12.30 19.17 -4.56
C TRP I 245 11.51 17.89 -4.83
N PHE I 246 11.47 17.01 -3.85
CA PHE I 246 10.77 15.75 -3.99
C PHE I 246 9.26 15.97 -3.94
N GLU I 247 8.85 16.92 -3.11
CA GLU I 247 7.46 17.36 -3.11
C GLU I 247 7.09 17.91 -4.48
N ALA I 248 7.98 18.69 -5.08
CA ALA I 248 7.77 19.20 -6.43
C ALA I 248 7.63 18.04 -7.43
N LEU I 249 8.51 17.04 -7.30
CA LEU I 249 8.43 15.83 -8.11
C LEU I 249 7.06 15.15 -7.97
N LYS I 250 6.68 14.88 -6.74
CA LYS I 250 5.36 14.29 -6.44
C LYS I 250 4.22 15.05 -7.11
N MET I 251 4.35 16.36 -7.14
CA MET I 251 3.34 17.22 -7.77
C MET I 251 3.30 17.05 -9.28
N VAL I 252 4.47 16.87 -9.90
CA VAL I 252 4.52 16.56 -11.32
C VAL I 252 3.87 15.20 -11.55
N LEU I 253 4.19 14.22 -10.70
CA LEU I 253 3.62 12.88 -10.85
C LEU I 253 2.09 12.91 -10.71
N GLU I 254 1.57 13.65 -9.74
CA GLU I 254 0.11 13.77 -9.63
C GLU I 254 -0.52 14.38 -10.89
N LYS I 255 0.09 15.43 -11.43
CA LYS I 255 -0.46 16.08 -12.63
C LYS I 255 -0.49 15.21 -13.87
N ILE I 256 0.45 14.29 -14.01
CA ILE I 256 0.46 13.43 -15.20
C ILE I 256 -0.19 12.08 -15.01
N GLY I 257 -0.93 11.87 -13.91
CA GLY I 257 -1.73 10.68 -13.75
C GLY I 257 -1.15 9.57 -12.88
N PHE I 258 -0.02 9.85 -12.20
CA PHE I 258 0.59 8.86 -11.31
C PHE I 258 0.36 9.20 -9.82
N GLY I 259 -0.66 10.01 -9.55
CA GLY I 259 -0.91 10.54 -8.21
C GLY I 259 -1.06 9.48 -7.12
N ASP I 260 -1.57 8.32 -7.50
CA ASP I 260 -1.76 7.23 -6.56
C ASP I 260 -0.49 6.48 -6.13
N ARG I 261 0.67 6.74 -6.74
CA ARG I 261 1.91 6.11 -6.26
C ARG I 261 3.01 7.09 -5.83
N VAL I 262 2.63 8.34 -5.63
CA VAL I 262 3.55 9.33 -5.09
C VAL I 262 4.06 8.92 -3.70
N ASP I 263 3.28 8.10 -3.01
CA ASP I 263 3.70 7.41 -1.79
C ASP I 263 5.07 6.74 -1.95
N TYR I 264 5.31 6.12 -3.10
CA TYR I 264 6.61 5.48 -3.36
C TYR I 264 7.75 6.48 -3.23
N ILE I 265 7.51 7.71 -3.67
CA ILE I 265 8.52 8.74 -3.51
C ILE I 265 8.82 8.96 -2.04
N ASP I 266 7.78 8.95 -1.21
CA ASP I 266 7.98 9.14 0.23
C ASP I 266 8.80 8.00 0.82
N TYR I 267 8.52 6.77 0.40
CA TYR I 267 9.36 5.62 0.76
C TYR I 267 10.84 5.83 0.39
N LEU I 268 11.12 6.27 -0.83
CA LEU I 268 12.50 6.61 -1.19
C LEU I 268 13.17 7.58 -0.21
N ASN I 269 12.44 8.61 0.21
CA ASN I 269 12.96 9.65 1.11
C ASN I 269 13.28 9.18 2.51
N HIS I 270 12.86 7.95 2.83
CA HIS I 270 13.02 7.44 4.16
C HIS I 270 13.50 6.01 4.06
N SER I 271 14.81 5.82 4.07
CA SER I 271 15.37 4.52 3.73
C SER I 271 16.35 4.01 4.76
N HIS I 272 16.46 2.69 4.85
CA HIS I 272 17.36 2.03 5.77
C HIS I 272 18.45 1.31 5.02
N HIS I 273 19.65 1.32 5.60
CA HIS I 273 20.83 0.84 4.91
C HIS I 273 21.64 -0.09 5.77
N LEU I 274 22.06 -1.21 5.17
CA LEU I 274 22.92 -2.19 5.84
C LEU I 274 24.35 -2.01 5.36
N TYR I 275 25.22 -1.53 6.25
CA TYR I 275 26.62 -1.37 5.89
C TYR I 275 27.49 -2.21 6.82
N LYS I 276 27.90 -3.37 6.34
CA LYS I 276 28.68 -4.33 7.14
C LYS I 276 27.87 -4.88 8.31
N ASN I 277 28.25 -4.50 9.52
CA ASN I 277 27.56 -4.96 10.72
C ASN I 277 26.66 -3.88 11.31
N LYS I 278 26.53 -2.76 10.60
CA LYS I 278 25.75 -1.62 11.07
C LYS I 278 24.54 -1.32 10.19
N THR I 279 23.44 -0.95 10.84
CA THR I 279 22.23 -0.45 10.18
C THR I 279 22.05 1.03 10.44
N TYR I 280 21.64 1.79 9.42
CA TYR I 280 21.35 3.20 9.63
C TYR I 280 20.11 3.66 8.88
N CYS I 281 19.62 4.84 9.23
CA CYS I 281 18.43 5.39 8.61
C CYS I 281 18.77 6.76 8.04
N VAL I 282 18.13 7.09 6.92
CA VAL I 282 18.41 8.31 6.22
C VAL I 282 17.09 8.99 5.94
N LYS I 283 17.01 10.29 6.22
CA LYS I 283 15.81 11.03 5.91
C LYS I 283 16.16 12.01 4.82
N GLY I 284 15.30 12.12 3.82
CA GLY I 284 15.60 12.97 2.68
C GLY I 284 16.49 12.25 1.69
N GLY I 285 16.65 12.81 0.51
CA GLY I 285 17.45 12.19 -0.53
C GLY I 285 16.78 10.98 -1.13
N MET I 286 17.45 10.40 -2.12
CA MET I 286 16.93 9.27 -2.87
C MET I 286 18.14 8.39 -3.13
N PRO I 287 18.07 7.12 -2.72
CA PRO I 287 19.27 6.29 -2.91
C PRO I 287 19.52 6.03 -4.40
N SER I 288 20.77 6.03 -4.83
CA SER I 288 21.13 5.93 -6.23
C SER I 288 20.78 4.56 -6.86
N GLY I 289 20.83 3.54 -6.02
CA GLY I 289 20.63 2.18 -6.46
C GLY I 289 19.18 1.78 -6.62
N CYS I 290 18.27 2.70 -6.34
CA CYS I 290 16.85 2.39 -6.52
C CYS I 290 16.47 2.50 -7.98
N SER I 291 15.48 1.73 -8.40
CA SER I 291 14.86 1.88 -9.71
C SER I 291 14.26 3.27 -9.95
N GLY I 292 14.53 3.83 -11.13
CA GLY I 292 13.94 5.10 -11.56
C GLY I 292 14.76 6.34 -11.26
N THR I 293 15.86 6.17 -10.54
CA THR I 293 16.59 7.33 -10.04
C THR I 293 17.08 8.21 -11.16
N SER I 294 17.55 7.57 -12.23
CA SER I 294 18.00 8.24 -13.45
C SER I 294 16.91 9.16 -14.04
N ILE I 295 15.71 8.63 -14.16
CA ILE I 295 14.58 9.41 -14.62
C ILE I 295 14.05 10.45 -13.61
N PHE I 296 13.99 10.09 -12.33
CA PHE I 296 13.57 11.05 -11.28
C PHE I 296 14.55 12.21 -11.15
N ASN I 297 15.83 11.90 -11.26
CA ASN I 297 16.84 12.94 -11.20
C ASN I 297 16.77 13.87 -12.39
N SER I 298 16.50 13.33 -13.58
CA SER I 298 16.39 14.15 -14.77
C SER I 298 15.17 15.05 -14.68
N MET I 299 14.05 14.48 -14.23
CA MET I 299 12.85 15.29 -13.97
C MET I 299 13.12 16.42 -12.96
N ILE I 300 13.86 16.15 -11.89
CA ILE I 300 14.09 17.21 -10.91
C ILE I 300 14.97 18.33 -11.47
N ASN I 301 16.01 17.95 -12.22
CA ASN I 301 16.84 18.93 -12.94
C ASN I 301 15.96 19.83 -13.80
N ASN I 302 14.95 19.24 -14.43
CA ASN I 302 14.03 20.01 -15.26
C ASN I 302 13.26 21.05 -14.45
N LEU I 303 12.78 20.64 -13.27
CA LEU I 303 12.14 21.56 -12.33
C LEU I 303 13.10 22.61 -11.75
N ILE I 304 14.31 22.19 -11.37
CA ILE I 304 15.29 23.11 -10.78
C ILE I 304 15.69 24.25 -11.70
N ILE I 305 15.84 23.95 -12.98
CA ILE I 305 16.25 24.97 -13.91
C ILE I 305 15.11 25.96 -14.19
N ARG I 306 13.91 25.44 -14.40
CA ARG I 306 12.76 26.31 -14.61
C ARG I 306 12.65 27.29 -13.44
N THR I 307 12.86 26.78 -12.24
CA THR I 307 12.66 27.55 -11.02
C THR I 307 13.68 28.70 -10.92
N LEU I 308 14.94 28.39 -11.28
CA LEU I 308 16.02 29.36 -11.17
C LEU I 308 15.87 30.48 -12.20
N LEU I 309 15.40 30.11 -13.40
CA LEU I 309 15.08 31.08 -14.42
C LEU I 309 13.95 32.03 -14.03
N LEU I 310 12.88 31.46 -13.47
CA LEU I 310 11.70 32.23 -13.05
C LEU I 310 12.08 33.20 -11.95
N LYS I 311 12.87 32.72 -11.01
CA LYS I 311 13.34 33.56 -9.93
C LYS I 311 14.35 34.59 -10.38
N THR I 312 15.29 34.21 -11.24
CA THR I 312 16.37 35.11 -11.63
C THR I 312 15.93 36.17 -12.65
N TYR I 313 15.09 35.78 -13.60
CA TYR I 313 14.71 36.66 -14.70
C TYR I 313 13.21 36.88 -14.72
N LYS I 314 12.75 37.96 -14.12
CA LYS I 314 11.34 38.27 -14.15
C LYS I 314 10.88 38.31 -15.62
N GLY I 315 9.75 37.68 -15.90
CA GLY I 315 9.12 37.75 -17.21
C GLY I 315 9.71 36.86 -18.30
N ILE I 316 10.48 35.85 -17.92
CA ILE I 316 11.05 34.91 -18.89
C ILE I 316 9.95 33.97 -19.38
N ASP I 317 10.02 33.58 -20.66
CA ASP I 317 9.04 32.62 -21.23
C ASP I 317 9.60 31.19 -21.33
N LEU I 318 9.12 30.33 -20.46
CA LEU I 318 9.63 28.96 -20.34
C LEU I 318 9.35 28.12 -21.58
N ASP I 319 8.39 28.55 -22.39
CA ASP I 319 8.14 27.88 -23.67
C ASP I 319 9.35 27.95 -24.62
N HIS I 320 10.23 28.91 -24.38
CA HIS I 320 11.41 29.07 -25.21
C HIS I 320 12.64 28.49 -24.53
N LEU I 321 12.42 27.78 -23.43
CA LEU I 321 13.51 27.08 -22.80
C LEU I 321 13.63 25.71 -23.45
N LYS I 322 14.79 25.45 -24.05
CA LYS I 322 15.06 24.15 -24.62
C LYS I 322 16.20 23.48 -23.86
N MET I 323 15.90 22.38 -23.17
CA MET I 323 16.92 21.74 -22.34
C MET I 323 16.80 20.24 -22.33
N ILE I 324 17.95 19.61 -22.07
CA ILE I 324 18.05 18.16 -22.04
C ILE I 324 18.93 17.80 -20.86
N ALA I 325 18.37 17.05 -19.91
CA ALA I 325 19.14 16.59 -18.80
C ALA I 325 19.42 15.09 -18.89
N TYR I 326 20.51 14.68 -18.27
CA TYR I 326 20.76 13.28 -17.97
C TYR I 326 21.14 13.21 -16.50
N GLY I 327 20.18 12.95 -15.63
CA GLY I 327 20.41 13.13 -14.22
C GLY I 327 20.83 14.57 -13.96
N ASP I 328 21.96 14.77 -13.33
CA ASP I 328 22.39 16.11 -13.00
C ASP I 328 23.11 16.80 -14.16
N ASP I 329 23.57 16.04 -15.14
CA ASP I 329 24.21 16.62 -16.31
C ASP I 329 23.15 17.34 -17.13
N VAL I 330 23.50 18.47 -17.73
CA VAL I 330 22.51 19.28 -18.43
C VAL I 330 23.13 20.14 -19.54
N ILE I 331 22.41 20.24 -20.65
CA ILE I 331 22.73 21.18 -21.68
C ILE I 331 21.46 21.99 -21.90
N ALA I 332 21.58 23.30 -21.81
CA ALA I 332 20.40 24.15 -21.82
C ALA I 332 20.55 25.30 -22.79
N SER I 333 19.44 25.86 -23.21
CA SER I 333 19.46 26.96 -24.15
C SER I 333 18.23 27.86 -23.98
N TYR I 334 18.36 29.11 -24.41
CA TYR I 334 17.27 30.07 -24.35
C TYR I 334 17.57 31.09 -25.45
N PRO I 335 16.53 31.72 -26.03
CA PRO I 335 16.80 32.55 -27.22
C PRO I 335 17.63 33.80 -26.90
N HIS I 336 17.70 34.19 -25.64
CA HIS I 336 18.61 35.26 -25.22
C HIS I 336 19.58 34.74 -24.16
N GLU I 337 20.79 35.27 -24.15
CA GLU I 337 21.78 34.86 -23.17
C GLU I 337 21.24 34.96 -21.76
N VAL I 338 21.46 33.91 -20.98
CA VAL I 338 21.25 33.96 -19.53
C VAL I 338 22.58 33.70 -18.84
N ASP I 339 22.69 34.21 -17.61
CA ASP I 339 23.95 34.30 -16.92
C ASP I 339 24.02 33.22 -15.84
N ALA I 340 24.77 32.15 -16.09
CA ALA I 340 24.82 31.03 -15.16
C ALA I 340 25.44 31.41 -13.79
N SER I 341 26.24 32.46 -13.74
CA SER I 341 26.70 32.96 -12.45
C SER I 341 25.49 33.48 -11.65
N LEU I 342 24.51 34.04 -12.35
CA LEU I 342 23.30 34.54 -11.70
C LEU I 342 22.38 33.39 -11.29
N LEU I 343 22.20 32.41 -12.17
CA LEU I 343 21.39 31.24 -11.81
C LEU I 343 21.95 30.58 -10.56
N ALA I 344 23.27 30.53 -10.44
CA ALA I 344 23.92 29.84 -9.33
C ALA I 344 23.69 30.55 -8.01
N GLN I 345 23.56 31.87 -8.06
CA GLN I 345 23.32 32.67 -6.87
C GLN I 345 21.93 32.38 -6.31
N SER I 346 20.93 32.35 -7.19
CA SER I 346 19.61 31.89 -6.81
C SER I 346 19.65 30.46 -6.26
N GLY I 347 20.49 29.62 -6.83
CA GLY I 347 20.57 28.22 -6.42
C GLY I 347 20.88 28.04 -4.95
N LYS I 348 21.63 28.99 -4.38
CA LYS I 348 22.00 28.94 -2.97
C LYS I 348 20.76 28.92 -2.06
N ASP I 349 19.74 29.67 -2.44
CA ASP I 349 18.52 29.76 -1.64
C ASP I 349 17.84 28.40 -1.53
N TYR I 350 18.12 27.52 -2.47
CA TYR I 350 17.52 26.20 -2.48
C TYR I 350 18.52 25.14 -2.04
N GLY I 351 19.65 25.59 -1.50
CA GLY I 351 20.65 24.69 -1.00
C GLY I 351 21.45 23.99 -2.08
N LEU I 352 21.45 24.56 -3.29
CA LEU I 352 22.14 23.95 -4.42
C LEU I 352 23.50 24.58 -4.62
N THR I 353 24.50 23.75 -4.92
CA THR I 353 25.84 24.26 -5.18
C THR I 353 26.20 24.12 -6.66
N MET I 354 26.11 25.24 -7.36
CA MET I 354 26.33 25.27 -8.80
C MET I 354 27.65 25.94 -9.16
N THR I 355 28.39 25.33 -10.08
CA THR I 355 29.69 25.86 -10.47
C THR I 355 29.85 25.95 -12.01
N PRO I 356 30.93 26.61 -12.46
CA PRO I 356 31.17 26.70 -13.91
C PRO I 356 31.23 25.33 -14.57
N ALA I 357 30.73 25.23 -15.81
CA ALA I 357 30.73 23.95 -16.51
C ALA I 357 32.14 23.41 -16.78
N ASP I 358 32.26 22.10 -16.71
CA ASP I 358 33.53 21.41 -16.96
C ASP I 358 34.68 21.93 -16.08
N LYS I 359 34.37 22.19 -14.82
CA LYS I 359 35.42 22.45 -13.84
C LYS I 359 36.23 23.72 -14.12
N SER I 360 35.67 24.64 -14.90
CA SER I 360 36.33 25.93 -15.10
C SER I 360 36.38 26.74 -13.80
N ALA I 361 37.41 27.56 -13.64
CA ALA I 361 37.56 28.35 -12.42
C ALA I 361 36.53 29.48 -12.36
N THR I 362 36.08 29.92 -13.52
CA THR I 362 35.18 31.07 -13.61
C THR I 362 34.02 30.80 -14.56
N PHE I 363 32.90 31.46 -14.32
CA PHE I 363 31.73 31.30 -15.18
C PHE I 363 31.99 31.99 -16.51
N GLU I 364 31.96 31.22 -17.59
CA GLU I 364 32.24 31.79 -18.92
C GLU I 364 31.16 31.44 -19.93
N THR I 365 31.07 32.23 -20.98
CA THR I 365 30.10 31.93 -22.03
C THR I 365 30.28 30.52 -22.57
N VAL I 366 29.14 29.83 -22.72
CA VAL I 366 29.10 28.49 -23.28
C VAL I 366 28.79 28.63 -24.74
N THR I 367 29.62 28.00 -25.57
CA THR I 367 29.46 28.04 -27.02
C THR I 367 29.45 26.61 -27.53
N TRP I 368 29.06 26.42 -28.78
CA TRP I 368 29.20 25.10 -29.36
C TRP I 368 30.62 24.53 -29.27
N GLU I 369 31.60 25.41 -29.14
CA GLU I 369 33.01 25.02 -29.06
C GLU I 369 33.44 24.44 -27.73
N ASN I 370 32.95 25.00 -26.64
CA ASN I 370 33.36 24.53 -25.32
C ASN I 370 32.29 23.78 -24.53
N VAL I 371 31.09 23.62 -25.09
CA VAL I 371 30.01 22.95 -24.37
C VAL I 371 30.22 21.45 -24.41
N THR I 372 29.96 20.78 -23.29
CA THR I 372 29.99 19.32 -23.23
C THR I 372 28.73 18.73 -22.58
N PHE I 373 28.50 17.46 -22.85
CA PHE I 373 27.34 16.77 -22.33
C PHE I 373 27.73 15.28 -22.41
N LEU I 374 27.48 14.52 -21.34
CA LEU I 374 27.85 13.11 -21.31
C LEU I 374 29.34 12.99 -21.57
N LYS I 375 30.07 14.01 -21.09
CA LYS I 375 31.53 14.10 -21.22
C LYS I 375 32.08 14.24 -22.65
N ARG I 376 31.19 14.58 -23.58
CA ARG I 376 31.54 14.75 -25.00
C ARG I 376 31.37 16.19 -25.50
N PHE I 377 32.28 16.61 -26.36
CA PHE I 377 32.21 17.87 -27.06
C PHE I 377 31.41 17.72 -28.37
N PHE I 378 31.14 18.84 -29.02
CA PHE I 378 30.38 18.85 -30.26
C PHE I 378 31.27 19.42 -31.34
N ARG I 379 31.42 18.68 -32.44
CA ARG I 379 32.26 19.11 -33.55
C ARG I 379 31.60 18.72 -34.86
N ALA I 380 31.29 19.69 -35.69
CA ALA I 380 30.70 19.38 -36.98
C ALA I 380 31.71 18.62 -37.82
N ASP I 381 31.21 17.66 -38.60
CA ASP I 381 32.03 17.00 -39.60
C ASP I 381 32.50 17.99 -40.68
N GLU I 382 33.77 17.91 -41.05
CA GLU I 382 34.33 18.86 -42.02
C GLU I 382 33.77 18.65 -43.42
N LYS I 383 33.39 17.41 -43.73
CA LYS I 383 32.76 17.17 -45.02
C LYS I 383 31.26 17.46 -44.95
N TYR I 384 30.58 16.85 -43.99
CA TYR I 384 29.14 17.04 -43.82
C TYR I 384 28.83 17.87 -42.59
N PRO I 385 28.82 19.21 -42.73
CA PRO I 385 28.79 20.12 -41.59
C PRO I 385 27.52 19.98 -40.74
N PHE I 386 26.44 19.47 -41.31
CA PHE I 386 25.20 19.23 -40.55
C PHE I 386 25.27 17.96 -39.69
N LEU I 387 26.32 17.17 -39.85
CA LEU I 387 26.53 15.99 -39.00
C LEU I 387 27.54 16.29 -37.92
N ILE I 388 27.14 16.06 -36.67
CA ILE I 388 27.95 16.44 -35.53
C ILE I 388 28.59 15.24 -34.81
N HIS I 389 29.91 15.29 -34.65
CA HIS I 389 30.66 14.28 -33.89
C HIS I 389 30.56 14.52 -32.39
N PRO I 390 30.26 13.46 -31.62
CA PRO I 390 30.42 13.57 -30.17
C PRO I 390 31.89 13.30 -29.84
N VAL I 391 32.59 14.32 -29.38
CA VAL I 391 34.02 14.17 -29.17
C VAL I 391 34.40 14.01 -27.70
N MET I 392 34.76 12.78 -27.34
CA MET I 392 35.28 12.56 -26.01
C MET I 392 36.78 12.71 -26.08
N PRO I 393 37.34 13.47 -25.17
CA PRO I 393 38.77 13.73 -25.07
C PRO I 393 39.57 12.46 -24.82
N MET I 394 40.72 12.35 -25.48
CA MET I 394 41.58 11.17 -25.36
C MET I 394 42.01 10.92 -23.94
N LYS I 395 42.12 11.99 -23.15
CA LYS I 395 42.55 11.86 -21.77
C LYS I 395 41.82 10.73 -21.02
N GLU I 396 40.49 10.69 -21.13
CA GLU I 396 39.69 9.74 -20.37
C GLU I 396 39.83 8.34 -20.94
N ILE I 397 39.94 8.27 -22.25
CA ILE I 397 40.22 7.03 -22.93
C ILE I 397 41.57 6.44 -22.50
N HIS I 398 42.57 7.30 -22.31
CA HIS I 398 43.86 6.82 -21.88
C HIS I 398 43.81 6.31 -20.44
N GLU I 399 43.05 7.01 -19.60
CA GLU I 399 42.87 6.56 -18.22
C GLU I 399 42.28 5.15 -18.22
N SER I 400 41.30 4.93 -19.09
CA SER I 400 40.59 3.67 -19.14
C SER I 400 41.47 2.50 -19.62
N ILE I 401 42.19 2.70 -20.72
CA ILE I 401 42.91 1.61 -21.36
C ILE I 401 44.04 1.10 -20.50
N ARG I 402 44.36 1.85 -19.44
CA ARG I 402 45.48 1.49 -18.56
C ARG I 402 45.12 0.44 -17.51
N TRP I 403 43.84 0.07 -17.46
CA TRP I 403 43.39 -0.84 -16.41
C TRP I 403 42.48 -1.91 -16.97
N THR I 404 42.44 -3.05 -16.30
CA THR I 404 41.59 -4.18 -16.70
C THR I 404 41.05 -4.88 -15.45
N LYS I 405 39.83 -5.39 -15.56
CA LYS I 405 39.24 -6.21 -14.52
C LYS I 405 39.48 -7.67 -14.81
N ASP I 406 39.91 -7.94 -16.04
CA ASP I 406 40.22 -9.30 -16.48
C ASP I 406 40.81 -9.24 -17.86
N PRO I 407 42.13 -9.51 -17.98
CA PRO I 407 42.84 -9.46 -19.27
C PRO I 407 42.13 -10.25 -20.36
N ARG I 408 41.23 -11.14 -19.98
CA ARG I 408 40.39 -11.86 -20.93
C ARG I 408 39.55 -10.91 -21.81
N ASN I 409 39.37 -9.68 -21.33
CA ASN I 409 38.50 -8.70 -21.97
C ASN I 409 39.19 -7.69 -22.87
N THR I 410 40.49 -7.88 -23.08
CA THR I 410 41.31 -6.83 -23.64
C THR I 410 40.80 -6.36 -25.01
N GLN I 411 40.43 -7.34 -25.84
CA GLN I 411 39.99 -7.00 -27.19
C GLN I 411 38.70 -6.17 -27.14
N ASP I 412 37.68 -6.69 -26.48
CA ASP I 412 36.41 -5.97 -26.31
C ASP I 412 36.63 -4.56 -25.76
N HIS I 413 37.39 -4.49 -24.67
CA HIS I 413 37.69 -3.22 -24.03
C HIS I 413 38.31 -2.23 -25.03
N VAL I 414 39.45 -2.59 -25.62
CA VAL I 414 40.13 -1.69 -26.54
C VAL I 414 39.30 -1.30 -27.76
N ARG I 415 38.54 -2.23 -28.29
CA ARG I 415 37.68 -1.91 -29.40
C ARG I 415 36.62 -0.91 -29.03
N SER I 416 36.06 -1.03 -27.85
CA SER I 416 35.05 -0.09 -27.37
C SER I 416 35.65 1.30 -27.27
N LEU I 417 36.87 1.36 -26.77
CA LEU I 417 37.59 2.61 -26.72
C LEU I 417 37.78 3.23 -28.12
N CYS I 418 38.12 2.40 -29.13
CA CYS I 418 38.23 2.86 -30.51
C CYS I 418 36.99 3.56 -31.07
N LEU I 419 35.82 3.03 -30.71
CA LEU I 419 34.51 3.59 -31.04
C LEU I 419 34.26 4.97 -30.42
N LEU I 420 34.90 5.24 -29.28
CA LEU I 420 34.83 6.56 -28.69
C LEU I 420 35.94 7.46 -29.29
N ALA I 421 37.13 6.89 -29.48
CA ALA I 421 38.31 7.64 -29.92
C ALA I 421 38.28 8.24 -31.32
N TRP I 422 37.73 7.53 -32.29
CA TRP I 422 37.90 7.93 -33.68
C TRP I 422 37.25 9.29 -33.99
N HIS I 423 36.36 9.75 -33.10
CA HIS I 423 35.71 11.03 -33.30
C HIS I 423 36.67 12.21 -33.10
N ASN I 424 37.83 11.95 -32.49
CA ASN I 424 38.89 12.94 -32.40
C ASN I 424 39.60 13.23 -33.74
N GLY I 425 39.18 12.56 -34.81
CA GLY I 425 39.82 12.74 -36.11
C GLY I 425 40.89 11.70 -36.44
N GLU I 426 41.11 11.53 -37.75
CA GLU I 426 42.02 10.52 -38.30
C GLU I 426 43.44 10.60 -37.77
N GLU I 427 43.95 11.82 -37.63
CA GLU I 427 45.30 12.00 -37.13
C GLU I 427 45.44 11.54 -35.66
N GLU I 428 44.52 11.97 -34.80
CA GLU I 428 44.58 11.55 -33.41
C GLU I 428 44.36 10.05 -33.31
N TYR I 429 43.40 9.54 -34.08
CA TYR I 429 43.05 8.12 -34.03
C TYR I 429 44.22 7.22 -34.49
N ASN I 430 44.90 7.60 -35.56
CA ASN I 430 46.04 6.80 -36.03
C ASN I 430 47.17 6.82 -35.01
N LYS I 431 47.33 7.94 -34.32
CA LYS I 431 48.29 8.00 -33.23
C LYS I 431 47.91 7.01 -32.10
N PHE I 432 46.63 7.00 -31.74
CA PHE I 432 46.11 6.07 -30.75
C PHE I 432 46.40 4.62 -31.15
N LEU I 433 46.02 4.24 -32.36
CA LEU I 433 46.29 2.89 -32.85
C LEU I 433 47.79 2.53 -32.83
N ALA I 434 48.66 3.48 -33.19
CA ALA I 434 50.10 3.20 -33.19
C ALA I 434 50.61 2.81 -31.81
N LYS I 435 50.26 3.59 -30.79
CA LYS I 435 50.68 3.30 -29.43
C LYS I 435 50.20 1.91 -29.01
N ILE I 436 48.95 1.60 -29.32
CA ILE I 436 48.41 0.31 -28.97
C ILE I 436 49.27 -0.79 -29.58
N ARG I 437 49.66 -0.59 -30.83
CA ARG I 437 50.44 -1.60 -31.52
C ARG I 437 51.91 -1.59 -31.14
N SER I 438 52.28 -0.69 -30.24
CA SER I 438 53.67 -0.55 -29.85
C SER I 438 54.10 -1.62 -28.87
N VAL I 439 53.16 -2.48 -28.47
CA VAL I 439 53.48 -3.63 -27.63
C VAL I 439 52.83 -4.90 -28.19
N PRO I 440 53.44 -6.06 -27.89
CA PRO I 440 53.03 -7.30 -28.55
C PRO I 440 51.52 -7.57 -28.48
N ILE I 441 50.94 -7.48 -27.28
CA ILE I 441 49.53 -7.75 -27.12
C ILE I 441 48.68 -6.81 -28.00
N GLY I 442 49.12 -5.55 -28.10
CA GLY I 442 48.45 -4.60 -28.96
C GLY I 442 48.38 -5.10 -30.41
N ARG I 443 49.45 -5.76 -30.86
CA ARG I 443 49.51 -6.29 -32.22
C ARG I 443 48.66 -7.52 -32.42
N ALA I 444 48.18 -8.11 -31.32
CA ALA I 444 47.26 -9.25 -31.41
C ALA I 444 45.77 -8.83 -31.53
N LEU I 445 45.48 -7.53 -31.46
CA LEU I 445 44.09 -7.06 -31.49
C LEU I 445 43.60 -6.69 -32.90
N ASP I 446 42.36 -7.06 -33.21
CA ASP I 446 41.74 -6.66 -34.46
C ASP I 446 40.99 -5.35 -34.26
N LEU I 447 41.57 -4.26 -34.72
CA LEU I 447 41.09 -2.91 -34.45
C LEU I 447 40.57 -2.19 -35.72
N PRO I 448 39.48 -1.45 -35.58
CA PRO I 448 38.91 -0.85 -36.79
C PRO I 448 39.78 0.29 -37.34
N GLU I 449 39.90 0.35 -38.66
CA GLU I 449 40.59 1.48 -39.28
C GLU I 449 39.64 2.68 -39.36
N TYR I 450 40.20 3.88 -39.33
CA TYR I 450 39.42 5.12 -39.31
C TYR I 450 38.32 5.16 -40.38
N SER I 451 38.72 4.80 -41.60
CA SER I 451 37.86 4.94 -42.76
C SER I 451 36.65 4.03 -42.62
N THR I 452 36.85 2.90 -41.93
CA THR I 452 35.78 1.95 -41.68
C THR I 452 34.76 2.54 -40.71
N LEU I 453 35.26 3.19 -39.66
CA LEU I 453 34.43 3.75 -38.59
C LEU I 453 33.63 4.94 -39.12
N TYR I 454 34.29 5.78 -39.91
CA TYR I 454 33.68 6.97 -40.49
C TYR I 454 32.57 6.59 -41.48
N ARG I 455 32.84 5.59 -42.30
CA ARG I 455 31.87 5.15 -43.29
C ARG I 455 30.68 4.54 -42.57
N ARG I 456 30.96 3.85 -41.48
CA ARG I 456 29.90 3.23 -40.67
C ARG I 456 29.04 4.35 -40.05
N TRP I 457 29.69 5.39 -39.55
CA TRP I 457 28.99 6.52 -38.98
C TRP I 457 28.05 7.16 -40.04
N LEU I 458 28.60 7.64 -41.15
CA LEU I 458 27.76 8.18 -42.24
C LEU I 458 26.58 7.29 -42.60
N ASP I 459 26.84 6.00 -42.77
CA ASP I 459 25.78 5.06 -43.13
C ASP I 459 24.67 5.02 -42.09
N SER I 460 25.01 5.20 -40.82
CA SER I 460 24.02 5.07 -39.77
C SER I 460 23.00 6.22 -39.82
N PHE I 461 23.28 7.24 -40.61
CA PHE I 461 22.31 8.30 -40.83
C PHE I 461 21.35 7.99 -41.97
N GLY M 1 12.44 -30.12 -96.84
CA GLY M 1 13.54 -29.96 -97.77
C GLY M 1 14.05 -31.30 -98.28
N GLU M 2 14.53 -31.32 -99.52
CA GLU M 2 14.90 -32.60 -100.11
C GLU M 2 16.41 -32.85 -100.12
N ILE M 3 16.78 -34.12 -100.01
CA ILE M 3 18.17 -34.52 -100.15
C ILE M 3 18.54 -34.44 -101.63
N GLN M 4 19.74 -33.93 -101.90
CA GLN M 4 20.15 -33.67 -103.28
C GLN M 4 21.18 -34.67 -103.69
N TRP M 5 21.95 -35.18 -102.73
CA TRP M 5 22.87 -36.28 -103.00
C TRP M 5 23.36 -36.94 -101.73
N MET M 6 23.89 -38.16 -101.86
CA MET M 6 24.41 -38.89 -100.72
C MET M 6 25.64 -39.69 -101.14
N ARG M 7 26.78 -39.39 -100.50
CA ARG M 7 28.06 -39.98 -100.88
C ARG M 7 28.90 -40.30 -99.65
N PRO M 8 29.66 -41.39 -99.68
CA PRO M 8 30.58 -41.76 -98.60
C PRO M 8 31.52 -40.62 -98.21
N SER M 9 31.75 -40.45 -96.92
CA SER M 9 32.42 -39.27 -96.39
C SER M 9 33.89 -39.12 -96.75
N LYS M 10 34.66 -40.21 -96.65
CA LYS M 10 36.10 -40.17 -96.97
C LYS M 10 36.27 -39.90 -98.46
N GLU M 11 35.16 -40.04 -99.18
CA GLU M 11 35.10 -39.80 -100.61
C GLU M 11 34.88 -38.31 -100.92
N VAL M 12 34.62 -37.51 -99.89
CA VAL M 12 34.38 -36.07 -100.04
C VAL M 12 35.24 -35.28 -99.05
N GLY M 13 36.12 -35.98 -98.34
CA GLY M 13 37.04 -35.34 -97.42
C GLY M 13 36.58 -35.33 -95.97
N TYR M 14 35.35 -35.76 -95.74
CA TYR M 14 34.77 -35.77 -94.39
C TYR M 14 34.95 -37.08 -93.64
N PRO M 15 35.08 -37.01 -92.30
CA PRO M 15 35.28 -38.20 -91.48
C PRO M 15 34.03 -39.05 -91.31
N ILE M 16 34.20 -40.26 -90.80
CA ILE M 16 33.09 -41.11 -90.40
C ILE M 16 32.84 -40.88 -88.92
N ILE M 17 31.60 -40.56 -88.57
CA ILE M 17 31.21 -40.39 -87.16
C ILE M 17 30.21 -41.47 -86.77
N ASN M 18 30.55 -42.27 -85.78
CA ASN M 18 29.60 -43.26 -85.28
C ASN M 18 29.08 -42.96 -83.88
N ALA M 19 27.76 -42.86 -83.76
CA ALA M 19 27.14 -42.56 -82.48
C ALA M 19 26.96 -43.84 -81.70
N PRO M 20 26.64 -43.73 -80.40
CA PRO M 20 26.33 -44.89 -79.57
C PRO M 20 25.14 -45.64 -80.16
N SER M 21 25.04 -46.92 -79.87
CA SER M 21 24.00 -47.73 -80.48
C SER M 21 22.99 -48.18 -79.43
N LYS M 22 23.22 -47.77 -78.19
CA LYS M 22 22.38 -48.18 -77.08
C LYS M 22 21.68 -46.97 -76.46
N THR M 23 20.46 -47.17 -75.98
CA THR M 23 19.73 -46.15 -75.26
C THR M 23 20.35 -45.97 -73.87
N LYS M 24 20.25 -44.76 -73.32
CA LYS M 24 20.65 -44.53 -71.93
C LYS M 24 19.44 -44.69 -71.00
N LEU M 25 18.27 -44.81 -71.62
CA LEU M 25 17.00 -44.98 -70.90
C LEU M 25 16.81 -46.40 -70.40
N GLU M 26 16.52 -46.53 -69.11
CA GLU M 26 16.26 -47.82 -68.48
C GLU M 26 15.08 -47.71 -67.51
N PRO M 27 14.41 -48.85 -67.24
CA PRO M 27 13.26 -48.82 -66.33
C PRO M 27 13.58 -48.25 -64.96
N SER M 28 12.57 -47.62 -64.38
CA SER M 28 12.67 -46.88 -63.16
C SER M 28 12.24 -47.75 -61.99
N ALA M 29 12.57 -47.36 -60.76
CA ALA M 29 11.93 -47.93 -59.58
C ALA M 29 10.39 -47.92 -59.71
N PHE M 30 9.87 -47.00 -60.52
CA PHE M 30 8.42 -46.80 -60.60
C PHE M 30 7.81 -47.36 -61.88
N HIS M 31 8.57 -48.20 -62.58
CA HIS M 31 8.17 -48.71 -63.89
C HIS M 31 6.89 -49.53 -63.83
N TYR M 32 6.67 -50.21 -62.72
CA TYR M 32 5.49 -51.05 -62.59
C TYR M 32 4.43 -50.42 -61.71
N VAL M 33 4.81 -49.37 -60.99
CA VAL M 33 3.86 -48.66 -60.15
C VAL M 33 2.85 -47.90 -61.01
N PHE M 34 3.34 -47.36 -62.13
CA PHE M 34 2.48 -46.61 -63.05
C PHE M 34 2.47 -47.30 -64.40
N GLU M 35 1.43 -47.05 -65.19
CA GLU M 35 1.41 -47.58 -66.54
C GLU M 35 1.75 -46.52 -67.57
N GLY M 36 2.10 -46.99 -68.78
CA GLY M 36 2.43 -46.13 -69.90
C GLY M 36 2.65 -46.94 -71.16
N VAL M 37 2.62 -46.28 -72.30
CA VAL M 37 2.77 -46.97 -73.59
C VAL M 37 4.11 -46.67 -74.26
N LYS M 38 4.81 -45.64 -73.79
CA LYS M 38 6.05 -45.20 -74.42
C LYS M 38 7.27 -46.03 -74.04
N GLU M 39 8.18 -46.16 -75.00
CA GLU M 39 9.45 -46.83 -74.77
C GLU M 39 10.55 -46.14 -75.59
N PRO M 40 11.83 -46.36 -75.25
CA PRO M 40 12.97 -45.70 -75.91
C PRO M 40 12.94 -45.89 -77.45
N ALA M 41 13.21 -44.83 -78.19
CA ALA M 41 13.12 -44.84 -79.64
C ALA M 41 14.16 -45.77 -80.28
N VAL M 42 13.85 -46.28 -81.46
CA VAL M 42 14.81 -47.06 -82.22
C VAL M 42 16.05 -46.23 -82.55
N LEU M 43 17.21 -46.77 -82.21
CA LEU M 43 18.48 -46.09 -82.44
C LEU M 43 19.26 -46.68 -83.63
N THR M 44 19.14 -47.99 -83.85
CA THR M 44 19.86 -48.64 -84.95
C THR M 44 18.98 -49.51 -85.83
N LYS M 45 19.56 -50.01 -86.92
CA LYS M 45 18.85 -50.83 -87.91
C LYS M 45 18.58 -52.22 -87.35
N ASN M 46 19.50 -52.70 -86.53
CA ASN M 46 19.39 -54.03 -85.92
C ASN M 46 18.48 -54.08 -84.70
N ASP M 47 17.34 -53.40 -84.76
CA ASP M 47 16.41 -53.40 -83.63
C ASP M 47 15.28 -54.38 -83.90
N PRO M 48 15.11 -55.36 -83.01
CA PRO M 48 14.05 -56.37 -83.14
C PRO M 48 12.65 -55.74 -83.18
N ARG M 49 12.46 -54.64 -82.46
CA ARG M 49 11.13 -54.03 -82.38
C ARG M 49 10.69 -53.40 -83.71
N LEU M 50 11.59 -53.40 -84.69
CA LEU M 50 11.31 -52.76 -85.98
C LEU M 50 10.40 -53.60 -86.89
N LYS M 51 9.34 -52.98 -87.39
CA LYS M 51 8.45 -53.62 -88.35
C LYS M 51 8.49 -52.92 -89.70
N THR M 52 9.67 -52.44 -90.08
CA THR M 52 9.82 -51.67 -91.31
C THR M 52 11.29 -51.32 -91.49
N ASP M 53 11.66 -50.69 -92.60
CA ASP M 53 13.05 -50.34 -92.83
C ASP M 53 13.41 -49.04 -92.11
N PHE M 54 14.46 -49.08 -91.30
CA PHE M 54 14.85 -47.94 -90.47
C PHE M 54 15.25 -46.68 -91.26
N GLU M 55 16.41 -46.74 -91.93
CA GLU M 55 16.92 -45.59 -92.67
C GLU M 55 15.92 -45.03 -93.68
N GLU M 56 15.08 -45.90 -94.23
CA GLU M 56 13.99 -45.41 -95.08
C GLU M 56 12.97 -44.63 -94.24
N ALA M 57 12.78 -45.06 -93.00
CA ALA M 57 11.80 -44.45 -92.10
C ALA M 57 12.24 -43.08 -91.57
N ILE M 58 13.49 -42.98 -91.15
CA ILE M 58 13.98 -41.74 -90.54
C ILE M 58 14.20 -40.61 -91.55
N PHE M 59 14.69 -40.96 -92.73
CA PHE M 59 14.95 -39.95 -93.77
C PHE M 59 13.75 -39.71 -94.67
N SER M 60 12.58 -40.17 -94.24
CA SER M 60 11.38 -40.11 -95.06
C SER M 60 10.74 -38.72 -95.03
N LYS M 61 11.13 -37.91 -94.05
CA LYS M 61 10.56 -36.56 -93.91
C LYS M 61 11.08 -35.61 -94.97
N TYR M 62 12.27 -35.88 -95.49
CA TYR M 62 12.89 -35.03 -96.49
C TYR M 62 12.15 -35.12 -97.84
N VAL M 63 11.09 -34.34 -97.96
CA VAL M 63 10.22 -34.33 -99.15
C VAL M 63 10.57 -33.20 -100.16
N GLY M 64 9.78 -33.12 -101.23
CA GLY M 64 10.01 -32.16 -102.30
C GLY M 64 9.55 -30.74 -101.99
N ASN M 65 10.37 -29.75 -102.35
CA ASN M 65 10.19 -28.37 -101.90
C ASN M 65 8.87 -27.70 -102.25
N LYS M 66 8.63 -27.55 -103.56
CA LYS M 66 7.39 -26.96 -104.07
C LYS M 66 7.44 -25.44 -104.24
N ILE M 67 6.47 -24.77 -103.62
CA ILE M 67 6.25 -23.33 -103.76
C ILE M 67 7.48 -22.51 -103.37
N THR M 68 7.77 -21.48 -104.16
CA THR M 68 9.00 -20.72 -103.98
C THR M 68 8.72 -19.22 -103.97
N GLU M 69 7.55 -18.84 -104.45
CA GLU M 69 7.24 -17.42 -104.58
C GLU M 69 6.35 -16.87 -103.47
N VAL M 70 6.74 -15.69 -102.99
CA VAL M 70 5.96 -14.93 -102.05
C VAL M 70 4.76 -14.30 -102.79
N ASP M 71 3.54 -14.68 -102.39
CA ASP M 71 2.34 -14.08 -102.94
C ASP M 71 1.92 -12.87 -102.14
N GLU M 72 0.80 -12.29 -102.52
CA GLU M 72 0.40 -10.99 -101.98
C GLU M 72 0.05 -11.09 -100.51
N TYR M 73 -0.69 -12.12 -100.15
CA TYR M 73 -1.11 -12.32 -98.80
C TYR M 73 0.10 -12.45 -97.86
N MET M 74 1.09 -13.23 -98.29
CA MET M 74 2.32 -13.37 -97.53
C MET M 74 2.97 -12.02 -97.35
N LYS M 75 3.01 -11.23 -98.43
CA LYS M 75 3.64 -9.92 -98.39
C LYS M 75 2.94 -9.03 -97.39
N GLU M 76 1.61 -9.09 -97.35
CA GLU M 76 0.92 -8.30 -96.34
C GLU M 76 1.19 -8.84 -94.92
N ALA M 77 1.16 -10.15 -94.78
CA ALA M 77 1.56 -10.80 -93.53
C ALA M 77 2.91 -10.24 -93.08
N VAL M 78 3.85 -10.23 -94.01
CA VAL M 78 5.19 -9.78 -93.69
C VAL M 78 5.18 -8.35 -93.15
N ASP M 79 4.44 -7.46 -93.81
CA ASP M 79 4.39 -6.06 -93.43
C ASP M 79 3.73 -5.87 -92.09
N HIS M 80 2.71 -6.67 -91.82
CA HIS M 80 2.01 -6.49 -90.55
C HIS M 80 2.86 -7.04 -89.41
N TYR M 81 3.46 -8.20 -89.62
CA TYR M 81 4.25 -8.80 -88.57
C TYR M 81 5.44 -7.91 -88.27
N ALA M 82 6.17 -7.54 -89.33
CA ALA M 82 7.37 -6.72 -89.22
C ALA M 82 7.09 -5.42 -88.48
N GLY M 83 5.98 -4.77 -88.83
CA GLY M 83 5.63 -3.50 -88.24
C GLY M 83 5.40 -3.67 -86.75
N GLN M 84 5.01 -4.89 -86.38
CA GLN M 84 4.70 -5.20 -84.99
C GLN M 84 6.01 -5.31 -84.21
N LEU M 85 6.98 -6.01 -84.78
CA LEU M 85 8.30 -6.17 -84.16
C LEU M 85 9.06 -4.85 -84.10
N MET M 86 8.66 -3.95 -84.99
CA MET M 86 9.23 -2.62 -85.12
C MET M 86 9.04 -1.80 -83.86
N SER M 87 7.94 -2.03 -83.15
CA SER M 87 7.67 -1.29 -81.92
C SER M 87 8.49 -1.76 -80.70
N LEU M 88 9.22 -2.87 -80.81
CA LEU M 88 10.05 -3.30 -79.69
C LEU M 88 11.41 -2.61 -79.68
N ASP M 89 11.72 -1.87 -80.75
CA ASP M 89 13.04 -1.22 -80.86
C ASP M 89 14.21 -2.20 -80.69
N ILE M 90 14.26 -3.22 -81.53
CA ILE M 90 15.31 -4.25 -81.45
C ILE M 90 16.69 -3.76 -81.86
N ASN M 91 17.68 -3.95 -80.99
CA ASN M 91 19.06 -3.60 -81.31
C ASN M 91 19.56 -4.44 -82.49
N THR M 92 19.93 -3.77 -83.57
CA THR M 92 20.23 -4.44 -84.84
C THR M 92 21.72 -4.65 -85.06
N GLU M 93 22.49 -4.34 -84.03
CA GLU M 93 23.93 -4.44 -84.11
C GLU M 93 24.37 -5.87 -83.96
N GLN M 94 25.48 -6.20 -84.59
CA GLN M 94 26.10 -7.48 -84.37
C GLN M 94 26.48 -7.62 -82.89
N MET M 95 26.33 -8.82 -82.36
CA MET M 95 26.81 -9.09 -81.02
C MET M 95 28.30 -9.39 -81.07
N CYS M 96 29.05 -8.86 -80.10
CA CYS M 96 30.47 -9.15 -80.01
C CYS M 96 30.71 -10.63 -79.69
N LEU M 97 31.82 -11.17 -80.17
CA LEU M 97 32.20 -12.56 -79.92
C LEU M 97 32.09 -13.01 -78.45
N GLU M 98 32.53 -12.17 -77.52
CA GLU M 98 32.51 -12.55 -76.11
C GLU M 98 31.09 -12.89 -75.63
N ASP M 99 30.15 -11.99 -75.89
CA ASP M 99 28.76 -12.21 -75.52
C ASP M 99 28.07 -13.27 -76.35
N ALA M 100 28.47 -13.43 -77.61
CA ALA M 100 27.89 -14.48 -78.44
C ALA M 100 28.18 -15.83 -77.80
N MET M 101 29.37 -15.96 -77.22
CA MET M 101 29.86 -17.22 -76.65
C MET M 101 29.35 -17.42 -75.24
N TYR M 102 29.43 -16.35 -74.45
CA TYR M 102 29.33 -16.47 -73.00
C TYR M 102 28.03 -15.92 -72.44
N GLY M 103 27.27 -15.27 -73.31
CA GLY M 103 25.93 -14.86 -72.94
C GLY M 103 25.88 -13.44 -72.44
N THR M 104 24.72 -12.83 -72.54
CA THR M 104 24.51 -11.48 -72.02
C THR M 104 23.08 -11.37 -71.51
N ASP M 105 22.65 -10.19 -71.08
CA ASP M 105 21.27 -10.07 -70.64
C ASP M 105 20.30 -10.54 -71.73
N GLY M 106 19.62 -11.65 -71.48
CA GLY M 106 18.65 -12.17 -72.44
C GLY M 106 19.11 -13.35 -73.27
N LEU M 107 20.37 -13.76 -73.13
CA LEU M 107 20.90 -14.85 -73.93
C LEU M 107 21.87 -15.68 -73.11
N GLU M 108 21.49 -16.93 -72.79
CA GLU M 108 22.35 -17.85 -72.07
C GLU M 108 23.63 -18.14 -72.86
N ALA M 109 24.70 -18.48 -72.17
CA ALA M 109 25.94 -18.88 -72.81
C ALA M 109 25.70 -20.14 -73.60
N LEU M 110 26.58 -20.43 -74.55
CA LEU M 110 26.57 -21.72 -75.21
C LEU M 110 26.61 -22.84 -74.18
N ASP M 111 25.87 -23.92 -74.47
CA ASP M 111 25.83 -25.10 -73.60
C ASP M 111 27.14 -25.89 -73.62
N LEU M 112 27.90 -25.80 -72.52
CA LEU M 112 29.22 -26.44 -72.45
C LEU M 112 29.17 -27.94 -72.28
N SER M 113 27.98 -28.48 -72.06
CA SER M 113 27.86 -29.89 -71.80
C SER M 113 27.44 -30.65 -73.03
N THR M 114 27.31 -29.96 -74.16
CA THR M 114 26.93 -30.64 -75.39
C THR M 114 28.08 -30.64 -76.40
N SER M 115 27.95 -31.47 -77.42
CA SER M 115 28.98 -31.61 -78.44
C SER M 115 29.38 -30.32 -79.13
N ALA M 116 30.66 -30.23 -79.48
CA ALA M 116 31.15 -29.11 -80.26
C ALA M 116 30.87 -29.27 -81.77
N GLY M 117 30.33 -30.42 -82.16
CA GLY M 117 30.02 -30.66 -83.56
C GLY M 117 31.26 -30.75 -84.45
N TYR M 118 31.04 -30.83 -85.76
CA TYR M 118 32.15 -30.95 -86.71
C TYR M 118 32.99 -29.67 -86.78
N PRO M 119 34.33 -29.79 -86.84
CA PRO M 119 35.20 -30.96 -86.93
C PRO M 119 35.69 -31.46 -85.57
N TYR M 120 35.43 -30.70 -84.51
CA TYR M 120 35.92 -31.02 -83.17
C TYR M 120 35.52 -32.40 -82.68
N VAL M 121 34.35 -32.85 -83.11
CA VAL M 121 33.84 -34.16 -82.74
C VAL M 121 34.77 -35.27 -83.23
N ALA M 122 35.52 -34.99 -84.29
CA ALA M 122 36.41 -35.98 -84.89
C ALA M 122 37.87 -35.83 -84.44
N MET M 123 38.21 -34.69 -83.86
CA MET M 123 39.54 -34.51 -83.29
C MET M 123 39.56 -34.72 -81.78
N GLY M 124 38.44 -35.15 -81.21
CA GLY M 124 38.38 -35.34 -79.77
C GLY M 124 38.43 -34.06 -78.96
N LYS M 125 38.00 -32.96 -79.57
CA LYS M 125 37.99 -31.67 -78.90
C LYS M 125 36.57 -31.38 -78.37
N LYS M 126 36.47 -30.74 -77.19
CA LYS M 126 35.17 -30.48 -76.59
C LYS M 126 34.94 -28.99 -76.42
N LYS M 127 33.69 -28.57 -76.23
CA LYS M 127 33.43 -27.16 -76.00
C LYS M 127 34.27 -26.68 -74.82
N ARG M 128 34.34 -27.52 -73.79
CA ARG M 128 35.06 -27.16 -72.56
C ARG M 128 36.55 -26.89 -72.79
N ASP M 129 37.10 -27.53 -73.82
CA ASP M 129 38.50 -27.32 -74.17
C ASP M 129 38.69 -25.97 -74.84
N ILE M 130 37.61 -25.43 -75.40
CA ILE M 130 37.71 -24.18 -76.14
C ILE M 130 37.26 -23.00 -75.30
N LEU M 131 36.17 -23.18 -74.55
CA LEU M 131 35.55 -22.09 -73.81
C LEU M 131 35.92 -22.07 -72.32
N ASN M 132 35.87 -20.89 -71.72
CA ASN M 132 36.14 -20.75 -70.31
C ASN M 132 35.23 -19.70 -69.70
N LYS M 133 34.22 -20.15 -68.98
CA LYS M 133 33.22 -19.20 -68.51
C LYS M 133 33.80 -18.15 -67.57
N GLN M 134 34.81 -18.53 -66.79
CA GLN M 134 35.34 -17.66 -65.74
C GLN M 134 36.13 -16.49 -66.32
N THR M 135 37.00 -16.79 -67.29
CA THR M 135 37.75 -15.73 -67.96
C THR M 135 37.02 -15.12 -69.14
N ARG M 136 36.12 -15.88 -69.76
CA ARG M 136 35.41 -15.40 -70.95
C ARG M 136 36.41 -15.08 -72.06
N ASP M 137 37.43 -15.92 -72.19
CA ASP M 137 38.43 -15.72 -73.21
C ASP M 137 37.89 -16.07 -74.59
N THR M 138 38.19 -15.24 -75.57
CA THR M 138 37.72 -15.48 -76.92
C THR M 138 38.85 -15.88 -77.88
N LYS M 139 40.10 -15.78 -77.42
CA LYS M 139 41.25 -16.00 -78.29
C LYS M 139 41.18 -17.33 -79.03
N GLU M 140 40.88 -18.39 -78.31
CA GLU M 140 40.87 -19.70 -78.93
C GLU M 140 39.73 -19.86 -79.92
N MET M 141 38.60 -19.25 -79.62
CA MET M 141 37.46 -19.37 -80.53
C MET M 141 37.78 -18.63 -81.81
N GLN M 142 38.34 -17.43 -81.66
CA GLN M 142 38.64 -16.59 -82.81
C GLN M 142 39.54 -17.33 -83.78
N LYS M 143 40.60 -17.93 -83.22
CA LYS M 143 41.53 -18.76 -83.97
C LYS M 143 40.81 -19.91 -84.70
N LEU M 144 39.92 -20.59 -84.02
CA LEU M 144 39.17 -21.69 -84.63
C LEU M 144 38.25 -21.20 -85.74
N LEU M 145 37.71 -19.98 -85.61
CA LEU M 145 36.88 -19.40 -86.65
C LEU M 145 37.73 -19.09 -87.87
N ASP M 146 38.93 -18.57 -87.62
CA ASP M 146 39.88 -18.27 -88.65
C ASP M 146 40.32 -19.56 -89.36
N THR M 147 40.57 -20.59 -88.58
CA THR M 147 41.07 -21.85 -89.15
C THR M 147 40.04 -22.67 -89.95
N TYR M 148 38.81 -22.75 -89.47
CA TYR M 148 37.84 -23.64 -90.10
C TYR M 148 36.68 -22.90 -90.71
N GLY M 149 36.54 -21.63 -90.36
CA GLY M 149 35.48 -20.81 -90.92
C GLY M 149 34.09 -21.22 -90.47
N ILE M 150 33.08 -20.86 -91.28
CA ILE M 150 31.72 -21.24 -91.03
C ILE M 150 31.13 -22.09 -92.16
N ASN M 151 29.84 -22.37 -92.08
CA ASN M 151 29.17 -23.25 -93.03
C ASN M 151 29.69 -24.68 -93.05
N LEU M 152 30.07 -25.18 -91.89
CA LEU M 152 30.55 -26.54 -91.73
C LEU M 152 29.36 -27.49 -91.76
N PRO M 153 29.59 -28.78 -92.06
CA PRO M 153 28.47 -29.73 -92.10
C PRO M 153 27.98 -30.04 -90.70
N LEU M 154 26.72 -30.45 -90.60
CA LEU M 154 26.13 -30.84 -89.32
C LEU M 154 26.23 -32.35 -89.15
N VAL M 155 26.41 -32.80 -87.92
CA VAL M 155 26.51 -34.24 -87.66
C VAL M 155 25.14 -34.76 -87.26
N THR M 156 24.65 -35.75 -87.99
CA THR M 156 23.34 -36.36 -87.78
C THR M 156 23.38 -37.45 -86.72
N TYR M 157 22.50 -37.34 -85.73
CA TYR M 157 22.31 -38.37 -84.72
C TYR M 157 20.84 -38.70 -84.62
N VAL M 158 20.52 -39.90 -84.13
CA VAL M 158 19.15 -40.23 -83.78
C VAL M 158 18.93 -39.84 -82.31
N LYS M 159 17.80 -39.22 -82.00
CA LYS M 159 17.56 -38.76 -80.63
C LYS M 159 17.16 -39.88 -79.69
N ASP M 160 17.92 -40.02 -78.60
CA ASP M 160 17.60 -40.95 -77.52
C ASP M 160 16.47 -40.39 -76.62
N GLU M 161 15.26 -40.90 -76.77
CA GLU M 161 14.08 -40.39 -76.04
C GLU M 161 12.95 -41.41 -76.09
N LEU M 162 11.91 -41.18 -75.32
CA LEU M 162 10.76 -42.09 -75.31
C LEU M 162 9.84 -41.80 -76.47
N ARG M 163 9.33 -42.86 -77.10
CA ARG M 163 8.39 -42.76 -78.22
C ARG M 163 7.25 -43.75 -78.02
N SER M 164 6.08 -43.42 -78.56
CA SER M 164 4.95 -44.35 -78.50
C SER M 164 5.31 -45.68 -79.18
N LYS M 165 4.40 -46.66 -79.13
CA LYS M 165 4.67 -47.97 -79.73
C LYS M 165 4.71 -47.93 -81.25
N THR M 166 3.75 -47.27 -81.88
CA THR M 166 3.72 -47.22 -83.34
C THR M 166 4.87 -46.42 -83.94
N LYS M 167 5.43 -45.50 -83.16
CA LYS M 167 6.60 -44.74 -83.59
C LYS M 167 7.82 -45.64 -83.47
N VAL M 168 7.76 -46.59 -82.55
CA VAL M 168 8.84 -47.54 -82.39
C VAL M 168 8.82 -48.61 -83.47
N GLU M 169 7.64 -49.18 -83.68
CA GLU M 169 7.44 -50.21 -84.69
C GLU M 169 7.74 -49.69 -86.09
N GLN M 170 7.36 -48.45 -86.36
CA GLN M 170 7.51 -47.84 -87.67
C GLN M 170 8.84 -47.10 -87.87
N GLY M 171 9.79 -47.33 -86.97
CA GLY M 171 11.09 -46.68 -87.08
C GLY M 171 11.06 -45.16 -87.17
N LYS M 172 9.99 -44.55 -86.68
CA LYS M 172 9.89 -43.09 -86.66
C LYS M 172 10.62 -42.47 -85.46
N SER M 173 11.94 -42.59 -85.45
CA SER M 173 12.76 -41.91 -84.46
C SER M 173 13.13 -40.51 -84.96
N ARG M 174 13.30 -39.58 -84.05
CA ARG M 174 13.63 -38.22 -84.41
C ARG M 174 15.11 -38.11 -84.71
N LEU M 175 15.44 -37.31 -85.73
CA LEU M 175 16.82 -37.04 -86.07
C LEU M 175 17.24 -35.69 -85.52
N ILE M 176 18.50 -35.61 -85.13
CA ILE M 176 19.12 -34.40 -84.63
C ILE M 176 20.25 -34.00 -85.58
N GLU M 177 20.42 -32.71 -85.80
CA GLU M 177 21.51 -32.22 -86.61
C GLU M 177 22.45 -31.41 -85.74
N ALA M 178 23.56 -31.99 -85.35
CA ALA M 178 24.50 -31.30 -84.46
C ALA M 178 25.25 -30.16 -85.17
N SER M 179 24.90 -28.94 -84.80
CA SER M 179 25.55 -27.76 -85.36
C SER M 179 27.00 -27.65 -84.90
N SER M 180 27.87 -27.16 -85.79
CA SER M 180 29.24 -26.88 -85.42
C SER M 180 29.28 -25.73 -84.42
N LEU M 181 30.29 -25.72 -83.57
CA LEU M 181 30.49 -24.65 -82.63
C LEU M 181 30.67 -23.33 -83.38
N ASN M 182 31.44 -23.39 -84.46
CA ASN M 182 31.72 -22.20 -85.26
C ASN M 182 30.47 -21.56 -85.78
N ASP M 183 29.56 -22.39 -86.28
CA ASP M 183 28.29 -21.89 -86.82
C ASP M 183 27.38 -21.29 -85.74
N SER M 184 27.34 -21.91 -84.55
CA SER M 184 26.54 -21.38 -83.45
C SER M 184 27.09 -20.03 -83.07
N VAL M 185 28.41 -19.91 -83.05
CA VAL M 185 29.00 -18.63 -82.67
C VAL M 185 28.68 -17.57 -83.71
N ALA M 186 28.74 -17.95 -84.98
CA ALA M 186 28.50 -17.03 -86.07
C ALA M 186 27.05 -16.58 -86.04
N MET M 187 26.13 -17.54 -85.86
CA MET M 187 24.71 -17.22 -85.78
C MET M 187 24.40 -16.25 -84.64
N ARG M 188 24.94 -16.54 -83.45
CA ARG M 188 24.68 -15.69 -82.27
C ARG M 188 25.33 -14.31 -82.44
N MET M 189 26.40 -14.24 -83.23
CA MET M 189 27.01 -12.95 -83.52
C MET M 189 26.16 -12.10 -84.47
N ALA M 190 25.41 -12.76 -85.36
CA ALA M 190 24.55 -12.04 -86.30
C ALA M 190 23.24 -11.67 -85.62
N PHE M 191 22.62 -12.65 -84.98
CA PHE M 191 21.25 -12.53 -84.52
C PHE M 191 21.07 -12.45 -83.01
N GLY M 192 22.18 -12.38 -82.27
CA GLY M 192 22.15 -12.37 -80.82
C GLY M 192 21.22 -11.35 -80.19
N ASN M 193 21.25 -10.13 -80.73
CA ASN M 193 20.39 -9.09 -80.21
C ASN M 193 18.92 -9.25 -80.59
N LEU M 194 18.66 -10.03 -81.63
CA LEU M 194 17.30 -10.41 -81.96
C LEU M 194 16.79 -11.47 -81.00
N TYR M 195 17.60 -12.51 -80.77
CA TYR M 195 17.25 -13.54 -79.78
C TYR M 195 16.93 -12.91 -78.43
N ALA M 196 17.77 -11.98 -77.98
CA ALA M 196 17.57 -11.40 -76.66
C ALA M 196 16.25 -10.63 -76.62
N ALA M 197 15.98 -9.83 -77.65
CA ALA M 197 14.71 -9.08 -77.70
C ALA M 197 13.51 -10.00 -77.53
N PHE M 198 13.54 -11.11 -78.25
CA PHE M 198 12.49 -12.11 -78.08
C PHE M 198 12.42 -12.71 -76.67
N HIS M 199 13.56 -13.07 -76.11
CA HIS M 199 13.53 -13.75 -74.82
C HIS M 199 13.00 -12.81 -73.73
N LYS M 200 13.27 -11.52 -73.87
CA LYS M 200 12.78 -10.55 -72.91
C LYS M 200 11.31 -10.15 -73.13
N ASN M 201 10.71 -10.61 -74.21
CA ASN M 201 9.38 -10.13 -74.55
C ASN M 201 8.37 -11.19 -75.01
N PRO M 202 8.19 -12.27 -74.23
CA PRO M 202 7.15 -13.25 -74.55
C PRO M 202 5.79 -12.59 -74.49
N GLY M 203 4.94 -12.86 -75.49
CA GLY M 203 3.64 -12.20 -75.56
C GLY M 203 3.12 -12.03 -76.97
N VAL M 204 2.14 -11.16 -77.15
CA VAL M 204 1.50 -11.00 -78.46
C VAL M 204 2.10 -9.89 -79.31
N ILE M 205 3.18 -9.25 -78.84
CA ILE M 205 3.92 -8.33 -79.71
C ILE M 205 4.92 -9.11 -80.55
N THR M 206 5.79 -9.88 -79.89
CA THR M 206 6.64 -10.83 -80.58
C THR M 206 5.82 -11.98 -81.16
N GLY M 207 4.65 -12.24 -80.57
CA GLY M 207 3.85 -13.39 -80.95
C GLY M 207 4.61 -14.67 -80.61
N SER M 208 5.37 -14.64 -79.51
CA SER M 208 6.21 -15.77 -79.13
C SER M 208 6.15 -16.05 -77.64
N ALA M 209 6.16 -17.33 -77.26
CA ALA M 209 6.24 -17.68 -75.83
C ALA M 209 7.63 -18.03 -75.33
N VAL M 210 8.62 -17.95 -76.21
CA VAL M 210 10.00 -18.23 -75.82
C VAL M 210 10.40 -17.28 -74.72
N GLY M 211 10.94 -17.82 -73.62
CA GLY M 211 11.27 -16.99 -72.48
C GLY M 211 10.20 -16.92 -71.39
N CYS M 212 9.06 -17.56 -71.62
CA CYS M 212 8.01 -17.56 -70.62
C CYS M 212 8.17 -18.65 -69.53
N ASP M 213 7.49 -18.43 -68.42
CA ASP M 213 7.40 -19.40 -67.34
C ASP M 213 5.92 -19.73 -67.17
N PRO M 214 5.46 -20.89 -67.70
CA PRO M 214 4.02 -21.15 -67.68
C PRO M 214 3.35 -20.93 -66.32
N ASP M 215 3.98 -21.32 -65.20
CA ASP M 215 3.35 -21.11 -63.88
C ASP M 215 2.83 -19.70 -63.71
N LEU M 216 3.52 -18.73 -64.30
CA LEU M 216 3.15 -17.32 -64.18
C LEU M 216 2.45 -16.81 -65.43
N PHE M 217 2.86 -17.32 -66.58
CA PHE M 217 2.48 -16.76 -67.87
C PHE M 217 1.05 -17.15 -68.21
N TRP M 218 0.63 -18.29 -67.70
CA TRP M 218 -0.71 -18.77 -67.99
C TRP M 218 -1.76 -17.75 -67.59
N SER M 219 -1.50 -16.98 -66.53
CA SER M 219 -2.50 -16.03 -66.01
C SER M 219 -2.62 -14.78 -66.87
N LYS M 220 -1.57 -14.52 -67.65
CA LYS M 220 -1.47 -13.36 -68.54
C LYS M 220 -2.12 -13.69 -69.88
N ILE M 221 -2.07 -14.96 -70.28
CA ILE M 221 -2.50 -15.33 -71.63
C ILE M 221 -3.98 -14.98 -71.88
N PRO M 222 -4.91 -15.40 -71.01
CA PRO M 222 -6.33 -15.09 -71.28
C PRO M 222 -6.61 -13.59 -71.35
N VAL M 223 -5.87 -12.80 -70.57
CA VAL M 223 -5.99 -11.35 -70.62
C VAL M 223 -5.58 -10.81 -72.00
N LEU M 224 -4.56 -11.43 -72.58
CA LEU M 224 -3.99 -11.01 -73.84
C LEU M 224 -4.76 -11.48 -75.07
N MET M 225 -5.50 -12.57 -74.96
CA MET M 225 -6.24 -13.07 -76.09
C MET M 225 -7.52 -12.29 -76.31
N GLU M 226 -7.97 -12.24 -77.56
CA GLU M 226 -9.31 -11.75 -77.90
C GLU M 226 -10.38 -12.77 -77.45
N GLU M 227 -11.65 -12.47 -77.67
CA GLU M 227 -12.75 -13.31 -77.22
C GLU M 227 -12.78 -14.74 -77.76
N LYS M 228 -12.31 -14.92 -78.98
CA LYS M 228 -12.53 -16.18 -79.66
C LYS M 228 -11.22 -16.86 -80.05
N LEU M 229 -10.96 -18.01 -79.45
CA LEU M 229 -9.72 -18.70 -79.72
C LEU M 229 -9.86 -19.55 -80.96
N PHE M 230 -8.73 -19.86 -81.57
CA PHE M 230 -8.67 -20.94 -82.53
C PHE M 230 -7.25 -21.48 -82.49
N ALA M 231 -7.09 -22.72 -82.94
CA ALA M 231 -5.79 -23.35 -82.96
C ALA M 231 -5.86 -24.60 -83.84
N PHE M 232 -4.72 -25.21 -84.07
CA PHE M 232 -4.62 -26.41 -84.89
C PHE M 232 -3.19 -26.93 -84.76
N ASP M 233 -2.98 -28.15 -85.24
CA ASP M 233 -1.67 -28.76 -85.26
C ASP M 233 -1.14 -28.78 -86.70
N TYR M 234 0.18 -28.86 -86.83
CA TYR M 234 0.80 -29.10 -88.14
C TYR M 234 1.30 -30.52 -88.09
N THR M 235 1.19 -31.21 -89.22
CA THR M 235 1.91 -32.45 -89.42
C THR M 235 3.26 -32.15 -90.09
N GLY M 236 4.35 -32.46 -89.40
CA GLY M 236 5.68 -32.27 -89.96
C GLY M 236 5.95 -30.82 -90.34
N TYR M 237 5.94 -29.94 -89.34
CA TYR M 237 6.06 -28.51 -89.57
C TYR M 237 7.27 -28.11 -90.38
N ASP M 238 8.44 -28.34 -89.80
CA ASP M 238 9.70 -27.98 -90.44
C ASP M 238 9.81 -28.56 -91.83
N ALA M 239 9.73 -29.88 -91.92
CA ALA M 239 9.88 -30.58 -93.19
C ALA M 239 9.01 -29.98 -94.28
N SER M 240 7.90 -29.36 -93.90
CA SER M 240 6.96 -28.85 -94.88
C SER M 240 7.19 -27.38 -95.25
N LEU M 241 8.12 -26.72 -94.58
CA LEU M 241 8.35 -25.30 -94.84
C LEU M 241 8.98 -25.07 -96.21
N SER M 242 8.17 -24.53 -97.13
CA SER M 242 8.61 -24.31 -98.50
C SER M 242 9.56 -23.11 -98.57
N PRO M 243 10.32 -22.99 -99.68
CA PRO M 243 11.27 -21.87 -99.83
C PRO M 243 10.60 -20.51 -99.72
N ALA M 244 9.34 -20.41 -100.16
CA ALA M 244 8.64 -19.13 -100.05
C ALA M 244 8.62 -18.61 -98.59
N TRP M 245 8.44 -19.50 -97.62
CA TRP M 245 8.37 -19.04 -96.22
C TRP M 245 9.65 -18.43 -95.70
N PHE M 246 10.78 -18.97 -96.15
CA PHE M 246 12.08 -18.47 -95.71
C PHE M 246 12.37 -17.13 -96.34
N GLU M 247 11.94 -16.97 -97.59
CA GLU M 247 12.02 -15.68 -98.26
C GLU M 247 11.18 -14.66 -97.50
N ALA M 248 10.00 -15.08 -97.07
CA ALA M 248 9.16 -14.20 -96.24
C ALA M 248 9.89 -13.81 -94.95
N LEU M 249 10.54 -14.81 -94.31
CA LEU M 249 11.35 -14.56 -93.11
C LEU M 249 12.44 -13.52 -93.42
N LYS M 250 13.22 -13.77 -94.46
CA LYS M 250 14.26 -12.82 -94.87
C LYS M 250 13.72 -11.40 -95.04
N MET M 251 12.51 -11.30 -95.56
CA MET M 251 11.85 -10.01 -95.74
C MET M 251 11.50 -9.34 -94.41
N VAL M 252 11.10 -10.15 -93.44
CA VAL M 252 10.87 -9.59 -92.11
C VAL M 252 12.20 -9.11 -91.52
N LEU M 253 13.25 -9.90 -91.66
CA LEU M 253 14.57 -9.54 -91.17
C LEU M 253 15.09 -8.26 -91.82
N GLU M 254 14.91 -8.10 -93.12
CA GLU M 254 15.31 -6.84 -93.78
C GLU M 254 14.53 -5.63 -93.22
N LYS M 255 13.22 -5.77 -93.04
CA LYS M 255 12.42 -4.66 -92.51
C LYS M 255 12.79 -4.24 -91.10
N ILE M 256 13.26 -5.16 -90.27
CA ILE M 256 13.60 -4.76 -88.90
C ILE M 256 15.08 -4.46 -88.68
N GLY M 257 15.87 -4.34 -89.75
CA GLY M 257 17.23 -3.87 -89.61
C GLY M 257 18.32 -4.93 -89.64
N PHE M 258 17.94 -6.17 -89.95
CA PHE M 258 18.92 -7.25 -90.06
C PHE M 258 19.21 -7.64 -91.51
N GLY M 259 18.89 -6.74 -92.45
CA GLY M 259 18.98 -7.02 -93.88
C GLY M 259 20.33 -7.54 -94.36
N ASP M 260 21.39 -7.09 -93.73
CA ASP M 260 22.74 -7.53 -94.08
C ASP M 260 23.15 -8.95 -93.67
N ARG M 261 22.36 -9.66 -92.87
CA ARG M 261 22.66 -11.07 -92.58
C ARG M 261 21.59 -12.09 -93.00
N VAL M 262 20.67 -11.67 -93.86
CA VAL M 262 19.68 -12.57 -94.43
C VAL M 262 20.36 -13.69 -95.24
N ASP M 263 21.56 -13.42 -95.71
CA ASP M 263 22.45 -14.44 -96.27
C ASP M 263 22.55 -15.68 -95.36
N TYR M 264 22.65 -15.48 -94.06
CA TYR M 264 22.71 -16.61 -93.13
C TYR M 264 21.49 -17.51 -93.29
N ILE M 265 20.33 -16.91 -93.52
CA ILE M 265 19.15 -17.73 -93.79
C ILE M 265 19.36 -18.63 -95.00
N ASP M 266 19.98 -18.08 -96.05
CA ASP M 266 20.25 -18.87 -97.25
C ASP M 266 21.20 -20.01 -96.97
N TYR M 267 22.23 -19.76 -96.17
CA TYR M 267 23.10 -20.84 -95.66
C TYR M 267 22.32 -21.95 -94.95
N LEU M 268 21.43 -21.61 -94.02
CA LEU M 268 20.57 -22.62 -93.41
C LEU M 268 19.82 -23.50 -94.44
N ASN M 269 19.25 -22.88 -95.47
CA ASN M 269 18.49 -23.57 -96.51
C ASN M 269 19.30 -24.54 -97.36
N HIS M 270 20.62 -24.49 -97.22
CA HIS M 270 21.48 -25.30 -98.04
C HIS M 270 22.55 -25.89 -97.16
N SER M 271 22.31 -27.09 -96.66
CA SER M 271 23.14 -27.64 -95.60
C SER M 271 23.65 -29.04 -95.89
N HIS M 272 24.79 -29.37 -95.31
CA HIS M 272 25.41 -30.67 -95.51
C HIS M 272 25.44 -31.41 -94.21
N HIS M 273 25.24 -32.72 -94.29
CA HIS M 273 25.06 -33.53 -93.10
C HIS M 273 25.94 -34.75 -93.13
N LEU M 274 26.59 -35.04 -92.01
CA LEU M 274 27.39 -36.24 -91.84
C LEU M 274 26.62 -37.26 -91.03
N TYR M 275 26.21 -38.34 -91.67
CA TYR M 275 25.51 -39.42 -90.97
C TYR M 275 26.30 -40.73 -91.08
N LYS M 276 27.05 -41.04 -90.02
CA LYS M 276 27.92 -42.22 -90.00
C LYS M 276 29.06 -42.11 -90.99
N ASN M 277 29.00 -42.92 -92.04
CA ASN M 277 30.03 -42.92 -93.08
C ASN M 277 29.56 -42.22 -94.35
N LYS M 278 28.36 -41.64 -94.31
CA LYS M 278 27.77 -40.97 -95.47
C LYS M 278 27.59 -39.47 -95.28
N THR M 279 27.83 -38.73 -96.35
CA THR M 279 27.55 -37.30 -96.43
C THR M 279 26.39 -37.03 -97.37
N TYR M 280 25.50 -36.12 -96.99
CA TYR M 280 24.43 -35.74 -97.89
C TYR M 280 24.17 -34.24 -97.90
N CYS M 281 23.41 -33.79 -98.89
CA CYS M 281 23.07 -32.37 -99.02
C CYS M 281 21.56 -32.20 -99.00
N VAL M 282 21.10 -31.10 -98.43
CA VAL M 282 19.69 -30.84 -98.30
C VAL M 282 19.41 -29.44 -98.81
N LYS M 283 18.38 -29.31 -99.64
CA LYS M 283 17.99 -28.00 -100.14
C LYS M 283 16.63 -27.68 -99.57
N GLY M 284 16.46 -26.45 -99.08
CA GLY M 284 15.24 -26.11 -98.39
C GLY M 284 15.26 -26.56 -96.93
N GLY M 285 14.29 -26.11 -96.15
CA GLY M 285 14.25 -26.44 -94.75
C GLY M 285 15.34 -25.76 -93.94
N MET M 286 15.29 -26.00 -92.63
CA MET M 286 16.22 -25.39 -91.69
C MET M 286 16.52 -26.47 -90.66
N PRO M 287 17.80 -26.80 -90.49
CA PRO M 287 18.09 -27.88 -89.54
C PRO M 287 17.75 -27.48 -88.09
N SER M 288 17.19 -28.40 -87.32
CA SER M 288 16.69 -28.09 -85.99
C SER M 288 17.79 -27.73 -84.99
N GLY M 289 18.98 -28.29 -85.24
CA GLY M 289 20.11 -28.15 -84.34
C GLY M 289 20.86 -26.84 -84.49
N CYS M 290 20.44 -26.01 -85.44
CA CYS M 290 21.09 -24.71 -85.63
C CYS M 290 20.60 -23.71 -84.62
N SER M 291 21.47 -22.77 -84.26
CA SER M 291 21.09 -21.62 -83.45
C SER M 291 19.96 -20.78 -84.06
N GLY M 292 18.98 -20.41 -83.24
CA GLY M 292 17.91 -19.51 -83.64
C GLY M 292 16.67 -20.18 -84.14
N THR M 293 16.68 -21.50 -84.28
CA THR M 293 15.60 -22.21 -84.97
C THR M 293 14.27 -22.03 -84.27
N SER M 294 14.33 -22.05 -82.94
CA SER M 294 13.19 -21.79 -82.09
C SER M 294 12.52 -20.44 -82.38
N ILE M 295 13.33 -19.41 -82.46
CA ILE M 295 12.84 -18.10 -82.78
C ILE M 295 12.44 -17.93 -84.27
N PHE M 296 13.21 -18.51 -85.20
CA PHE M 296 12.86 -18.42 -86.63
C PHE M 296 11.56 -19.18 -86.91
N ASN M 297 11.39 -20.32 -86.25
CA ASN M 297 10.17 -21.08 -86.42
C ASN M 297 8.96 -20.34 -85.86
N SER M 298 9.14 -19.65 -84.74
CA SER M 298 8.03 -18.91 -84.14
C SER M 298 7.64 -17.73 -85.03
N MET M 299 8.65 -17.05 -85.55
CA MET M 299 8.42 -15.98 -86.52
C MET M 299 7.67 -16.50 -87.76
N ILE M 300 8.05 -17.66 -88.28
CA ILE M 300 7.38 -18.14 -89.48
C ILE M 300 5.91 -18.49 -89.20
N ASN M 301 5.64 -19.11 -88.05
CA ASN M 301 4.27 -19.40 -87.61
C ASN M 301 3.46 -18.10 -87.59
N ASN M 302 4.09 -17.03 -87.15
CA ASN M 302 3.42 -15.74 -87.13
C ASN M 302 3.05 -15.28 -88.54
N LEU M 303 3.95 -15.44 -89.49
CA LEU M 303 3.68 -15.14 -90.89
C LEU M 303 2.64 -16.08 -91.52
N ILE M 304 2.76 -17.39 -91.24
CA ILE M 304 1.82 -18.38 -91.79
C ILE M 304 0.36 -18.14 -91.38
N ILE M 305 0.15 -17.76 -90.13
CA ILE M 305 -1.20 -17.55 -89.68
C ILE M 305 -1.81 -16.30 -90.28
N ARG M 306 -1.05 -15.21 -90.30
CA ARG M 306 -1.53 -13.98 -90.89
C ARG M 306 -1.96 -14.25 -92.34
N THR M 307 -1.16 -15.05 -93.03
CA THR M 307 -1.36 -15.30 -94.44
C THR M 307 -2.66 -16.07 -94.70
N LEU M 308 -2.92 -17.06 -93.87
CA LEU M 308 -4.09 -17.90 -94.01
C LEU M 308 -5.38 -17.14 -93.68
N LEU M 309 -5.31 -16.28 -92.66
CA LEU M 309 -6.42 -15.39 -92.35
C LEU M 309 -6.76 -14.43 -93.49
N LEU M 310 -5.72 -13.82 -94.08
CA LEU M 310 -5.88 -12.84 -95.15
C LEU M 310 -6.49 -13.49 -96.37
N LYS M 311 -6.02 -14.68 -96.67
CA LYS M 311 -6.53 -15.45 -97.77
C LYS M 311 -7.93 -15.98 -97.49
N THR M 312 -8.16 -16.48 -96.29
CA THR M 312 -9.44 -17.13 -96.01
C THR M 312 -10.59 -16.15 -95.78
N TYR M 313 -10.29 -15.05 -95.10
CA TYR M 313 -11.32 -14.10 -94.71
C TYR M 313 -11.03 -12.73 -95.31
N LYS M 314 -11.66 -12.43 -96.43
CA LYS M 314 -11.48 -11.12 -97.03
C LYS M 314 -11.88 -10.06 -96.00
N GLY M 315 -11.03 -9.03 -95.86
CA GLY M 315 -11.35 -7.88 -95.01
C GLY M 315 -11.13 -8.05 -93.52
N ILE M 316 -10.35 -9.05 -93.12
CA ILE M 316 -10.03 -9.25 -91.73
C ILE M 316 -9.02 -8.21 -91.26
N ASP M 317 -9.12 -7.77 -89.99
CA ASP M 317 -8.17 -6.80 -89.43
C ASP M 317 -7.11 -7.46 -88.55
N LEU M 318 -5.89 -7.58 -89.06
CA LEU M 318 -4.81 -8.26 -88.37
C LEU M 318 -4.40 -7.60 -87.06
N ASP M 319 -4.77 -6.33 -86.88
CA ASP M 319 -4.51 -5.63 -85.63
C ASP M 319 -5.28 -6.27 -84.46
N HIS M 320 -6.34 -7.01 -84.78
CA HIS M 320 -7.13 -7.68 -83.75
C HIS M 320 -6.77 -9.16 -83.66
N LEU M 321 -5.72 -9.55 -84.34
CA LEU M 321 -5.22 -10.90 -84.18
C LEU M 321 -4.25 -10.91 -83.00
N LYS M 322 -4.59 -11.71 -81.99
CA LYS M 322 -3.73 -11.90 -80.82
C LYS M 322 -3.25 -13.34 -80.77
N MET M 323 -1.95 -13.55 -80.98
CA MET M 323 -1.42 -14.91 -81.04
C MET M 323 -0.05 -15.04 -80.43
N ILE M 324 0.22 -16.25 -79.94
CA ILE M 324 1.47 -16.57 -79.32
C ILE M 324 1.92 -17.92 -79.83
N ALA M 325 3.06 -17.96 -80.50
CA ALA M 325 3.61 -19.20 -80.97
C ALA M 325 4.82 -19.63 -80.12
N TYR M 326 5.05 -20.94 -80.07
CA TYR M 326 6.31 -21.50 -79.63
C TYR M 326 6.74 -22.51 -80.68
N GLY M 327 7.58 -22.07 -81.61
CA GLY M 327 7.84 -22.88 -82.79
C GLY M 327 6.52 -23.15 -83.50
N ASP M 328 6.19 -24.41 -83.71
CA ASP M 328 4.97 -24.72 -84.44
C ASP M 328 3.74 -24.74 -83.54
N ASP M 329 3.94 -24.80 -82.24
CA ASP M 329 2.82 -24.79 -81.31
C ASP M 329 2.25 -23.38 -81.32
N VAL M 330 0.93 -23.25 -81.17
CA VAL M 330 0.30 -21.95 -81.29
C VAL M 330 -1.02 -21.88 -80.54
N ILE M 331 -1.26 -20.74 -79.91
CA ILE M 331 -2.56 -20.43 -79.36
C ILE M 331 -2.93 -19.10 -79.97
N ALA M 332 -4.11 -19.05 -80.58
CA ALA M 332 -4.49 -17.86 -81.35
C ALA M 332 -5.89 -17.41 -80.99
N SER M 333 -6.16 -16.14 -81.25
CA SER M 333 -7.46 -15.56 -80.97
C SER M 333 -7.81 -14.42 -81.93
N TYR M 334 -9.09 -14.16 -82.08
CA TYR M 334 -9.58 -13.08 -82.93
C TYR M 334 -10.94 -12.70 -82.35
N PRO M 335 -11.38 -11.44 -82.51
CA PRO M 335 -12.59 -11.04 -81.80
C PRO M 335 -13.86 -11.72 -82.33
N HIS M 336 -13.79 -12.28 -83.54
CA HIS M 336 -14.89 -13.11 -84.04
C HIS M 336 -14.38 -14.52 -84.35
N GLU M 337 -15.24 -15.52 -84.19
CA GLU M 337 -14.86 -16.89 -84.49
C GLU M 337 -14.30 -17.00 -85.88
N VAL M 338 -13.18 -17.71 -86.01
CA VAL M 338 -12.66 -18.14 -87.30
C VAL M 338 -12.63 -19.67 -87.30
N ASP M 339 -12.70 -20.22 -88.50
CA ASP M 339 -12.94 -21.65 -88.71
C ASP M 339 -11.64 -22.34 -89.11
N ALA M 340 -11.01 -23.05 -88.16
CA ALA M 340 -9.72 -23.69 -88.41
C ALA M 340 -9.77 -24.77 -89.52
N SER M 341 -10.96 -25.34 -89.75
CA SER M 341 -11.12 -26.24 -90.89
C SER M 341 -10.94 -25.46 -92.19
N LEU M 342 -11.37 -24.20 -92.20
CA LEU M 342 -11.19 -23.34 -93.36
C LEU M 342 -9.73 -22.89 -93.50
N LEU M 343 -9.09 -22.50 -92.41
CA LEU M 343 -7.68 -22.11 -92.44
C LEU M 343 -6.82 -23.24 -93.00
N ALA M 344 -7.15 -24.46 -92.62
CA ALA M 344 -6.38 -25.62 -93.02
C ALA M 344 -6.49 -25.89 -94.53
N GLN M 345 -7.65 -25.57 -95.09
CA GLN M 345 -7.87 -25.78 -96.52
C GLN M 345 -6.98 -24.84 -97.33
N SER M 346 -6.94 -23.58 -96.94
CA SER M 346 -5.98 -22.64 -97.49
C SER M 346 -4.53 -23.10 -97.30
N GLY M 347 -4.25 -23.71 -96.16
CA GLY M 347 -2.91 -24.19 -95.86
C GLY M 347 -2.36 -25.13 -96.90
N LYS M 348 -3.24 -25.90 -97.52
CA LYS M 348 -2.85 -26.86 -98.56
C LYS M 348 -2.11 -26.18 -99.72
N ASP M 349 -2.58 -25.00 -100.09
CA ASP M 349 -2.00 -24.26 -101.21
C ASP M 349 -0.53 -23.93 -100.95
N TYR M 350 -0.16 -23.90 -99.68
CA TYR M 350 1.20 -23.55 -99.30
C TYR M 350 1.97 -24.78 -98.87
N GLY M 351 1.38 -25.95 -99.09
CA GLY M 351 2.04 -27.20 -98.77
C GLY M 351 2.04 -27.53 -97.29
N LEU M 352 1.12 -26.91 -96.55
CA LEU M 352 1.04 -27.11 -95.10
C LEU M 352 -0.01 -28.14 -94.76
N THR M 353 0.30 -29.01 -93.81
CA THR M 353 -0.66 -30.00 -93.36
C THR M 353 -1.16 -29.69 -91.95
N MET M 354 -2.36 -29.15 -91.88
CA MET M 354 -2.96 -28.69 -90.64
C MET M 354 -4.11 -29.59 -90.18
N THR M 355 -4.12 -29.92 -88.89
CA THR M 355 -5.12 -30.82 -88.36
C THR M 355 -5.78 -30.29 -87.08
N PRO M 356 -6.86 -30.94 -86.63
CA PRO M 356 -7.51 -30.47 -85.39
C PRO M 356 -6.54 -30.45 -84.22
N ALA M 357 -6.70 -29.49 -83.31
CA ALA M 357 -5.80 -29.38 -82.17
C ALA M 357 -5.86 -30.60 -81.23
N ASP M 358 -4.72 -30.93 -80.65
CA ASP M 358 -4.61 -32.04 -79.71
C ASP M 358 -5.14 -33.35 -80.27
N LYS M 359 -4.87 -33.61 -81.55
CA LYS M 359 -5.07 -34.92 -82.11
C LYS M 359 -6.56 -35.33 -82.15
N SER M 360 -7.46 -34.36 -82.12
CA SER M 360 -8.88 -34.66 -82.29
C SER M 360 -9.16 -35.15 -83.72
N ALA M 361 -10.17 -36.01 -83.85
CA ALA M 361 -10.49 -36.56 -85.16
C ALA M 361 -11.13 -35.52 -86.06
N THR M 362 -11.77 -34.53 -85.45
CA THR M 362 -12.54 -33.53 -86.18
C THR M 362 -12.23 -32.12 -85.68
N PHE M 363 -12.39 -31.13 -86.55
CA PHE M 363 -12.18 -29.75 -86.17
C PHE M 363 -13.32 -29.30 -85.28
N GLU M 364 -12.99 -28.89 -84.05
CA GLU M 364 -14.02 -28.47 -83.09
C GLU M 364 -13.71 -27.11 -82.47
N THR M 365 -14.75 -26.45 -81.98
CA THR M 365 -14.54 -25.18 -81.30
C THR M 365 -13.52 -25.32 -80.19
N VAL M 366 -12.62 -24.35 -80.13
CA VAL M 366 -11.61 -24.26 -79.10
C VAL M 366 -12.12 -23.33 -78.03
N THR M 367 -12.12 -23.81 -76.79
CA THR M 367 -12.59 -23.02 -75.66
C THR M 367 -11.51 -23.01 -74.61
N TRP M 368 -11.61 -22.12 -73.64
CA TRP M 368 -10.68 -22.18 -72.52
C TRP M 368 -10.62 -23.55 -71.86
N GLU M 369 -11.67 -24.34 -72.01
CA GLU M 369 -11.75 -25.69 -71.42
C GLU M 369 -10.92 -26.74 -72.14
N ASN M 370 -10.89 -26.68 -73.47
CA ASN M 370 -10.16 -27.71 -74.21
C ASN M 370 -8.89 -27.23 -74.90
N VAL M 371 -8.56 -25.96 -74.75
CA VAL M 371 -7.37 -25.42 -75.42
C VAL M 371 -6.13 -25.84 -74.65
N THR M 372 -5.06 -26.16 -75.39
CA THR M 372 -3.77 -26.45 -74.77
C THR M 372 -2.62 -25.73 -75.48
N PHE M 373 -1.50 -25.60 -74.78
CA PHE M 373 -0.35 -24.90 -75.30
C PHE M 373 0.81 -25.43 -74.46
N LEU M 374 1.92 -25.77 -75.09
CA LEU M 374 3.08 -26.32 -74.36
C LEU M 374 2.61 -27.55 -73.59
N LYS M 375 1.66 -28.26 -74.19
CA LYS M 375 1.06 -29.48 -73.64
C LYS M 375 0.26 -29.32 -72.33
N ARG M 376 -0.09 -28.08 -72.00
CA ARG M 376 -0.82 -27.75 -70.77
C ARG M 376 -2.20 -27.13 -71.04
N PHE M 377 -3.15 -27.48 -70.19
CA PHE M 377 -4.49 -26.93 -70.20
C PHE M 377 -4.56 -25.68 -69.33
N PHE M 378 -5.68 -24.99 -69.37
CA PHE M 378 -5.85 -23.76 -68.60
C PHE M 378 -7.01 -23.97 -67.65
N ARG M 379 -6.78 -23.72 -66.36
CA ARG M 379 -7.82 -23.91 -65.34
C ARG M 379 -7.72 -22.83 -64.30
N ALA M 380 -8.77 -22.04 -64.16
CA ALA M 380 -8.74 -21.00 -63.14
C ALA M 380 -8.67 -21.62 -61.77
N ASP M 381 -7.93 -20.99 -60.87
CA ASP M 381 -7.93 -21.38 -59.48
C ASP M 381 -9.32 -21.17 -58.84
N GLU M 382 -9.78 -22.15 -58.07
CA GLU M 382 -11.12 -22.06 -57.49
C GLU M 382 -11.24 -20.97 -56.45
N LYS M 383 -10.15 -20.68 -55.75
CA LYS M 383 -10.16 -19.59 -54.80
C LYS M 383 -9.92 -18.26 -55.50
N TYR M 384 -8.83 -18.17 -56.25
CA TYR M 384 -8.47 -16.95 -56.96
C TYR M 384 -8.70 -17.10 -58.48
N PRO M 385 -9.92 -16.82 -58.94
CA PRO M 385 -10.35 -17.14 -60.31
C PRO M 385 -9.52 -16.44 -61.38
N PHE M 386 -8.92 -15.30 -61.06
CA PHE M 386 -8.04 -14.59 -61.99
C PHE M 386 -6.65 -15.22 -62.12
N LEU M 387 -6.33 -16.20 -61.29
CA LEU M 387 -5.06 -16.92 -61.40
C LEU M 387 -5.29 -18.25 -62.08
N ILE M 388 -4.52 -18.49 -63.14
CA ILE M 388 -4.75 -19.64 -63.99
C ILE M 388 -3.64 -20.70 -63.84
N HIS M 389 -4.06 -21.95 -63.58
CA HIS M 389 -3.15 -23.08 -63.48
C HIS M 389 -2.81 -23.62 -64.87
N PRO M 390 -1.52 -23.85 -65.13
CA PRO M 390 -1.16 -24.61 -66.32
C PRO M 390 -1.28 -26.09 -66.00
N VAL M 391 -2.24 -26.78 -66.60
CA VAL M 391 -2.51 -28.16 -66.22
C VAL M 391 -1.99 -29.17 -67.22
N MET M 392 -0.88 -29.81 -66.87
CA MET M 392 -0.40 -30.91 -67.66
C MET M 392 -1.03 -32.19 -67.18
N PRO M 393 -1.58 -32.97 -68.10
CA PRO M 393 -2.25 -34.24 -67.81
C PRO M 393 -1.30 -35.25 -67.18
N MET M 394 -1.79 -35.98 -66.18
CA MET M 394 -0.98 -36.97 -65.47
C MET M 394 -0.42 -38.01 -66.41
N LYS M 395 -1.13 -38.31 -67.49
CA LYS M 395 -0.67 -39.31 -68.43
C LYS M 395 0.81 -39.18 -68.80
N GLU M 396 1.23 -37.97 -69.16
CA GLU M 396 2.59 -37.73 -69.63
C GLU M 396 3.59 -37.81 -68.49
N ILE M 397 3.16 -37.34 -67.32
CA ILE M 397 3.95 -37.47 -66.12
C ILE M 397 4.18 -38.93 -65.75
N HIS M 398 3.16 -39.77 -65.95
CA HIS M 398 3.33 -41.18 -65.66
C HIS M 398 4.27 -41.82 -66.64
N GLU M 399 4.20 -41.40 -67.90
CA GLU M 399 5.12 -41.93 -68.90
C GLU M 399 6.55 -41.66 -68.49
N SER M 400 6.77 -40.45 -67.99
CA SER M 400 8.10 -39.97 -67.64
C SER M 400 8.69 -40.72 -66.44
N ILE M 401 7.90 -40.84 -65.38
CA ILE M 401 8.41 -41.34 -64.11
C ILE M 401 8.81 -42.82 -64.21
N ARG M 402 8.39 -43.46 -65.31
CA ARG M 402 8.66 -44.89 -65.50
C ARG M 402 10.07 -45.19 -66.03
N TRP M 403 10.83 -44.15 -66.35
CA TRP M 403 12.13 -44.34 -66.99
C TRP M 403 13.17 -43.45 -66.36
N THR M 404 14.42 -43.88 -66.44
CA THR M 404 15.54 -43.12 -65.90
C THR M 404 16.76 -43.28 -66.80
N LYS M 405 17.58 -42.24 -66.88
CA LYS M 405 18.84 -42.32 -67.60
C LYS M 405 19.96 -42.62 -66.63
N ASP M 406 19.65 -42.50 -65.35
CA ASP M 406 20.58 -42.77 -64.28
C ASP M 406 19.85 -42.67 -62.96
N PRO M 407 19.64 -43.81 -62.29
CA PRO M 407 18.91 -43.86 -61.01
C PRO M 407 19.48 -42.86 -59.99
N ARG M 408 20.70 -42.38 -60.21
CA ARG M 408 21.27 -41.33 -59.39
C ARG M 408 20.41 -40.07 -59.36
N ASN M 409 19.53 -39.93 -60.35
CA ASN M 409 18.74 -38.71 -60.56
C ASN M 409 17.33 -38.78 -60.02
N THR M 410 17.00 -39.87 -59.35
CA THR M 410 15.60 -40.20 -59.06
C THR M 410 14.89 -39.07 -58.31
N GLN M 411 15.57 -38.53 -57.30
CA GLN M 411 14.98 -37.49 -56.48
C GLN M 411 14.67 -36.25 -57.33
N ASP M 412 15.68 -35.72 -58.00
CA ASP M 412 15.52 -34.56 -58.88
C ASP M 412 14.40 -34.78 -59.88
N HIS M 413 14.45 -35.92 -60.55
CA HIS M 413 13.46 -36.28 -61.55
C HIS M 413 12.05 -36.24 -60.95
N VAL M 414 11.79 -37.05 -59.92
CA VAL M 414 10.45 -37.10 -59.32
C VAL M 414 9.97 -35.75 -58.75
N ARG M 415 10.87 -35.02 -58.15
CA ARG M 415 10.47 -33.73 -57.66
C ARG M 415 10.05 -32.81 -58.79
N SER M 416 10.75 -32.83 -59.89
CA SER M 416 10.39 -32.02 -61.06
C SER M 416 9.00 -32.38 -61.55
N LEU M 417 8.72 -33.67 -61.60
CA LEU M 417 7.39 -34.14 -61.91
C LEU M 417 6.32 -33.60 -60.95
N CYS M 418 6.59 -33.59 -59.65
CA CYS M 418 5.68 -32.99 -58.66
C CYS M 418 5.27 -31.53 -58.95
N LEU M 419 6.23 -30.75 -59.43
CA LEU M 419 6.06 -29.36 -59.79
C LEU M 419 5.12 -29.20 -61.01
N LEU M 420 5.07 -30.22 -61.86
CA LEU M 420 4.11 -30.22 -62.96
C LEU M 420 2.78 -30.80 -62.49
N ALA M 421 2.83 -31.85 -61.68
CA ALA M 421 1.64 -32.60 -61.26
C ALA M 421 0.63 -31.87 -60.37
N TRP M 422 1.11 -31.05 -59.43
CA TRP M 422 0.22 -30.53 -58.40
C TRP M 422 -0.87 -29.62 -58.96
N HIS M 423 -0.69 -29.15 -60.19
CA HIS M 423 -1.68 -28.29 -60.82
C HIS M 423 -2.95 -29.05 -61.17
N ASN M 424 -2.88 -30.39 -61.17
CA ASN M 424 -4.07 -31.23 -61.31
C ASN M 424 -5.01 -31.23 -60.10
N GLY M 425 -4.64 -30.49 -59.06
CA GLY M 425 -5.43 -30.43 -57.84
C GLY M 425 -4.96 -31.39 -56.74
N GLU M 426 -5.33 -31.04 -55.50
CA GLU M 426 -4.92 -31.76 -54.29
C GLU M 426 -5.28 -33.24 -54.29
N GLU M 427 -6.47 -33.56 -54.77
CA GLU M 427 -6.89 -34.94 -54.81
C GLU M 427 -6.05 -35.78 -55.77
N GLU M 428 -5.83 -35.28 -56.99
CA GLU M 428 -5.00 -36.02 -57.95
C GLU M 428 -3.57 -36.10 -57.43
N TYR M 429 -3.07 -34.97 -56.90
CA TYR M 429 -1.70 -34.91 -56.43
C TYR M 429 -1.43 -35.87 -55.26
N ASN M 430 -2.34 -35.93 -54.30
CA ASN M 430 -2.16 -36.85 -53.18
C ASN M 430 -2.19 -38.30 -53.64
N LYS M 431 -3.00 -38.58 -54.67
CA LYS M 431 -2.99 -39.91 -55.26
C LYS M 431 -1.62 -40.22 -55.90
N PHE M 432 -1.08 -39.26 -56.64
CA PHE M 432 0.25 -39.37 -57.23
C PHE M 432 1.29 -39.68 -56.14
N LEU M 433 1.34 -38.86 -55.10
CA LEU M 433 2.29 -39.08 -54.00
C LEU M 433 2.14 -40.47 -53.34
N ALA M 434 0.91 -40.94 -53.18
CA ALA M 434 0.70 -42.25 -52.55
C ALA M 434 1.33 -43.37 -53.36
N LYS M 435 1.08 -43.39 -54.66
CA LYS M 435 1.69 -44.40 -55.52
C LYS M 435 3.20 -44.37 -55.40
N ILE M 436 3.77 -43.17 -55.46
CA ILE M 436 5.22 -43.04 -55.36
C ILE M 436 5.69 -43.70 -54.07
N ARG M 437 4.96 -43.47 -53.01
CA ARG M 437 5.38 -43.99 -51.71
C ARG M 437 5.03 -45.45 -51.54
N SER M 438 4.44 -46.06 -52.56
CA SER M 438 4.01 -47.45 -52.49
C SER M 438 5.17 -48.42 -52.69
N VAL M 439 6.36 -47.88 -52.95
CA VAL M 439 7.55 -48.71 -53.03
C VAL M 439 8.70 -48.09 -52.23
N PRO M 440 9.63 -48.92 -51.77
CA PRO M 440 10.62 -48.45 -50.80
C PRO M 440 11.37 -47.21 -51.24
N ILE M 441 11.88 -47.21 -52.46
CA ILE M 441 12.62 -46.06 -52.95
C ILE M 441 11.74 -44.79 -52.94
N GLY M 442 10.46 -44.93 -53.27
CA GLY M 442 9.54 -43.81 -53.19
C GLY M 442 9.50 -43.19 -51.79
N ARG M 443 9.61 -44.03 -50.77
CA ARG M 443 9.60 -43.57 -49.38
C ARG M 443 10.90 -42.92 -48.94
N ALA M 444 11.96 -43.08 -49.74
CA ALA M 444 13.22 -42.38 -49.48
C ALA M 444 13.29 -40.95 -50.09
N LEU M 445 12.25 -40.52 -50.79
CA LEU M 445 12.26 -39.21 -51.47
C LEU M 445 11.61 -38.11 -50.63
N ASP M 446 12.23 -36.94 -50.63
CA ASP M 446 11.65 -35.77 -49.98
C ASP M 446 10.82 -35.00 -51.01
N LEU M 447 9.50 -35.14 -50.91
CA LEU M 447 8.55 -34.62 -51.89
C LEU M 447 7.64 -33.51 -51.33
N PRO M 448 7.37 -32.48 -52.13
CA PRO M 448 6.62 -31.36 -51.58
C PRO M 448 5.15 -31.72 -51.33
N GLU M 449 4.60 -31.24 -50.24
CA GLU M 449 3.18 -31.40 -49.97
C GLU M 449 2.40 -30.35 -50.77
N TYR M 450 1.17 -30.69 -51.14
CA TYR M 450 0.32 -29.83 -51.96
C TYR M 450 0.26 -28.38 -51.47
N SER M 451 0.07 -28.23 -50.16
CA SER M 451 -0.18 -26.93 -49.54
C SER M 451 1.06 -26.06 -49.64
N THR M 452 2.22 -26.69 -49.65
CA THR M 452 3.49 -25.99 -49.82
C THR M 452 3.63 -25.46 -51.25
N LEU M 453 3.26 -26.28 -52.22
CA LEU M 453 3.36 -25.94 -53.64
C LEU M 453 2.39 -24.81 -54.00
N TYR M 454 1.16 -24.91 -53.50
CA TYR M 454 0.11 -23.93 -53.74
C TYR M 454 0.47 -22.57 -53.14
N ARG M 455 0.97 -22.60 -51.91
CA ARG M 455 1.36 -21.38 -51.23
C ARG M 455 2.52 -20.72 -51.97
N ARG M 456 3.45 -21.53 -52.46
CA ARG M 456 4.58 -21.05 -53.22
C ARG M 456 4.09 -20.40 -54.54
N TRP M 457 3.12 -21.04 -55.17
CA TRP M 457 2.51 -20.50 -56.38
C TRP M 457 1.87 -19.11 -56.15
N LEU M 458 0.91 -19.02 -55.24
CA LEU M 458 0.33 -17.72 -54.84
C LEU M 458 1.38 -16.67 -54.55
N ASP M 459 2.37 -17.00 -53.73
CA ASP M 459 3.44 -16.06 -53.39
C ASP M 459 4.20 -15.54 -54.62
N SER M 460 4.37 -16.38 -55.63
CA SER M 460 5.14 -15.98 -56.80
C SER M 460 4.44 -14.88 -57.61
N PHE M 461 3.17 -14.63 -57.32
CA PHE M 461 2.48 -13.51 -57.95
C PHE M 461 2.66 -12.23 -57.18
ZN ZN Q . -19.47 23.20 102.88
N1 DCT R . -8.92 25.86 82.82
C2 DCT R . -9.39 24.64 83.11
N3 DCT R . -8.55 23.58 83.20
C4 DCT R . -7.23 23.76 83.01
C5 DCT R . -6.74 25.04 82.71
C6 DCT R . -7.62 26.10 82.62
O2 DCT R . -10.73 24.48 83.29
N4 DCT R . -6.39 22.70 83.12
C1' DCT R . -9.91 26.94 82.79
C2' DCT R . -10.10 27.36 84.24
C3' DCT R . -9.55 28.77 84.36
C4' DCT R . -9.45 29.25 82.92
O4' DCT R . -9.43 28.09 82.08
C5' DCT R . -8.19 30.08 82.70
O5' DCT R . -7.01 29.27 82.77
PA DCT R . -5.57 29.96 82.53
O1A DCT R . -5.69 31.43 82.35
O2A DCT R . -4.83 29.28 81.28
O3A DCT R . -4.81 29.59 83.90
PB DCT R . -5.12 30.31 85.31
O1B DCT R . -6.27 29.66 85.98
O2B DCT R . -5.37 31.90 85.15
O3B DCT R . -3.73 29.99 86.06
PG DCT R . -2.41 30.86 85.71
O1G DCT R . -2.07 30.65 84.28
O2G DCT R . -2.72 32.42 85.99
O3G DCT R . -1.17 30.40 86.61
C1 IPA S . -15.87 27.81 61.95
C2 IPA S . -15.59 27.13 63.30
C3 IPA S . -16.93 26.63 63.88
O2 IPA S . -14.69 26.06 63.14
C1 IPA T . -17.00 56.25 72.02
C2 IPA T . -17.99 55.33 72.68
C3 IPA T . -18.23 54.18 71.73
O2 IPA T . -17.49 54.80 73.91
ZN ZN U . -10.19 -11.74 -6.70
N1 DCT V . -22.67 -11.93 12.68
C2 DCT V . -21.34 -11.77 12.75
N3 DCT V . -20.56 -12.73 13.31
C4 DCT V . -21.11 -13.87 13.79
C5 DCT V . -22.49 -14.04 13.70
C6 DCT V . -23.27 -13.04 13.13
O2 DCT V . -20.78 -10.63 12.28
N4 DCT V . -20.34 -14.83 14.34
C1' DCT V . -23.44 -10.85 12.05
C2' DCT V . -23.16 -10.85 10.55
C3' DCT V . -24.49 -11.14 9.88
C4' DCT V . -25.52 -11.25 11.00
O4' DCT V . -24.84 -11.06 12.25
C5' DCT V . -26.15 -12.64 10.92
O5' DCT V . -26.95 -12.98 12.06
PA DCT V . -27.83 -14.32 11.93
O1A DCT V . -29.12 -14.06 11.25
O2A DCT V . -28.04 -15.03 13.37
O3A DCT V . -26.86 -15.25 11.03
PB DCT V . -27.11 -15.55 9.47
O1B DCT V . -25.99 -14.99 8.68
O2B DCT V . -28.51 -14.98 8.94
O3B DCT V . -27.06 -17.17 9.47
PG DCT V . -28.19 -18.00 10.28
O1G DCT V . -28.09 -17.63 11.71
O2G DCT V . -29.66 -17.68 9.72
O3G DCT V . -27.93 -19.58 10.13
C1 IPA W . -28.98 3.91 26.70
C2 IPA W . -27.79 2.96 26.50
C3 IPA W . -27.16 2.57 27.84
O2 IPA W . -28.28 1.79 25.90
C1 IPA X . -19.58 -22.28 26.73
C2 IPA X . -20.25 -21.94 25.41
C3 IPA X . -21.75 -21.91 25.63
O2 IPA X . -19.78 -20.67 24.97
C1 IPA Y . -5.54 -10.97 -8.49
C2 IPA Y . -6.59 -10.91 -9.60
C3 IPA Y . -6.30 -12.03 -10.61
O2 IPA Y . -7.89 -11.05 -9.07
C1 IPA Z . -49.22 5.34 5.69
C2 IPA Z . -48.87 4.87 4.29
C3 IPA Z . -47.79 5.78 3.72
O2 IPA Z . -48.40 3.55 4.34
ZN ZN AA . 14.20 4.89 9.63
N1 DCT BA . 25.58 7.91 -10.98
C2 DCT BA . 25.03 6.73 -10.67
N3 DCT BA . 25.76 5.60 -10.67
C4 DCT BA . 27.09 5.67 -10.95
C5 DCT BA . 27.68 6.89 -11.27
C6 DCT BA . 26.89 8.04 -11.27
O2 DCT BA . 23.70 6.66 -10.38
N4 DCT BA . 27.84 4.53 -10.94
C1' DCT BA . 24.71 9.08 -10.92
C2' DCT BA . 24.55 9.36 -9.43
C3' DCT BA . 25.29 10.65 -9.16
C4' DCT BA . 25.37 11.30 -10.53
O4' DCT BA . 25.30 10.24 -11.49
C5' DCT BA . 26.65 12.12 -10.62
O5' DCT BA . 27.66 11.43 -11.36
PA DCT BA . 29.18 11.97 -11.24
O1A DCT BA . 29.31 13.37 -11.73
O2A DCT BA . 30.20 10.99 -12.01
O3A DCT BA . 29.39 11.83 -9.65
PB DCT BA . 29.77 13.02 -8.64
O1B DCT BA . 28.60 13.42 -7.81
O2B DCT BA . 30.42 14.28 -9.42
O3B DCT BA . 30.87 12.31 -7.72
PG DCT BA . 32.40 12.77 -7.86
O1G DCT BA . 33.25 11.72 -7.25
O2G DCT BA . 32.78 12.92 -9.42
O3G DCT BA . 32.63 14.15 -7.08
C1 IPA CA . 27.82 29.57 -29.72
C2 IPA CA . 26.88 30.47 -28.92
C3 IPA CA . 25.93 31.17 -29.88
O2 IPA CA . 26.12 29.69 -28.00
C1 IPA DA . 15.09 36.57 -20.57
C2 IPA DA . 16.56 36.95 -20.62
C3 IPA DA . 16.89 37.37 -22.04
O2 IPA DA . 17.35 35.84 -20.24
C1 IPA EA . 26.52 31.84 -18.66
C2 IPA EA . 27.67 31.90 -17.66
C3 IPA EA . 28.42 30.57 -17.59
O2 IPA EA . 28.52 32.99 -17.99
ZN ZN FA . 25.27 -29.17 -101.21
N1 DCT GA . 11.90 -29.69 -81.35
C2 DCT GA . 13.23 -29.54 -81.31
N3 DCT GA . 14.01 -30.38 -80.60
C4 DCT GA . 13.44 -31.42 -79.94
C5 DCT GA . 12.06 -31.61 -79.97
C6 DCT GA . 11.29 -30.71 -80.71
O2 DCT GA . 13.77 -28.49 -81.99
N4 DCT GA . 14.20 -32.28 -79.23
C1' DCT GA . 11.12 -28.75 -82.15
C2' DCT GA . 11.23 -29.17 -83.62
C3' DCT GA . 9.80 -29.28 -84.12
C4' DCT GA . 8.95 -29.31 -82.87
O4' DCT GA . 9.75 -28.79 -81.80
C5' DCT GA . 8.62 -30.78 -82.60
O5' DCT GA . 7.73 -30.97 -81.49
PA DCT GA . 6.63 -32.13 -81.65
O1A DCT GA . 5.49 -31.68 -82.46
O2A DCT GA . 6.13 -32.64 -80.20
O3A DCT GA . 7.47 -33.30 -82.39
PB DCT GA . 7.48 -33.51 -83.99
O1B DCT GA . 8.73 -32.93 -84.56
O2B DCT GA . 6.18 -32.93 -84.75
O3B DCT GA . 7.55 -35.11 -84.09
PG DCT GA . 6.32 -36.02 -83.57
O1G DCT GA . 6.27 -35.96 -82.09
O2G DCT GA . 4.92 -35.52 -84.18
O3G DCT GA . 6.63 -37.52 -84.03
C1 IPA HA . -10.37 -28.79 -83.06
C2 IPA HA . -9.98 -29.23 -81.65
C3 IPA HA . -10.59 -28.29 -80.61
O2 IPA HA . -10.45 -30.55 -81.44
C1 IPA IA . -14.73 -12.48 -87.99
C2 IPA IA . -14.48 -13.16 -89.31
C3 IPA IA . -13.22 -12.67 -89.93
O2 IPA IA . -14.26 -14.52 -88.99
C1 IPA JA . 14.64 -39.78 -66.97
C2 IPA JA . 14.10 -39.61 -68.38
C3 IPA JA . 12.58 -39.82 -68.38
O2 IPA JA . 14.52 -38.35 -68.91
#